data_2DIA
#
_entry.id   2DIA
#
_entity_poly.entity_id   1
_entity_poly.type   'polypeptide(L)'
_entity_poly.pdbx_seq_one_letter_code
;GSSGSSGPFDPSKVVASGPGLEHGKVGEAGLLSVDCSEAGPGALGLEAVSDSGTKAEVSIQNNKDGTYAVTYVPLTAGMY
TLTMKYGGELVPHFPARVKVEPAVDTSSGPSSG
;
_entity_poly.pdbx_strand_id   A
#
# COMPACT_ATOMS: atom_id res chain seq x y z
N GLY A 1 6.98 -33.47 -5.61
CA GLY A 1 6.82 -33.03 -6.99
C GLY A 1 6.25 -31.64 -7.08
N SER A 2 7.12 -30.66 -7.32
CA SER A 2 6.70 -29.27 -7.42
C SER A 2 6.67 -28.82 -8.88
N SER A 3 5.49 -28.84 -9.48
CA SER A 3 5.32 -28.44 -10.87
C SER A 3 4.67 -27.06 -10.97
N GLY A 4 5.48 -26.01 -10.84
CA GLY A 4 4.96 -24.67 -10.91
C GLY A 4 5.51 -23.89 -12.09
N SER A 5 4.67 -23.09 -12.72
CA SER A 5 5.08 -22.29 -13.88
C SER A 5 4.42 -20.92 -13.85
N SER A 6 5.11 -19.94 -14.42
CA SER A 6 4.58 -18.57 -14.48
C SER A 6 3.57 -18.42 -15.60
N GLY A 7 2.30 -18.32 -15.24
CA GLY A 7 1.25 -18.17 -16.22
C GLY A 7 1.21 -16.77 -16.81
N PRO A 8 0.08 -16.43 -17.46
CA PRO A 8 -0.11 -15.12 -18.08
C PRO A 8 -0.25 -14.00 -17.05
N PHE A 9 0.16 -12.79 -17.42
CA PHE A 9 0.08 -11.65 -16.52
C PHE A 9 -1.36 -11.16 -16.41
N ASP A 10 -1.69 -10.60 -15.24
CA ASP A 10 -3.03 -10.09 -15.00
C ASP A 10 -3.10 -9.35 -13.67
N PRO A 11 -3.44 -8.05 -13.74
CA PRO A 11 -3.55 -7.20 -12.55
C PRO A 11 -4.73 -7.57 -11.67
N SER A 12 -5.73 -8.19 -12.28
CA SER A 12 -6.93 -8.59 -11.55
C SER A 12 -6.62 -9.73 -10.58
N LYS A 13 -5.67 -10.58 -10.95
CA LYS A 13 -5.27 -11.70 -10.12
C LYS A 13 -4.63 -11.23 -8.82
N VAL A 14 -4.11 -10.00 -8.84
CA VAL A 14 -3.48 -9.42 -7.66
C VAL A 14 -4.51 -9.09 -6.59
N VAL A 15 -4.25 -9.53 -5.36
CA VAL A 15 -5.16 -9.28 -4.25
C VAL A 15 -4.48 -8.44 -3.18
N ALA A 16 -4.97 -7.21 -2.99
CA ALA A 16 -4.41 -6.31 -1.98
C ALA A 16 -5.40 -6.10 -0.84
N SER A 17 -4.90 -6.20 0.39
CA SER A 17 -5.73 -6.02 1.57
C SER A 17 -4.90 -5.57 2.76
N GLY A 18 -5.55 -5.40 3.90
CA GLY A 18 -4.85 -4.97 5.10
C GLY A 18 -5.55 -3.81 5.80
N PRO A 19 -5.06 -3.46 6.99
CA PRO A 19 -5.61 -2.37 7.78
C PRO A 19 -5.34 -1.00 7.16
N GLY A 20 -4.20 -0.87 6.50
CA GLY A 20 -3.83 0.38 5.87
C GLY A 20 -4.87 0.85 4.87
N LEU A 21 -5.54 -0.11 4.22
CA LEU A 21 -6.57 0.22 3.24
C LEU A 21 -7.90 0.52 3.92
N GLU A 22 -7.93 0.35 5.24
CA GLU A 22 -9.14 0.60 6.00
C GLU A 22 -9.05 1.94 6.74
N HIS A 23 -7.85 2.27 7.20
CA HIS A 23 -7.63 3.53 7.91
C HIS A 23 -6.14 3.76 8.17
N GLY A 24 -5.78 4.98 8.51
CA GLY A 24 -4.39 5.31 8.77
C GLY A 24 -4.23 6.41 9.80
N LYS A 25 -3.01 6.61 10.28
CA LYS A 25 -2.72 7.64 11.27
C LYS A 25 -1.38 8.32 10.98
N VAL A 26 -1.33 9.63 11.19
CA VAL A 26 -0.12 10.39 10.96
C VAL A 26 1.07 9.78 11.72
N GLY A 27 2.07 9.32 10.96
CA GLY A 27 3.24 8.72 11.57
C GLY A 27 3.17 7.21 11.58
N GLU A 28 1.96 6.67 11.59
CA GLU A 28 1.76 5.22 11.60
C GLU A 28 2.15 4.61 10.26
N ALA A 29 2.06 3.28 10.18
CA ALA A 29 2.40 2.57 8.95
C ALA A 29 1.21 1.76 8.45
N GLY A 30 0.80 2.01 7.21
CA GLY A 30 -0.32 1.29 6.63
C GLY A 30 0.06 -0.08 6.15
N LEU A 31 -0.21 -1.09 6.97
CA LEU A 31 0.11 -2.47 6.63
C LEU A 31 -0.71 -2.94 5.43
N LEU A 32 -0.03 -3.31 4.36
CA LEU A 32 -0.71 -3.79 3.15
C LEU A 32 -0.06 -5.07 2.62
N SER A 33 -0.88 -6.07 2.35
CA SER A 33 -0.40 -7.34 1.84
C SER A 33 -0.98 -7.64 0.47
N VAL A 34 -0.11 -7.91 -0.50
CA VAL A 34 -0.53 -8.22 -1.85
C VAL A 34 -0.27 -9.68 -2.19
N ASP A 35 -1.34 -10.46 -2.29
CA ASP A 35 -1.23 -11.88 -2.61
C ASP A 35 -1.45 -12.11 -4.11
N CYS A 36 -0.37 -12.46 -4.80
CA CYS A 36 -0.45 -12.71 -6.24
C CYS A 36 -0.55 -14.21 -6.52
N SER A 37 -1.56 -14.59 -7.30
CA SER A 37 -1.78 -15.99 -7.64
C SER A 37 -1.45 -16.24 -9.10
N GLU A 38 -2.26 -15.67 -9.99
CA GLU A 38 -2.06 -15.84 -11.43
C GLU A 38 -1.78 -14.50 -12.10
N ALA A 39 -1.26 -13.55 -11.33
CA ALA A 39 -0.95 -12.22 -11.83
C ALA A 39 0.28 -12.26 -12.74
N GLY A 40 0.87 -13.44 -12.88
CA GLY A 40 2.05 -13.59 -13.71
C GLY A 40 3.15 -12.62 -13.33
N PRO A 41 4.04 -12.32 -14.28
CA PRO A 41 5.16 -11.41 -14.07
C PRO A 41 4.70 -9.96 -13.91
N GLY A 42 5.66 -9.03 -13.98
CA GLY A 42 5.33 -7.63 -13.84
C GLY A 42 5.85 -7.04 -12.54
N ALA A 43 5.95 -5.71 -12.50
CA ALA A 43 6.44 -5.02 -11.31
C ALA A 43 5.30 -4.33 -10.56
N LEU A 44 5.36 -4.36 -9.24
CA LEU A 44 4.33 -3.74 -8.41
C LEU A 44 4.76 -2.35 -7.97
N GLY A 45 3.79 -1.46 -7.77
CA GLY A 45 4.09 -0.11 -7.34
C GLY A 45 2.87 0.59 -6.77
N LEU A 46 3.11 1.49 -5.82
CA LEU A 46 2.03 2.24 -5.18
C LEU A 46 2.39 3.71 -5.06
N GLU A 47 1.37 4.57 -5.11
CA GLU A 47 1.57 6.01 -5.01
C GLU A 47 0.58 6.63 -4.05
N ALA A 48 1.07 7.13 -2.92
CA ALA A 48 0.21 7.74 -1.92
C ALA A 48 0.21 9.26 -2.05
N VAL A 49 -0.98 9.83 -2.17
CA VAL A 49 -1.12 11.28 -2.31
C VAL A 49 -2.36 11.79 -1.59
N SER A 50 -2.18 12.80 -0.73
CA SER A 50 -3.28 13.37 0.02
C SER A 50 -3.98 14.46 -0.78
N ASP A 51 -5.23 14.73 -0.43
CA ASP A 51 -6.02 15.74 -1.12
C ASP A 51 -5.22 17.03 -1.28
N SER A 52 -4.30 17.28 -0.35
CA SER A 52 -3.47 18.48 -0.39
C SER A 52 -2.17 18.21 -1.15
N GLY A 53 -2.22 17.25 -2.07
CA GLY A 53 -1.04 16.91 -2.85
C GLY A 53 0.17 16.63 -1.98
N THR A 54 0.03 15.66 -1.08
CA THR A 54 1.12 15.29 -0.17
C THR A 54 1.59 13.87 -0.44
N LYS A 55 2.82 13.74 -0.93
CA LYS A 55 3.40 12.44 -1.23
C LYS A 55 3.89 11.76 0.04
N ALA A 56 3.25 10.65 0.40
CA ALA A 56 3.63 9.91 1.59
C ALA A 56 4.70 8.87 1.28
N GLU A 57 5.54 8.57 2.27
CA GLU A 57 6.61 7.61 2.11
C GLU A 57 6.05 6.20 1.92
N VAL A 58 6.40 5.56 0.81
CA VAL A 58 5.94 4.21 0.52
C VAL A 58 7.10 3.29 0.19
N SER A 59 6.99 2.02 0.59
CA SER A 59 8.03 1.04 0.34
C SER A 59 7.42 -0.31 -0.02
N ILE A 60 8.14 -1.07 -0.85
CA ILE A 60 7.66 -2.39 -1.28
C ILE A 60 8.71 -3.46 -0.97
N GLN A 61 8.26 -4.52 -0.28
CA GLN A 61 9.15 -5.61 0.08
C GLN A 61 8.59 -6.95 -0.40
N ASN A 62 9.48 -7.83 -0.84
CA ASN A 62 9.07 -9.15 -1.33
C ASN A 62 9.12 -10.18 -0.20
N ASN A 63 8.37 -11.27 -0.38
CA ASN A 63 8.32 -12.33 0.62
C ASN A 63 8.47 -13.70 -0.03
N LYS A 64 8.96 -14.67 0.74
CA LYS A 64 9.15 -16.02 0.24
C LYS A 64 7.81 -16.66 -0.12
N ASP A 65 6.72 -16.02 0.30
CA ASP A 65 5.39 -16.53 0.03
C ASP A 65 4.87 -15.99 -1.29
N GLY A 66 5.70 -15.24 -2.00
CA GLY A 66 5.30 -14.67 -3.27
C GLY A 66 4.42 -13.44 -3.11
N THR A 67 4.40 -12.89 -1.90
CA THR A 67 3.59 -11.71 -1.61
C THR A 67 4.45 -10.46 -1.48
N TYR A 68 3.80 -9.31 -1.34
CA TYR A 68 4.51 -8.04 -1.22
C TYR A 68 4.00 -7.26 0.00
N ALA A 69 4.94 -6.75 0.79
CA ALA A 69 4.59 -5.97 1.98
C ALA A 69 4.67 -4.47 1.70
N VAL A 70 3.53 -3.88 1.35
CA VAL A 70 3.47 -2.45 1.05
C VAL A 70 3.07 -1.66 2.29
N THR A 71 3.82 -0.60 2.58
CA THR A 71 3.56 0.25 3.73
C THR A 71 3.63 1.72 3.36
N TYR A 72 2.85 2.54 4.06
CA TYR A 72 2.83 3.98 3.80
C TYR A 72 2.72 4.76 5.11
N VAL A 73 3.60 5.74 5.27
CA VAL A 73 3.61 6.57 6.47
C VAL A 73 3.13 7.99 6.16
N PRO A 74 1.87 8.28 6.49
CA PRO A 74 1.28 9.59 6.26
C PRO A 74 1.86 10.66 7.18
N LEU A 75 2.56 11.63 6.58
CA LEU A 75 3.16 12.71 7.34
C LEU A 75 2.11 13.67 7.88
N THR A 76 1.03 13.85 7.11
CA THR A 76 -0.05 14.73 7.50
C THR A 76 -1.39 14.04 7.39
N ALA A 77 -2.27 14.28 8.36
CA ALA A 77 -3.59 13.67 8.37
C ALA A 77 -4.46 14.22 7.25
N GLY A 78 -5.49 13.47 6.86
CA GLY A 78 -6.36 13.90 5.80
C GLY A 78 -6.71 12.78 4.84
N MET A 79 -7.60 13.06 3.89
CA MET A 79 -8.02 12.06 2.91
C MET A 79 -6.86 11.70 1.98
N TYR A 80 -6.52 10.43 1.93
CA TYR A 80 -5.43 9.95 1.09
C TYR A 80 -5.97 9.18 -0.11
N THR A 81 -5.21 9.18 -1.20
CA THR A 81 -5.61 8.47 -2.42
C THR A 81 -4.58 7.42 -2.80
N LEU A 82 -4.80 6.19 -2.36
CA LEU A 82 -3.89 5.08 -2.66
C LEU A 82 -3.99 4.69 -4.12
N THR A 83 -2.84 4.61 -4.80
CA THR A 83 -2.80 4.25 -6.21
C THR A 83 -1.82 3.10 -6.44
N MET A 84 -2.36 1.90 -6.64
CA MET A 84 -1.53 0.72 -6.89
C MET A 84 -1.58 0.32 -8.35
N LYS A 85 -0.45 -0.16 -8.87
CA LYS A 85 -0.36 -0.59 -10.26
C LYS A 85 0.55 -1.80 -10.41
N TYR A 86 0.02 -2.85 -11.02
CA TYR A 86 0.78 -4.08 -11.21
C TYR A 86 1.04 -4.33 -12.70
N GLY A 87 2.31 -4.26 -13.09
CA GLY A 87 2.67 -4.48 -14.48
C GLY A 87 2.19 -3.37 -15.38
N GLY A 88 1.94 -2.20 -14.80
CA GLY A 88 1.47 -1.06 -15.58
C GLY A 88 -0.03 -1.01 -15.69
N GLU A 89 -0.71 -1.88 -14.94
CA GLU A 89 -2.17 -1.92 -14.96
C GLU A 89 -2.73 -1.81 -13.55
N LEU A 90 -3.73 -0.94 -13.38
CA LEU A 90 -4.35 -0.73 -12.08
C LEU A 90 -4.93 -2.04 -11.54
N VAL A 91 -4.96 -2.15 -10.22
CA VAL A 91 -5.50 -3.34 -9.58
C VAL A 91 -6.94 -3.13 -9.14
N PRO A 92 -7.66 -4.24 -8.90
CA PRO A 92 -9.06 -4.21 -8.47
C PRO A 92 -9.21 -3.69 -7.04
N HIS A 93 -8.11 -3.30 -6.44
CA HIS A 93 -8.11 -2.78 -5.07
C HIS A 93 -7.59 -1.35 -5.03
N PHE A 94 -7.60 -0.68 -6.18
CA PHE A 94 -7.12 0.69 -6.27
C PHE A 94 -7.68 1.38 -7.51
N PRO A 95 -7.81 2.72 -7.43
CA PRO A 95 -7.44 3.48 -6.24
C PRO A 95 -8.40 3.23 -5.08
N ALA A 96 -7.91 3.43 -3.86
CA ALA A 96 -8.71 3.22 -2.67
C ALA A 96 -8.53 4.37 -1.68
N ARG A 97 -9.60 5.12 -1.43
CA ARG A 97 -9.56 6.25 -0.51
C ARG A 97 -9.58 5.76 0.94
N VAL A 98 -8.82 6.42 1.79
CA VAL A 98 -8.75 6.06 3.20
C VAL A 98 -8.57 7.29 4.07
N LYS A 99 -9.44 7.44 5.07
CA LYS A 99 -9.38 8.58 5.97
C LYS A 99 -8.34 8.34 7.08
N VAL A 100 -7.40 9.26 7.19
CA VAL A 100 -6.34 9.15 8.20
C VAL A 100 -6.54 10.18 9.31
N GLU A 101 -6.45 9.72 10.56
CA GLU A 101 -6.62 10.60 11.71
C GLU A 101 -5.28 11.16 12.16
N PRO A 102 -5.33 12.28 12.91
CA PRO A 102 -4.12 12.94 13.42
C PRO A 102 -3.44 12.12 14.51
N ALA A 103 -2.16 12.42 14.75
CA ALA A 103 -1.40 11.72 15.77
C ALA A 103 -1.38 12.49 17.08
N VAL A 104 -2.53 13.09 17.42
CA VAL A 104 -2.65 13.85 18.65
C VAL A 104 -2.96 12.95 19.83
N ASP A 105 -2.16 13.07 20.89
CA ASP A 105 -2.34 12.27 22.09
C ASP A 105 -2.75 13.13 23.28
N THR A 106 -3.81 12.72 23.96
CA THR A 106 -4.31 13.46 25.12
C THR A 106 -3.28 13.48 26.24
N SER A 107 -2.76 12.31 26.59
CA SER A 107 -1.77 12.19 27.65
C SER A 107 -0.36 12.34 27.09
N SER A 108 0.53 12.93 27.89
CA SER A 108 1.92 13.13 27.48
C SER A 108 2.85 12.18 28.22
N GLY A 109 4.09 12.10 27.75
CA GLY A 109 5.07 11.22 28.37
C GLY A 109 6.49 11.67 28.13
N PRO A 110 7.44 10.73 28.27
CA PRO A 110 8.86 11.02 28.06
C PRO A 110 9.21 11.28 26.60
N SER A 111 9.47 12.54 26.28
CA SER A 111 9.80 12.93 24.91
C SER A 111 11.30 12.89 24.69
N SER A 112 11.73 12.09 23.70
CA SER A 112 13.14 11.95 23.38
C SER A 112 13.80 13.33 23.25
N GLY A 113 13.14 14.23 22.54
CA GLY A 113 13.67 15.56 22.35
C GLY A 113 15.03 15.55 21.67
N GLY A 1 12.56 -20.32 -1.73
CA GLY A 1 12.50 -20.35 -3.18
C GLY A 1 11.81 -21.60 -3.70
N SER A 2 10.74 -21.41 -4.46
CA SER A 2 10.00 -22.53 -5.03
C SER A 2 9.49 -22.20 -6.42
N SER A 3 9.29 -23.24 -7.23
CA SER A 3 8.82 -23.06 -8.60
C SER A 3 7.41 -22.51 -8.62
N GLY A 4 7.26 -21.27 -9.07
CA GLY A 4 5.96 -20.63 -9.13
C GLY A 4 5.98 -19.30 -9.85
N SER A 5 4.94 -18.50 -9.66
CA SER A 5 4.84 -17.20 -10.29
C SER A 5 4.93 -17.32 -11.81
N SER A 6 4.24 -18.31 -12.36
CA SER A 6 4.24 -18.55 -13.79
C SER A 6 2.85 -18.34 -14.38
N GLY A 7 2.78 -18.22 -15.70
CA GLY A 7 1.50 -18.01 -16.36
C GLY A 7 1.36 -16.61 -16.93
N PRO A 8 0.19 -16.33 -17.53
CA PRO A 8 -0.09 -15.02 -18.12
C PRO A 8 -0.25 -13.92 -17.08
N PHE A 9 0.16 -12.71 -17.43
CA PHE A 9 0.06 -11.57 -16.52
C PHE A 9 -1.38 -11.10 -16.40
N ASP A 10 -1.74 -10.61 -15.21
CA ASP A 10 -3.09 -10.12 -14.98
C ASP A 10 -3.18 -9.41 -13.63
N PRO A 11 -3.52 -8.11 -13.65
CA PRO A 11 -3.65 -7.29 -12.45
C PRO A 11 -4.84 -7.69 -11.59
N SER A 12 -5.89 -8.18 -12.25
CA SER A 12 -7.10 -8.60 -11.55
C SER A 12 -6.80 -9.74 -10.58
N LYS A 13 -5.89 -10.62 -10.96
CA LYS A 13 -5.50 -11.74 -10.14
C LYS A 13 -4.83 -11.28 -8.85
N VAL A 14 -4.26 -10.08 -8.89
CA VAL A 14 -3.59 -9.51 -7.72
C VAL A 14 -4.59 -9.14 -6.64
N VAL A 15 -4.28 -9.55 -5.41
CA VAL A 15 -5.16 -9.26 -4.28
C VAL A 15 -4.44 -8.43 -3.23
N ALA A 16 -5.03 -7.29 -2.87
CA ALA A 16 -4.44 -6.40 -1.88
C ALA A 16 -5.42 -6.13 -0.73
N SER A 17 -4.93 -6.23 0.50
CA SER A 17 -5.76 -6.00 1.67
C SER A 17 -4.92 -5.53 2.86
N GLY A 18 -5.58 -5.33 3.99
CA GLY A 18 -4.86 -4.88 5.18
C GLY A 18 -5.57 -3.73 5.88
N PRO A 19 -5.07 -3.36 7.06
CA PRO A 19 -5.63 -2.27 7.85
C PRO A 19 -5.40 -0.90 7.20
N GLY A 20 -4.28 -0.77 6.50
CA GLY A 20 -3.95 0.48 5.85
C GLY A 20 -5.01 0.91 4.85
N LEU A 21 -5.63 -0.07 4.20
CA LEU A 21 -6.66 0.22 3.21
C LEU A 21 -7.99 0.49 3.88
N GLU A 22 -8.02 0.39 5.20
CA GLU A 22 -9.23 0.64 5.97
C GLU A 22 -9.13 1.97 6.72
N HIS A 23 -7.95 2.27 7.23
CA HIS A 23 -7.73 3.50 7.98
C HIS A 23 -6.24 3.77 8.16
N GLY A 24 -5.91 4.98 8.62
CA GLY A 24 -4.51 5.34 8.82
C GLY A 24 -4.34 6.37 9.91
N LYS A 25 -3.09 6.63 10.29
CA LYS A 25 -2.79 7.60 11.33
C LYS A 25 -1.50 8.36 11.01
N VAL A 26 -1.54 9.67 11.19
CA VAL A 26 -0.38 10.52 10.92
C VAL A 26 0.86 9.99 11.65
N GLY A 27 1.81 9.45 10.87
CA GLY A 27 3.03 8.92 11.46
C GLY A 27 3.03 7.41 11.50
N GLU A 28 1.84 6.81 11.56
CA GLU A 28 1.71 5.36 11.62
C GLU A 28 2.11 4.73 10.30
N ALA A 29 2.05 3.40 10.23
CA ALA A 29 2.40 2.68 9.01
C ALA A 29 1.24 1.82 8.53
N GLY A 30 0.79 2.06 7.30
CA GLY A 30 -0.31 1.30 6.74
C GLY A 30 0.11 -0.06 6.25
N LEU A 31 -0.21 -1.09 7.03
CA LEU A 31 0.14 -2.46 6.67
C LEU A 31 -0.66 -2.93 5.46
N LEU A 32 0.05 -3.39 4.43
CA LEU A 32 -0.59 -3.86 3.22
C LEU A 32 0.12 -5.11 2.68
N SER A 33 -0.66 -6.14 2.37
CA SER A 33 -0.10 -7.39 1.86
C SER A 33 -0.71 -7.73 0.50
N VAL A 34 0.15 -7.95 -0.49
CA VAL A 34 -0.31 -8.28 -1.83
C VAL A 34 -0.05 -9.75 -2.15
N ASP A 35 -1.11 -10.50 -2.41
CA ASP A 35 -1.00 -11.92 -2.72
C ASP A 35 -1.23 -12.16 -4.21
N CYS A 36 -0.14 -12.38 -4.93
CA CYS A 36 -0.22 -12.63 -6.37
C CYS A 36 -0.30 -14.13 -6.67
N SER A 37 -1.43 -14.56 -7.20
CA SER A 37 -1.63 -15.96 -7.53
C SER A 37 -1.30 -16.25 -8.99
N GLU A 38 -2.14 -15.74 -9.89
CA GLU A 38 -1.94 -15.94 -11.31
C GLU A 38 -1.77 -14.60 -12.03
N ALA A 39 -1.30 -13.59 -11.28
CA ALA A 39 -1.09 -12.26 -11.84
C ALA A 39 0.12 -12.24 -12.75
N GLY A 40 0.82 -13.37 -12.83
CA GLY A 40 1.99 -13.46 -13.67
C GLY A 40 3.07 -12.47 -13.28
N PRO A 41 3.96 -12.14 -14.23
CA PRO A 41 5.05 -11.18 -13.99
C PRO A 41 4.56 -9.76 -13.82
N GLY A 42 5.47 -8.80 -13.94
CA GLY A 42 5.10 -7.40 -13.79
C GLY A 42 5.59 -6.80 -12.49
N ALA A 43 6.04 -5.55 -12.54
CA ALA A 43 6.54 -4.87 -11.35
C ALA A 43 5.41 -4.15 -10.62
N LEU A 44 5.37 -4.33 -9.30
CA LEU A 44 4.33 -3.70 -8.49
C LEU A 44 4.78 -2.33 -8.00
N GLY A 45 3.83 -1.41 -7.83
CA GLY A 45 4.15 -0.07 -7.37
C GLY A 45 2.93 0.67 -6.85
N LEU A 46 3.05 1.22 -5.65
CA LEU A 46 1.94 1.96 -5.05
C LEU A 46 2.33 3.43 -4.82
N GLU A 47 1.37 4.32 -5.01
CA GLU A 47 1.60 5.74 -4.82
C GLU A 47 0.59 6.35 -3.87
N ALA A 48 1.08 6.90 -2.76
CA ALA A 48 0.21 7.51 -1.75
C ALA A 48 0.31 9.03 -1.79
N VAL A 49 -0.82 9.69 -2.00
CA VAL A 49 -0.87 11.14 -2.06
C VAL A 49 -2.09 11.70 -1.33
N SER A 50 -1.85 12.64 -0.43
CA SER A 50 -2.93 13.25 0.34
C SER A 50 -3.57 14.39 -0.43
N ASP A 51 -4.79 14.76 -0.04
CA ASP A 51 -5.51 15.85 -0.70
C ASP A 51 -4.60 17.06 -0.91
N SER A 52 -3.54 17.13 -0.10
CA SER A 52 -2.60 18.24 -0.19
C SER A 52 -1.45 17.90 -1.14
N GLY A 53 -1.73 17.00 -2.09
CA GLY A 53 -0.70 16.61 -3.05
C GLY A 53 0.65 16.39 -2.41
N THR A 54 0.70 15.49 -1.44
CA THR A 54 1.94 15.18 -0.73
C THR A 54 2.26 13.69 -0.80
N LYS A 55 3.31 13.36 -1.55
CA LYS A 55 3.72 11.97 -1.70
C LYS A 55 4.22 11.40 -0.38
N ALA A 56 3.56 10.35 0.10
CA ALA A 56 3.95 9.70 1.35
C ALA A 56 5.03 8.66 1.13
N GLU A 57 5.88 8.47 2.14
CA GLU A 57 6.96 7.50 2.05
C GLU A 57 6.41 6.09 1.90
N VAL A 58 6.60 5.50 0.71
CA VAL A 58 6.12 4.16 0.44
C VAL A 58 7.28 3.21 0.16
N SER A 59 7.14 1.96 0.62
CA SER A 59 8.18 0.96 0.41
C SER A 59 7.58 -0.38 -0.01
N ILE A 60 8.31 -1.12 -0.83
CA ILE A 60 7.85 -2.42 -1.30
C ILE A 60 8.88 -3.51 -1.03
N GLN A 61 8.47 -4.55 -0.32
CA GLN A 61 9.35 -5.65 0.00
C GLN A 61 8.76 -6.98 -0.47
N ASN A 62 9.64 -7.95 -0.71
CA ASN A 62 9.21 -9.28 -1.16
C ASN A 62 9.23 -10.29 -0.02
N ASN A 63 8.48 -11.37 -0.18
CA ASN A 63 8.43 -12.41 0.84
C ASN A 63 8.44 -13.80 0.21
N LYS A 64 8.86 -14.79 0.98
CA LYS A 64 8.93 -16.17 0.49
C LYS A 64 7.55 -16.64 0.03
N ASP A 65 6.50 -16.05 0.60
CA ASP A 65 5.13 -16.41 0.26
C ASP A 65 4.67 -15.67 -1.00
N GLY A 66 5.58 -15.52 -1.96
CA GLY A 66 5.24 -14.82 -3.19
C GLY A 66 4.37 -13.61 -2.95
N THR A 67 4.52 -12.99 -1.79
CA THR A 67 3.74 -11.82 -1.43
C THR A 67 4.63 -10.59 -1.28
N TYR A 68 4.01 -9.42 -1.31
CA TYR A 68 4.74 -8.17 -1.17
C TYR A 68 4.27 -7.39 0.06
N ALA A 69 5.23 -6.87 0.82
CA ALA A 69 4.91 -6.11 2.02
C ALA A 69 4.95 -4.61 1.74
N VAL A 70 3.79 -4.04 1.43
CA VAL A 70 3.68 -2.62 1.14
C VAL A 70 3.29 -1.83 2.38
N THR A 71 3.92 -0.67 2.56
CA THR A 71 3.62 0.18 3.71
C THR A 71 3.71 1.66 3.34
N TYR A 72 2.90 2.47 4.02
CA TYR A 72 2.89 3.91 3.75
C TYR A 72 2.75 4.70 5.05
N VAL A 73 3.59 5.71 5.20
CA VAL A 73 3.57 6.56 6.40
C VAL A 73 3.10 7.96 6.08
N PRO A 74 1.84 8.25 6.43
CA PRO A 74 1.23 9.56 6.17
C PRO A 74 1.83 10.65 7.06
N LEU A 75 2.18 11.78 6.46
CA LEU A 75 2.77 12.90 7.18
C LEU A 75 1.69 13.85 7.68
N THR A 76 0.65 14.02 6.86
CA THR A 76 -0.45 14.91 7.22
C THR A 76 -1.78 14.18 7.20
N ALA A 77 -2.54 14.31 8.29
CA ALA A 77 -3.83 13.65 8.40
C ALA A 77 -4.81 14.18 7.36
N GLY A 78 -5.73 13.31 6.93
CA GLY A 78 -6.72 13.70 5.94
C GLY A 78 -7.01 12.60 4.95
N MET A 79 -7.79 12.91 3.92
CA MET A 79 -8.14 11.94 2.90
C MET A 79 -6.96 11.64 2.00
N TYR A 80 -6.59 10.37 1.92
CA TYR A 80 -5.46 9.95 1.09
C TYR A 80 -5.95 9.19 -0.14
N THR A 81 -5.15 9.23 -1.21
CA THR A 81 -5.50 8.55 -2.44
C THR A 81 -4.45 7.51 -2.82
N LEU A 82 -4.76 6.25 -2.57
CA LEU A 82 -3.84 5.16 -2.88
C LEU A 82 -3.90 4.79 -4.35
N THR A 83 -2.73 4.58 -4.96
CA THR A 83 -2.66 4.22 -6.38
C THR A 83 -1.70 3.06 -6.60
N MET A 84 -2.26 1.87 -6.78
CA MET A 84 -1.45 0.68 -7.01
C MET A 84 -1.59 0.19 -8.45
N LYS A 85 -0.47 0.07 -9.14
CA LYS A 85 -0.46 -0.40 -10.52
C LYS A 85 0.45 -1.60 -10.69
N TYR A 86 -0.13 -2.72 -11.13
CA TYR A 86 0.63 -3.95 -11.34
C TYR A 86 0.87 -4.20 -12.83
N GLY A 87 2.11 -4.03 -13.25
CA GLY A 87 2.45 -4.23 -14.65
C GLY A 87 1.85 -3.19 -15.56
N GLY A 88 1.76 -1.96 -15.06
CA GLY A 88 1.20 -0.87 -15.85
C GLY A 88 -0.31 -0.89 -15.87
N GLU A 89 -0.91 -1.86 -15.17
CA GLU A 89 -2.35 -1.98 -15.11
C GLU A 89 -2.85 -1.82 -13.66
N LEU A 90 -3.85 -0.96 -13.49
CA LEU A 90 -4.42 -0.72 -12.17
C LEU A 90 -5.06 -1.99 -11.61
N VAL A 91 -5.03 -2.13 -10.28
CA VAL A 91 -5.61 -3.29 -9.63
C VAL A 91 -7.05 -3.01 -9.20
N PRO A 92 -7.82 -4.08 -8.96
CA PRO A 92 -9.22 -3.99 -8.54
C PRO A 92 -9.36 -3.46 -7.13
N HIS A 93 -8.24 -3.09 -6.52
CA HIS A 93 -8.24 -2.56 -5.16
C HIS A 93 -7.69 -1.14 -5.12
N PHE A 94 -7.61 -0.52 -6.29
CA PHE A 94 -7.10 0.85 -6.39
C PHE A 94 -7.66 1.55 -7.64
N PRO A 95 -7.76 2.88 -7.58
CA PRO A 95 -7.36 3.64 -6.38
C PRO A 95 -8.31 3.42 -5.20
N ALA A 96 -7.80 3.62 -4.00
CA ALA A 96 -8.60 3.44 -2.79
C ALA A 96 -8.35 4.57 -1.79
N ARG A 97 -9.43 5.21 -1.36
CA ARG A 97 -9.32 6.32 -0.42
C ARG A 97 -9.44 5.81 1.02
N VAL A 98 -8.63 6.37 1.91
CA VAL A 98 -8.64 5.98 3.32
C VAL A 98 -8.49 7.19 4.23
N LYS A 99 -9.38 7.29 5.22
CA LYS A 99 -9.36 8.40 6.16
C LYS A 99 -8.26 8.20 7.21
N VAL A 100 -7.40 9.21 7.36
CA VAL A 100 -6.31 9.14 8.32
C VAL A 100 -6.51 10.15 9.44
N GLU A 101 -6.55 9.65 10.68
CA GLU A 101 -6.74 10.51 11.84
C GLU A 101 -5.41 11.10 12.30
N PRO A 102 -5.49 12.23 13.03
CA PRO A 102 -4.30 12.92 13.54
C PRO A 102 -3.61 12.14 14.65
N ALA A 103 -2.31 12.34 14.79
CA ALA A 103 -1.53 11.66 15.81
C ALA A 103 -1.61 12.39 17.14
N VAL A 104 -2.80 12.89 17.47
CA VAL A 104 -3.02 13.62 18.72
C VAL A 104 -2.62 12.76 19.92
N ASP A 105 -1.74 13.31 20.75
CA ASP A 105 -1.27 12.61 21.94
C ASP A 105 -1.09 13.57 23.11
N THR A 106 -0.93 13.01 24.31
CA THR A 106 -0.75 13.83 25.51
C THR A 106 0.16 15.02 25.23
N SER A 107 1.36 14.74 24.73
CA SER A 107 2.32 15.79 24.42
C SER A 107 2.63 15.83 22.93
N SER A 108 2.16 16.87 22.26
CA SER A 108 2.38 17.03 20.83
C SER A 108 3.85 17.31 20.53
N GLY A 109 4.35 18.42 21.08
CA GLY A 109 5.73 18.79 20.86
C GLY A 109 6.57 18.68 22.12
N PRO A 110 7.90 18.72 21.97
CA PRO A 110 8.83 18.63 23.09
C PRO A 110 8.79 19.86 23.99
N SER A 111 8.95 19.65 25.30
CA SER A 111 8.93 20.74 26.25
C SER A 111 10.34 21.05 26.75
N SER A 112 11.01 20.03 27.28
CA SER A 112 12.36 20.20 27.80
C SER A 112 13.36 20.44 26.67
N GLY A 113 13.73 21.70 26.48
CA GLY A 113 14.67 22.04 25.42
C GLY A 113 14.02 22.08 24.06
N GLY A 1 7.35 -33.81 -15.74
CA GLY A 1 8.33 -33.41 -16.73
C GLY A 1 9.12 -32.19 -16.30
N SER A 2 9.50 -31.36 -17.27
CA SER A 2 10.27 -30.15 -16.98
C SER A 2 9.41 -29.11 -16.29
N SER A 3 9.93 -28.53 -15.21
CA SER A 3 9.21 -27.51 -14.46
C SER A 3 9.41 -26.14 -15.08
N GLY A 4 8.65 -25.16 -14.60
CA GLY A 4 8.75 -23.81 -15.11
C GLY A 4 7.58 -23.44 -15.99
N SER A 5 6.53 -22.87 -15.39
CA SER A 5 5.35 -22.47 -16.13
C SER A 5 4.59 -21.37 -15.39
N SER A 6 3.79 -20.60 -16.12
CA SER A 6 3.01 -19.52 -15.53
C SER A 6 1.98 -18.99 -16.53
N GLY A 7 0.81 -18.63 -16.01
CA GLY A 7 -0.25 -18.12 -16.86
C GLY A 7 0.02 -16.70 -17.33
N PRO A 8 -0.94 -16.12 -18.07
CA PRO A 8 -0.83 -14.76 -18.59
C PRO A 8 -0.91 -13.70 -17.49
N PHE A 9 -0.26 -12.56 -17.73
CA PHE A 9 -0.26 -11.48 -16.76
C PHE A 9 -1.66 -10.91 -16.57
N ASP A 10 -2.01 -10.61 -15.32
CA ASP A 10 -3.32 -10.05 -15.01
C ASP A 10 -3.31 -9.41 -13.63
N PRO A 11 -3.52 -8.07 -13.60
CA PRO A 11 -3.55 -7.30 -12.36
C PRO A 11 -4.77 -7.61 -11.51
N SER A 12 -5.81 -8.15 -12.14
CA SER A 12 -7.05 -8.49 -11.45
C SER A 12 -6.82 -9.62 -10.45
N LYS A 13 -5.92 -10.54 -10.82
CA LYS A 13 -5.60 -11.68 -9.95
C LYS A 13 -4.98 -11.21 -8.64
N VAL A 14 -4.40 -10.01 -8.66
CA VAL A 14 -3.77 -9.45 -7.48
C VAL A 14 -4.81 -9.02 -6.45
N VAL A 15 -4.64 -9.48 -5.21
CA VAL A 15 -5.56 -9.14 -4.13
C VAL A 15 -4.83 -8.44 -3.00
N ALA A 16 -5.09 -7.15 -2.83
CA ALA A 16 -4.47 -6.37 -1.76
C ALA A 16 -5.42 -6.18 -0.59
N SER A 17 -4.89 -6.35 0.63
CA SER A 17 -5.71 -6.20 1.83
C SER A 17 -4.87 -5.62 2.97
N GLY A 18 -5.51 -5.41 4.12
CA GLY A 18 -4.82 -4.88 5.27
C GLY A 18 -5.55 -3.70 5.89
N PRO A 19 -5.14 -3.31 7.11
CA PRO A 19 -5.75 -2.20 7.83
C PRO A 19 -5.45 -0.85 7.19
N GLY A 20 -4.33 -0.77 6.48
CA GLY A 20 -3.96 0.47 5.82
C GLY A 20 -4.95 0.88 4.75
N LEU A 21 -5.60 -0.11 4.15
CA LEU A 21 -6.59 0.16 3.10
C LEU A 21 -7.95 0.48 3.71
N GLU A 22 -8.01 0.55 5.03
CA GLU A 22 -9.25 0.84 5.72
C GLU A 22 -9.16 2.17 6.47
N HIS A 23 -7.98 2.45 7.02
CA HIS A 23 -7.75 3.68 7.76
C HIS A 23 -6.27 3.89 8.02
N GLY A 24 -5.90 5.11 8.40
CA GLY A 24 -4.51 5.42 8.67
C GLY A 24 -4.35 6.53 9.69
N LYS A 25 -3.12 6.74 10.16
CA LYS A 25 -2.84 7.77 11.14
C LYS A 25 -1.51 8.46 10.84
N VAL A 26 -1.50 9.79 10.95
CA VAL A 26 -0.30 10.57 10.69
C VAL A 26 0.88 10.05 11.50
N GLY A 27 1.85 9.47 10.80
CA GLY A 27 3.02 8.93 11.47
C GLY A 27 3.01 7.43 11.56
N GLU A 28 1.81 6.85 11.56
CA GLU A 28 1.66 5.40 11.64
C GLU A 28 2.03 4.74 10.32
N ALA A 29 1.89 3.41 10.26
CA ALA A 29 2.20 2.67 9.05
C ALA A 29 1.03 1.81 8.61
N GLY A 30 0.56 2.04 7.39
CA GLY A 30 -0.56 1.28 6.87
C GLY A 30 -0.14 -0.10 6.37
N LEU A 31 -0.40 -1.12 7.18
CA LEU A 31 -0.05 -2.49 6.81
C LEU A 31 -0.84 -2.94 5.58
N LEU A 32 -0.11 -3.30 4.53
CA LEU A 32 -0.73 -3.75 3.30
C LEU A 32 -0.08 -5.05 2.80
N SER A 33 -0.91 -6.00 2.39
CA SER A 33 -0.43 -7.28 1.89
C SER A 33 -0.90 -7.53 0.46
N VAL A 34 -0.01 -8.06 -0.36
CA VAL A 34 -0.33 -8.36 -1.75
C VAL A 34 -0.14 -9.83 -2.07
N ASP A 35 -1.22 -10.51 -2.43
CA ASP A 35 -1.16 -11.93 -2.75
C ASP A 35 -1.26 -12.14 -4.26
N CYS A 36 -0.17 -12.59 -4.87
CA CYS A 36 -0.13 -12.84 -6.29
C CYS A 36 -0.22 -14.33 -6.60
N SER A 37 -1.31 -14.74 -7.22
CA SER A 37 -1.52 -16.15 -7.56
C SER A 37 -1.30 -16.38 -9.05
N GLU A 38 -2.17 -15.80 -9.87
CA GLU A 38 -2.07 -15.94 -11.32
C GLU A 38 -1.91 -14.57 -11.99
N ALA A 39 -1.36 -13.62 -11.25
CA ALA A 39 -1.14 -12.28 -11.78
C ALA A 39 0.00 -12.26 -12.79
N GLY A 40 0.69 -13.39 -12.91
CA GLY A 40 1.80 -13.49 -13.84
C GLY A 40 2.95 -12.56 -13.47
N PRO A 41 3.77 -12.22 -14.47
CA PRO A 41 4.93 -11.34 -14.28
C PRO A 41 4.52 -9.90 -13.98
N GLY A 42 5.49 -8.99 -14.04
CA GLY A 42 5.20 -7.59 -13.78
C GLY A 42 5.61 -7.16 -12.39
N ALA A 43 6.09 -5.93 -12.26
CA ALA A 43 6.52 -5.40 -10.98
C ALA A 43 5.35 -4.74 -10.24
N LEU A 44 5.44 -4.70 -8.92
CA LEU A 44 4.39 -4.10 -8.10
C LEU A 44 4.83 -2.75 -7.56
N GLY A 45 3.96 -1.75 -7.66
CA GLY A 45 4.28 -0.43 -7.18
C GLY A 45 3.05 0.35 -6.75
N LEU A 46 3.10 0.92 -5.55
CA LEU A 46 1.98 1.69 -5.02
C LEU A 46 2.38 3.14 -4.79
N GLU A 47 1.42 4.05 -4.98
CA GLU A 47 1.67 5.47 -4.78
C GLU A 47 0.63 6.10 -3.85
N ALA A 48 1.09 6.56 -2.69
CA ALA A 48 0.20 7.16 -1.71
C ALA A 48 0.40 8.68 -1.65
N VAL A 49 -0.65 9.42 -1.96
CA VAL A 49 -0.57 10.89 -1.95
C VAL A 49 -1.85 11.49 -1.36
N SER A 50 -1.69 12.42 -0.43
CA SER A 50 -2.83 13.07 0.21
C SER A 50 -3.38 14.18 -0.67
N ASP A 51 -4.56 14.68 -0.32
CA ASP A 51 -5.20 15.74 -1.07
C ASP A 51 -4.30 16.97 -1.17
N SER A 52 -3.33 17.04 -0.27
CA SER A 52 -2.40 18.16 -0.23
C SER A 52 -1.38 18.06 -1.37
N GLY A 53 -1.28 16.88 -1.97
CA GLY A 53 -0.35 16.66 -3.05
C GLY A 53 0.99 16.13 -2.58
N THR A 54 1.10 15.90 -1.27
CA THR A 54 2.34 15.39 -0.69
C THR A 54 2.32 13.87 -0.59
N LYS A 55 3.16 13.23 -1.39
CA LYS A 55 3.24 11.77 -1.40
C LYS A 55 3.86 11.25 -0.10
N ALA A 56 3.26 10.21 0.46
CA ALA A 56 3.75 9.62 1.69
C ALA A 56 4.96 8.71 1.43
N GLU A 57 5.51 8.14 2.50
CA GLU A 57 6.66 7.26 2.38
C GLU A 57 6.22 5.80 2.26
N VAL A 58 6.47 5.22 1.10
CA VAL A 58 6.11 3.83 0.85
C VAL A 58 7.34 2.97 0.63
N SER A 59 7.29 1.74 1.15
CA SER A 59 8.41 0.81 1.03
C SER A 59 7.91 -0.61 0.85
N ILE A 60 8.07 -1.14 -0.36
CA ILE A 60 7.63 -2.50 -0.67
C ILE A 60 8.75 -3.51 -0.41
N GLN A 61 8.40 -4.58 0.30
CA GLN A 61 9.37 -5.62 0.63
C GLN A 61 9.13 -6.86 -0.20
N ASN A 62 9.69 -6.89 -1.41
CA ASN A 62 9.53 -8.04 -2.30
C ASN A 62 9.93 -9.33 -1.60
N ASN A 63 8.94 -10.10 -1.18
CA ASN A 63 9.19 -11.36 -0.51
C ASN A 63 8.71 -12.55 -1.35
N LYS A 64 9.65 -13.22 -2.00
CA LYS A 64 9.33 -14.37 -2.84
C LYS A 64 9.03 -15.60 -1.99
N ASP A 65 8.18 -15.42 -0.99
CA ASP A 65 7.80 -16.53 -0.10
C ASP A 65 6.31 -16.84 -0.23
N GLY A 66 5.52 -15.81 -0.48
CA GLY A 66 4.08 -15.99 -0.62
C GLY A 66 3.36 -14.71 -0.99
N THR A 67 3.77 -13.60 -0.36
CA THR A 67 3.15 -12.31 -0.61
C THR A 67 4.15 -11.17 -0.41
N TYR A 68 3.69 -9.94 -0.58
CA TYR A 68 4.54 -8.77 -0.42
C TYR A 68 4.10 -7.94 0.78
N ALA A 69 5.06 -7.30 1.44
CA ALA A 69 4.77 -6.47 2.60
C ALA A 69 4.89 -4.99 2.25
N VAL A 70 3.75 -4.35 2.02
CA VAL A 70 3.74 -2.93 1.68
C VAL A 70 3.26 -2.08 2.87
N THR A 71 3.83 -0.90 3.01
CA THR A 71 3.47 0.00 4.10
C THR A 71 3.53 1.46 3.65
N TYR A 72 2.71 2.29 4.27
CA TYR A 72 2.66 3.72 3.93
C TYR A 72 2.52 4.57 5.18
N VAL A 73 3.46 5.49 5.36
CA VAL A 73 3.44 6.37 6.53
C VAL A 73 3.07 7.79 6.13
N PRO A 74 1.81 8.18 6.39
CA PRO A 74 1.30 9.51 6.06
C PRO A 74 1.91 10.59 6.95
N LEU A 75 2.39 11.66 6.32
CA LEU A 75 2.99 12.77 7.05
C LEU A 75 1.93 13.72 7.59
N THR A 76 0.92 14.00 6.76
CA THR A 76 -0.16 14.89 7.16
C THR A 76 -1.51 14.16 7.13
N ALA A 77 -2.40 14.55 8.05
CA ALA A 77 -3.71 13.93 8.13
C ALA A 77 -4.60 14.37 6.97
N GLY A 78 -5.66 13.61 6.72
CA GLY A 78 -6.57 13.94 5.64
C GLY A 78 -6.82 12.76 4.73
N MET A 79 -7.76 12.92 3.80
CA MET A 79 -8.10 11.86 2.85
C MET A 79 -6.94 11.58 1.92
N TYR A 80 -6.49 10.33 1.90
CA TYR A 80 -5.37 9.93 1.04
C TYR A 80 -5.88 9.20 -0.21
N THR A 81 -5.07 9.21 -1.26
CA THR A 81 -5.43 8.55 -2.50
C THR A 81 -4.41 7.48 -2.88
N LEU A 82 -4.68 6.25 -2.48
CA LEU A 82 -3.79 5.13 -2.78
C LEU A 82 -3.89 4.72 -4.24
N THR A 83 -2.74 4.57 -4.89
CA THR A 83 -2.70 4.19 -6.29
C THR A 83 -1.77 3.00 -6.51
N MET A 84 -2.37 1.81 -6.64
CA MET A 84 -1.58 0.59 -6.85
C MET A 84 -1.65 0.15 -8.31
N LYS A 85 -0.48 -0.07 -8.91
CA LYS A 85 -0.42 -0.49 -10.31
C LYS A 85 0.52 -1.70 -10.46
N TYR A 86 -0.04 -2.81 -10.93
CA TYR A 86 0.73 -4.03 -11.12
C TYR A 86 1.08 -4.23 -12.59
N GLY A 87 2.36 -4.12 -12.91
CA GLY A 87 2.82 -4.29 -14.28
C GLY A 87 2.36 -3.16 -15.18
N GLY A 88 2.09 -2.00 -14.58
CA GLY A 88 1.64 -0.86 -15.36
C GLY A 88 0.14 -0.76 -15.44
N GLU A 89 -0.55 -1.75 -14.86
CA GLU A 89 -2.01 -1.77 -14.87
C GLU A 89 -2.57 -1.58 -13.47
N LEU A 90 -3.70 -0.91 -13.38
CA LEU A 90 -4.34 -0.66 -12.09
C LEU A 90 -5.02 -1.92 -11.56
N VAL A 91 -5.05 -2.07 -10.24
CA VAL A 91 -5.67 -3.22 -9.61
C VAL A 91 -7.12 -2.93 -9.23
N PRO A 92 -7.91 -4.00 -9.03
CA PRO A 92 -9.32 -3.88 -8.66
C PRO A 92 -9.51 -3.36 -7.25
N HIS A 93 -8.40 -3.00 -6.59
CA HIS A 93 -8.44 -2.49 -5.23
C HIS A 93 -7.86 -1.08 -5.17
N PHE A 94 -7.76 -0.43 -6.33
CA PHE A 94 -7.21 0.92 -6.40
C PHE A 94 -7.71 1.64 -7.66
N PRO A 95 -7.78 2.97 -7.59
CA PRO A 95 -7.41 3.72 -6.38
C PRO A 95 -8.38 3.51 -5.24
N ALA A 96 -7.91 3.64 -4.02
CA ALA A 96 -8.74 3.46 -2.84
C ALA A 96 -8.55 4.61 -1.85
N ARG A 97 -9.63 5.33 -1.56
CA ARG A 97 -9.58 6.45 -0.63
C ARG A 97 -9.63 5.97 0.82
N VAL A 98 -8.82 6.57 1.66
CA VAL A 98 -8.78 6.21 3.08
C VAL A 98 -8.58 7.43 3.96
N LYS A 99 -9.57 7.69 4.81
CA LYS A 99 -9.52 8.83 5.72
C LYS A 99 -8.50 8.61 6.83
N VAL A 100 -7.46 9.44 6.86
CA VAL A 100 -6.41 9.33 7.87
C VAL A 100 -6.64 10.33 9.00
N GLU A 101 -6.49 9.87 10.23
CA GLU A 101 -6.66 10.72 11.39
C GLU A 101 -5.32 11.23 11.91
N PRO A 102 -5.36 12.34 12.66
CA PRO A 102 -4.16 12.96 13.23
C PRO A 102 -3.54 12.10 14.34
N ALA A 103 -2.27 12.34 14.62
CA ALA A 103 -1.56 11.60 15.66
C ALA A 103 -1.61 12.34 16.99
N VAL A 104 -2.81 12.80 17.35
CA VAL A 104 -2.99 13.53 18.60
C VAL A 104 -2.92 12.58 19.80
N ASP A 105 -2.85 11.28 19.51
CA ASP A 105 -2.78 10.27 20.58
C ASP A 105 -1.41 10.30 21.26
N THR A 106 -1.42 10.46 22.57
CA THR A 106 -0.18 10.50 23.34
C THR A 106 -0.33 9.76 24.66
N SER A 107 0.54 8.78 24.88
CA SER A 107 0.51 7.98 26.11
C SER A 107 0.27 8.87 27.33
N SER A 108 -0.07 8.25 28.45
CA SER A 108 -0.33 8.98 29.68
C SER A 108 0.96 9.21 30.46
N GLY A 109 1.11 10.42 31.01
CA GLY A 109 2.30 10.75 31.76
C GLY A 109 3.25 11.64 30.98
N PRO A 110 3.91 12.58 31.69
CA PRO A 110 4.85 13.51 31.09
C PRO A 110 6.13 12.82 30.63
N SER A 111 6.42 11.66 31.21
CA SER A 111 7.62 10.90 30.86
C SER A 111 7.95 11.05 29.38
N SER A 112 9.18 11.47 29.10
CA SER A 112 9.62 11.66 27.73
C SER A 112 11.12 11.95 27.67
N GLY A 113 11.85 11.13 26.94
CA GLY A 113 13.29 11.32 26.81
C GLY A 113 14.02 11.00 28.10
N GLY A 1 15.14 -18.65 -8.98
CA GLY A 1 14.14 -17.91 -9.73
C GLY A 1 13.73 -18.59 -11.01
N SER A 2 12.47 -18.44 -11.38
CA SER A 2 11.96 -19.06 -12.60
C SER A 2 11.95 -18.06 -13.76
N SER A 3 13.04 -18.05 -14.52
CA SER A 3 13.18 -17.15 -15.65
C SER A 3 11.84 -16.97 -16.36
N GLY A 4 11.28 -18.07 -16.84
CA GLY A 4 10.00 -18.01 -17.53
C GLY A 4 8.82 -18.14 -16.59
N SER A 5 7.62 -17.88 -17.10
CA SER A 5 6.41 -17.97 -16.29
C SER A 5 5.49 -19.07 -16.81
N SER A 6 4.60 -19.55 -15.96
CA SER A 6 3.66 -20.60 -16.33
C SER A 6 2.32 -20.02 -16.74
N GLY A 7 1.83 -19.07 -15.95
CA GLY A 7 0.55 -18.44 -16.25
C GLY A 7 0.72 -17.03 -16.78
N PRO A 8 -0.30 -16.55 -17.50
CA PRO A 8 -0.30 -15.21 -18.10
C PRO A 8 -0.41 -14.11 -17.04
N PHE A 9 -0.06 -12.89 -17.43
CA PHE A 9 -0.12 -11.75 -16.51
C PHE A 9 -1.55 -11.23 -16.39
N ASP A 10 -1.90 -10.74 -15.20
CA ASP A 10 -3.23 -10.21 -14.95
C ASP A 10 -3.29 -9.47 -13.63
N PRO A 11 -3.58 -8.17 -13.68
CA PRO A 11 -3.66 -7.32 -12.49
C PRO A 11 -4.88 -7.64 -11.63
N SER A 12 -5.91 -8.20 -12.27
CA SER A 12 -7.13 -8.57 -11.56
C SER A 12 -6.90 -9.74 -10.62
N LYS A 13 -5.90 -10.56 -10.95
CA LYS A 13 -5.56 -11.73 -10.14
C LYS A 13 -4.90 -11.30 -8.83
N VAL A 14 -4.37 -10.09 -8.80
CA VAL A 14 -3.72 -9.56 -7.61
C VAL A 14 -4.73 -9.29 -6.51
N VAL A 15 -4.36 -9.61 -5.27
CA VAL A 15 -5.23 -9.40 -4.13
C VAL A 15 -4.54 -8.55 -3.05
N ALA A 16 -5.13 -7.41 -2.74
CA ALA A 16 -4.58 -6.51 -1.74
C ALA A 16 -5.57 -6.29 -0.60
N SER A 17 -5.06 -6.32 0.63
CA SER A 17 -5.90 -6.13 1.81
C SER A 17 -5.06 -5.61 2.99
N GLY A 18 -5.74 -5.37 4.11
CA GLY A 18 -5.05 -4.87 5.29
C GLY A 18 -5.74 -3.66 5.90
N PRO A 19 -5.31 -3.28 7.10
CA PRO A 19 -5.88 -2.14 7.82
C PRO A 19 -5.52 -0.81 7.15
N GLY A 20 -4.38 -0.78 6.48
CA GLY A 20 -3.94 0.44 5.82
C GLY A 20 -4.94 0.90 4.76
N LEU A 21 -5.70 -0.03 4.21
CA LEU A 21 -6.69 0.29 3.19
C LEU A 21 -8.02 0.67 3.83
N GLU A 22 -8.13 0.48 5.13
CA GLU A 22 -9.35 0.81 5.85
C GLU A 22 -9.23 2.16 6.54
N HIS A 23 -8.04 2.45 7.07
CA HIS A 23 -7.79 3.71 7.76
C HIS A 23 -6.30 3.92 7.99
N GLY A 24 -5.93 5.13 8.38
CA GLY A 24 -4.53 5.43 8.63
C GLY A 24 -4.35 6.47 9.73
N LYS A 25 -3.10 6.71 10.12
CA LYS A 25 -2.80 7.67 11.16
C LYS A 25 -1.46 8.37 10.88
N VAL A 26 -1.45 9.68 11.06
CA VAL A 26 -0.24 10.47 10.83
C VAL A 26 0.93 9.92 11.62
N GLY A 27 1.92 9.37 10.91
CA GLY A 27 3.08 8.80 11.57
C GLY A 27 3.04 7.29 11.64
N GLU A 28 1.83 6.73 11.57
CA GLU A 28 1.65 5.29 11.63
C GLU A 28 2.05 4.63 10.32
N ALA A 29 1.88 3.31 10.23
CA ALA A 29 2.22 2.57 9.03
C ALA A 29 1.04 1.74 8.55
N GLY A 30 0.62 1.98 7.32
CA GLY A 30 -0.50 1.25 6.74
C GLY A 30 -0.11 -0.15 6.32
N LEU A 31 -0.39 -1.13 7.17
CA LEU A 31 -0.07 -2.53 6.88
C LEU A 31 -0.86 -3.02 5.67
N LEU A 32 -0.15 -3.34 4.60
CA LEU A 32 -0.79 -3.83 3.37
C LEU A 32 -0.12 -5.12 2.90
N SER A 33 -0.95 -6.10 2.53
CA SER A 33 -0.44 -7.38 2.05
C SER A 33 -0.97 -7.70 0.66
N VAL A 34 -0.07 -7.90 -0.29
CA VAL A 34 -0.44 -8.21 -1.66
C VAL A 34 -0.17 -9.67 -1.99
N ASP A 35 -1.24 -10.45 -2.10
CA ASP A 35 -1.13 -11.87 -2.42
C ASP A 35 -1.40 -12.12 -3.90
N CYS A 36 -0.37 -12.54 -4.62
CA CYS A 36 -0.48 -12.82 -6.05
C CYS A 36 -0.69 -14.30 -6.30
N SER A 37 -1.50 -14.63 -7.31
CA SER A 37 -1.78 -16.02 -7.65
C SER A 37 -1.44 -16.30 -9.11
N GLU A 38 -2.22 -15.72 -10.01
CA GLU A 38 -2.01 -15.91 -11.44
C GLU A 38 -1.78 -14.58 -12.14
N ALA A 39 -1.33 -13.59 -11.38
CA ALA A 39 -1.07 -12.26 -11.93
C ALA A 39 0.13 -12.28 -12.87
N GLY A 40 0.79 -13.44 -12.97
CA GLY A 40 1.94 -13.56 -13.83
C GLY A 40 3.06 -12.61 -13.44
N PRO A 41 3.93 -12.30 -14.41
CA PRO A 41 5.07 -11.39 -14.19
C PRO A 41 4.63 -9.95 -13.98
N GLY A 42 5.59 -9.04 -13.97
CA GLY A 42 5.28 -7.63 -13.77
C GLY A 42 5.88 -7.08 -12.49
N ALA A 43 5.73 -5.77 -12.29
CA ALA A 43 6.26 -5.12 -11.10
C ALA A 43 5.16 -4.39 -10.34
N LEU A 44 5.13 -4.57 -9.03
CA LEU A 44 4.13 -3.93 -8.18
C LEU A 44 4.64 -2.58 -7.67
N GLY A 45 3.77 -1.57 -7.71
CA GLY A 45 4.15 -0.25 -7.25
C GLY A 45 2.97 0.53 -6.69
N LEU A 46 3.19 1.22 -5.58
CA LEU A 46 2.15 2.01 -4.94
C LEU A 46 2.54 3.47 -4.84
N GLU A 47 1.54 4.35 -4.84
CA GLU A 47 1.79 5.78 -4.75
C GLU A 47 0.79 6.46 -3.82
N ALA A 48 1.27 6.95 -2.69
CA ALA A 48 0.41 7.62 -1.72
C ALA A 48 0.42 9.13 -1.93
N VAL A 49 -0.78 9.72 -1.99
CA VAL A 49 -0.90 11.16 -2.19
C VAL A 49 -2.14 11.70 -1.46
N SER A 50 -1.93 12.76 -0.68
CA SER A 50 -3.02 13.37 0.06
C SER A 50 -3.77 14.39 -0.79
N ASP A 51 -5.01 14.68 -0.41
CA ASP A 51 -5.83 15.64 -1.14
C ASP A 51 -5.06 16.94 -1.37
N SER A 52 -4.15 17.25 -0.45
CA SER A 52 -3.36 18.48 -0.55
C SER A 52 -2.04 18.21 -1.27
N GLY A 53 -2.04 17.21 -2.14
CA GLY A 53 -0.84 16.87 -2.88
C GLY A 53 0.34 16.58 -1.97
N THR A 54 0.18 15.62 -1.07
CA THR A 54 1.24 15.26 -0.14
C THR A 54 1.71 13.83 -0.36
N LYS A 55 2.94 13.68 -0.85
CA LYS A 55 3.51 12.37 -1.12
C LYS A 55 4.03 11.73 0.16
N ALA A 56 3.46 10.59 0.53
CA ALA A 56 3.87 9.88 1.73
C ALA A 56 4.99 8.90 1.44
N GLU A 57 5.59 8.34 2.50
CA GLU A 57 6.68 7.39 2.34
C GLU A 57 6.14 5.97 2.16
N VAL A 58 6.39 5.40 0.99
CA VAL A 58 5.93 4.04 0.69
C VAL A 58 7.11 3.09 0.50
N SER A 59 6.93 1.85 0.91
CA SER A 59 7.98 0.84 0.79
C SER A 59 7.37 -0.54 0.53
N ILE A 60 7.93 -1.24 -0.46
CA ILE A 60 7.46 -2.58 -0.81
C ILE A 60 8.52 -3.63 -0.52
N GLN A 61 8.14 -4.65 0.23
CA GLN A 61 9.05 -5.73 0.59
C GLN A 61 8.83 -6.95 -0.31
N ASN A 62 9.93 -7.52 -0.79
CA ASN A 62 9.85 -8.69 -1.66
C ASN A 62 10.16 -9.97 -0.89
N ASN A 63 9.25 -10.92 -0.93
CA ASN A 63 9.43 -12.19 -0.23
C ASN A 63 9.52 -13.35 -1.23
N LYS A 64 10.28 -14.37 -0.87
CA LYS A 64 10.45 -15.54 -1.71
C LYS A 64 9.33 -16.55 -1.50
N ASP A 65 8.10 -16.04 -1.37
CA ASP A 65 6.93 -16.88 -1.16
C ASP A 65 5.85 -16.60 -2.20
N GLY A 66 5.66 -15.31 -2.49
CA GLY A 66 4.65 -14.92 -3.46
C GLY A 66 3.76 -13.80 -2.95
N THR A 67 4.29 -12.99 -2.05
CA THR A 67 3.54 -11.87 -1.48
C THR A 67 4.41 -10.64 -1.34
N TYR A 68 3.77 -9.50 -1.07
CA TYR A 68 4.50 -8.24 -0.91
C TYR A 68 3.95 -7.44 0.28
N ALA A 69 4.86 -6.93 1.10
CA ALA A 69 4.47 -6.16 2.27
C ALA A 69 4.57 -4.66 1.99
N VAL A 70 3.45 -4.05 1.62
CA VAL A 70 3.41 -2.63 1.32
C VAL A 70 3.00 -1.82 2.55
N THR A 71 3.64 -0.66 2.73
CA THR A 71 3.35 0.20 3.86
C THR A 71 3.45 1.67 3.48
N TYR A 72 2.65 2.51 4.13
CA TYR A 72 2.66 3.94 3.85
C TYR A 72 2.56 4.75 5.15
N VAL A 73 3.49 5.68 5.32
CA VAL A 73 3.51 6.52 6.51
C VAL A 73 3.08 7.96 6.18
N PRO A 74 1.81 8.26 6.46
CA PRO A 74 1.25 9.59 6.21
C PRO A 74 1.82 10.65 7.14
N LEU A 75 2.43 11.68 6.56
CA LEU A 75 3.02 12.76 7.35
C LEU A 75 1.93 13.68 7.90
N THR A 76 0.99 14.05 7.04
CA THR A 76 -0.10 14.93 7.45
C THR A 76 -1.44 14.20 7.42
N ALA A 77 -2.35 14.58 8.30
CA ALA A 77 -3.67 13.97 8.38
C ALA A 77 -4.56 14.47 7.25
N GLY A 78 -5.47 13.61 6.78
CA GLY A 78 -6.38 13.98 5.72
C GLY A 78 -6.68 12.84 4.78
N MET A 79 -7.61 13.06 3.86
CA MET A 79 -7.99 12.02 2.89
C MET A 79 -6.83 11.71 1.95
N TYR A 80 -6.47 10.44 1.87
CA TYR A 80 -5.38 10.01 1.00
C TYR A 80 -5.91 9.23 -0.20
N THR A 81 -5.12 9.19 -1.26
CA THR A 81 -5.51 8.48 -2.48
C THR A 81 -4.52 7.37 -2.81
N LEU A 82 -4.79 6.18 -2.29
CA LEU A 82 -3.92 5.03 -2.54
C LEU A 82 -3.99 4.59 -3.99
N THR A 83 -2.84 4.55 -4.65
CA THR A 83 -2.77 4.15 -6.04
C THR A 83 -1.80 2.98 -6.24
N MET A 84 -2.34 1.83 -6.60
CA MET A 84 -1.51 0.64 -6.82
C MET A 84 -1.61 0.17 -8.27
N LYS A 85 -0.45 -0.03 -8.90
CA LYS A 85 -0.41 -0.49 -10.28
C LYS A 85 0.49 -1.71 -10.42
N TYR A 86 -0.08 -2.81 -10.90
CA TYR A 86 0.67 -4.04 -11.08
C TYR A 86 0.92 -4.32 -12.56
N GLY A 87 2.19 -4.41 -12.94
CA GLY A 87 2.53 -4.67 -14.32
C GLY A 87 2.06 -3.57 -15.25
N GLY A 88 1.99 -2.34 -14.74
CA GLY A 88 1.56 -1.22 -15.54
C GLY A 88 0.04 -1.15 -15.65
N GLU A 89 -0.65 -2.03 -14.94
CA GLU A 89 -2.11 -2.06 -14.96
C GLU A 89 -2.67 -1.90 -13.56
N LEU A 90 -3.61 -0.97 -13.41
CA LEU A 90 -4.23 -0.71 -12.12
C LEU A 90 -4.91 -1.97 -11.58
N VAL A 91 -4.94 -2.10 -10.26
CA VAL A 91 -5.56 -3.25 -9.62
C VAL A 91 -7.01 -2.96 -9.24
N PRO A 92 -7.79 -4.03 -9.03
CA PRO A 92 -9.21 -3.90 -8.66
C PRO A 92 -9.39 -3.38 -7.24
N HIS A 93 -8.28 -3.05 -6.59
CA HIS A 93 -8.32 -2.52 -5.23
C HIS A 93 -7.76 -1.10 -5.18
N PHE A 94 -7.61 -0.49 -6.35
CA PHE A 94 -7.08 0.88 -6.44
C PHE A 94 -7.59 1.56 -7.70
N PRO A 95 -7.68 2.90 -7.65
CA PRO A 95 -7.33 3.67 -6.44
C PRO A 95 -8.32 3.45 -5.31
N ALA A 96 -7.85 3.63 -4.07
CA ALA A 96 -8.69 3.45 -2.90
C ALA A 96 -8.47 4.58 -1.89
N ARG A 97 -9.52 5.36 -1.65
CA ARG A 97 -9.44 6.48 -0.72
C ARG A 97 -9.52 5.99 0.73
N VAL A 98 -8.71 6.57 1.60
CA VAL A 98 -8.69 6.19 3.00
C VAL A 98 -8.46 7.40 3.90
N LYS A 99 -9.40 7.65 4.80
CA LYS A 99 -9.30 8.78 5.72
C LYS A 99 -8.25 8.52 6.79
N VAL A 100 -7.43 9.53 7.06
CA VAL A 100 -6.36 9.41 8.06
C VAL A 100 -6.57 10.41 9.20
N GLU A 101 -6.45 9.92 10.43
CA GLU A 101 -6.62 10.78 11.60
C GLU A 101 -5.27 11.30 12.08
N PRO A 102 -5.31 12.45 12.79
CA PRO A 102 -4.10 13.09 13.32
C PRO A 102 -3.49 12.30 14.47
N ALA A 103 -2.20 12.51 14.70
CA ALA A 103 -1.48 11.82 15.77
C ALA A 103 -1.34 12.70 17.00
N VAL A 104 -2.36 13.52 17.26
CA VAL A 104 -2.35 14.41 18.41
C VAL A 104 -2.80 13.70 19.67
N ASP A 105 -1.89 12.95 20.28
CA ASP A 105 -2.20 12.21 21.51
C ASP A 105 -1.50 12.84 22.70
N THR A 106 -2.20 12.88 23.83
CA THR A 106 -1.64 13.45 25.06
C THR A 106 -0.85 12.42 25.84
N SER A 107 0.47 12.56 25.83
CA SER A 107 1.36 11.64 26.53
C SER A 107 2.66 12.32 26.92
N SER A 108 3.19 11.96 28.08
CA SER A 108 4.43 12.54 28.58
C SER A 108 5.63 12.01 27.79
N GLY A 109 5.96 12.69 26.70
CA GLY A 109 7.08 12.26 25.88
C GLY A 109 8.22 13.26 25.89
N PRO A 110 8.21 14.18 24.91
CA PRO A 110 9.24 15.22 24.77
C PRO A 110 9.15 16.26 25.88
N SER A 111 8.07 16.21 26.65
CA SER A 111 7.85 17.16 27.73
C SER A 111 8.99 17.07 28.76
N SER A 112 9.94 17.98 28.66
CA SER A 112 11.08 18.00 29.58
C SER A 112 10.80 18.90 30.77
N GLY A 113 11.76 18.97 31.70
CA GLY A 113 11.59 19.80 32.88
C GLY A 113 12.82 20.63 33.17
N GLY A 1 15.74 -23.00 -10.12
CA GLY A 1 14.32 -22.67 -10.22
C GLY A 1 13.50 -23.85 -10.69
N SER A 2 12.62 -23.62 -11.67
CA SER A 2 11.76 -24.67 -12.20
C SER A 2 11.75 -24.63 -13.73
N SER A 3 11.82 -25.81 -14.33
CA SER A 3 11.82 -25.91 -15.79
C SER A 3 10.40 -25.90 -16.33
N GLY A 4 9.61 -24.93 -15.89
CA GLY A 4 8.23 -24.82 -16.35
C GLY A 4 8.06 -23.76 -17.42
N SER A 5 6.91 -23.10 -17.41
CA SER A 5 6.62 -22.06 -18.40
C SER A 5 6.17 -20.77 -17.71
N SER A 6 6.49 -19.64 -18.33
CA SER A 6 6.13 -18.34 -17.78
C SER A 6 4.62 -18.16 -17.75
N GLY A 7 4.09 -17.86 -16.57
CA GLY A 7 2.65 -17.66 -16.43
C GLY A 7 2.19 -16.32 -16.97
N PRO A 8 0.91 -16.24 -17.34
CA PRO A 8 0.32 -15.01 -17.89
C PRO A 8 0.18 -13.92 -16.83
N PHE A 9 0.30 -12.67 -17.26
CA PHE A 9 0.20 -11.53 -16.36
C PHE A 9 -1.25 -11.05 -16.24
N ASP A 10 -1.63 -10.61 -15.05
CA ASP A 10 -2.99 -10.12 -14.81
C ASP A 10 -3.08 -9.40 -13.47
N PRO A 11 -3.44 -8.11 -13.51
CA PRO A 11 -3.57 -7.29 -12.32
C PRO A 11 -4.76 -7.69 -11.46
N SER A 12 -5.83 -8.14 -12.12
CA SER A 12 -7.05 -8.56 -11.42
C SER A 12 -6.74 -9.70 -10.46
N LYS A 13 -5.83 -10.57 -10.85
CA LYS A 13 -5.45 -11.71 -10.02
C LYS A 13 -4.83 -11.25 -8.70
N VAL A 14 -4.21 -10.07 -8.72
CA VAL A 14 -3.58 -9.52 -7.53
C VAL A 14 -4.62 -9.15 -6.49
N VAL A 15 -4.40 -9.62 -5.26
CA VAL A 15 -5.32 -9.33 -4.17
C VAL A 15 -4.67 -8.47 -3.10
N ALA A 16 -5.31 -7.35 -2.77
CA ALA A 16 -4.80 -6.44 -1.76
C ALA A 16 -5.78 -6.25 -0.61
N SER A 17 -5.26 -6.18 0.60
CA SER A 17 -6.11 -6.00 1.78
C SER A 17 -5.28 -5.53 2.97
N GLY A 18 -5.96 -5.30 4.09
CA GLY A 18 -5.27 -4.83 5.29
C GLY A 18 -5.95 -3.65 5.93
N PRO A 19 -5.50 -3.29 7.14
CA PRO A 19 -6.07 -2.16 7.89
C PRO A 19 -5.74 -0.81 7.25
N GLY A 20 -4.56 -0.73 6.64
CA GLY A 20 -4.15 0.51 6.00
C GLY A 20 -5.16 1.00 4.99
N LEU A 21 -5.81 0.06 4.30
CA LEU A 21 -6.80 0.41 3.29
C LEU A 21 -8.13 0.80 3.95
N GLU A 22 -8.23 0.58 5.26
CA GLU A 22 -9.44 0.90 5.99
C GLU A 22 -9.28 2.23 6.74
N HIS A 23 -8.06 2.50 7.20
CA HIS A 23 -7.79 3.73 7.92
C HIS A 23 -6.29 3.88 8.18
N GLY A 24 -5.86 5.11 8.46
CA GLY A 24 -4.46 5.36 8.73
C GLY A 24 -4.24 6.49 9.71
N LYS A 25 -3.01 6.63 10.19
CA LYS A 25 -2.67 7.68 11.16
C LYS A 25 -1.37 8.37 10.78
N VAL A 26 -1.32 9.67 10.99
CA VAL A 26 -0.12 10.45 10.68
C VAL A 26 1.12 9.86 11.35
N GLY A 27 2.04 9.36 10.54
CA GLY A 27 3.26 8.77 11.08
C GLY A 27 3.16 7.25 11.19
N GLU A 28 1.95 6.74 11.39
CA GLU A 28 1.74 5.31 11.51
C GLU A 28 2.16 4.59 10.23
N ALA A 29 1.98 3.27 10.22
CA ALA A 29 2.33 2.47 9.06
C ALA A 29 1.14 1.63 8.59
N GLY A 30 0.65 1.93 7.39
CA GLY A 30 -0.48 1.20 6.85
C GLY A 30 -0.11 -0.20 6.42
N LEU A 31 -0.50 -1.19 7.23
CA LEU A 31 -0.21 -2.58 6.93
C LEU A 31 -1.00 -3.06 5.71
N LEU A 32 -0.29 -3.41 4.64
CA LEU A 32 -0.92 -3.88 3.42
C LEU A 32 -0.29 -5.18 2.95
N SER A 33 -1.13 -6.16 2.61
CA SER A 33 -0.64 -7.45 2.14
C SER A 33 -1.17 -7.75 0.74
N VAL A 34 -0.26 -8.08 -0.18
CA VAL A 34 -0.65 -8.39 -1.55
C VAL A 34 -0.42 -9.87 -1.85
N ASP A 35 -1.52 -10.59 -2.08
CA ASP A 35 -1.45 -12.01 -2.39
C ASP A 35 -1.58 -12.25 -3.89
N CYS A 36 -0.49 -12.62 -4.54
CA CYS A 36 -0.49 -12.88 -5.97
C CYS A 36 -0.48 -14.38 -6.24
N SER A 37 -1.39 -14.82 -7.11
CA SER A 37 -1.49 -16.23 -7.46
C SER A 37 -1.24 -16.44 -8.95
N GLU A 38 -2.06 -15.79 -9.78
CA GLU A 38 -1.93 -15.89 -11.22
C GLU A 38 -1.70 -14.53 -11.86
N ALA A 39 -1.19 -13.60 -11.06
CA ALA A 39 -0.92 -12.25 -11.55
C ALA A 39 0.24 -12.24 -12.54
N GLY A 40 0.99 -13.34 -12.58
CA GLY A 40 2.12 -13.44 -13.49
C GLY A 40 3.23 -12.47 -13.13
N PRO A 41 4.06 -12.12 -14.13
CA PRO A 41 5.17 -11.20 -13.94
C PRO A 41 4.71 -9.76 -13.71
N GLY A 42 5.63 -8.81 -13.87
CA GLY A 42 5.29 -7.42 -13.66
C GLY A 42 5.75 -6.89 -12.31
N ALA A 43 6.16 -5.63 -12.28
CA ALA A 43 6.61 -5.02 -11.04
C ALA A 43 5.49 -4.27 -10.35
N LEU A 44 5.42 -4.41 -9.03
CA LEU A 44 4.38 -3.73 -8.24
C LEU A 44 4.87 -2.39 -7.73
N GLY A 45 3.95 -1.42 -7.64
CA GLY A 45 4.31 -0.11 -7.15
C GLY A 45 3.10 0.69 -6.69
N LEU A 46 3.19 1.24 -5.49
CA LEU A 46 2.10 2.03 -4.93
C LEU A 46 2.49 3.50 -4.83
N GLU A 47 1.50 4.38 -4.93
CA GLU A 47 1.74 5.81 -4.84
C GLU A 47 0.75 6.48 -3.87
N ALA A 48 1.28 7.03 -2.79
CA ALA A 48 0.44 7.68 -1.78
C ALA A 48 0.45 9.20 -1.98
N VAL A 49 -0.74 9.78 -2.11
CA VAL A 49 -0.87 11.21 -2.31
C VAL A 49 -2.15 11.74 -1.65
N SER A 50 -2.00 12.77 -0.83
CA SER A 50 -3.13 13.37 -0.15
C SER A 50 -3.72 14.51 -0.95
N ASP A 51 -4.98 14.85 -0.66
CA ASP A 51 -5.66 15.93 -1.36
C ASP A 51 -4.76 17.16 -1.49
N SER A 52 -3.93 17.37 -0.47
CA SER A 52 -3.02 18.50 -0.46
C SER A 52 -1.69 18.16 -1.15
N GLY A 53 -1.77 17.28 -2.14
CA GLY A 53 -0.58 16.88 -2.86
C GLY A 53 0.56 16.50 -1.93
N THR A 54 0.27 15.66 -0.95
CA THR A 54 1.27 15.22 0.01
C THR A 54 1.73 13.79 -0.28
N LYS A 55 2.92 13.65 -0.86
CA LYS A 55 3.46 12.34 -1.19
C LYS A 55 3.99 11.65 0.06
N ALA A 56 3.33 10.58 0.47
CA ALA A 56 3.74 9.83 1.65
C ALA A 56 4.73 8.73 1.28
N GLU A 57 5.66 8.45 2.19
CA GLU A 57 6.67 7.42 1.96
C GLU A 57 6.02 6.05 1.79
N VAL A 58 6.50 5.29 0.81
CA VAL A 58 5.97 3.96 0.55
C VAL A 58 7.09 2.95 0.34
N SER A 59 6.91 1.75 0.88
CA SER A 59 7.91 0.69 0.76
C SER A 59 7.27 -0.64 0.37
N ILE A 60 7.92 -1.37 -0.51
CA ILE A 60 7.40 -2.65 -0.97
C ILE A 60 8.44 -3.75 -0.78
N GLN A 61 8.08 -4.78 -0.02
CA GLN A 61 8.98 -5.90 0.24
C GLN A 61 8.63 -7.09 -0.65
N ASN A 62 9.66 -7.73 -1.20
CA ASN A 62 9.46 -8.89 -2.07
C ASN A 62 9.81 -10.18 -1.34
N ASN A 63 8.93 -11.18 -1.45
CA ASN A 63 9.15 -12.46 -0.81
C ASN A 63 9.15 -13.60 -1.82
N LYS A 64 9.88 -14.65 -1.53
CA LYS A 64 9.96 -15.81 -2.42
C LYS A 64 8.81 -16.77 -2.17
N ASP A 65 7.76 -16.28 -1.54
CA ASP A 65 6.59 -17.10 -1.23
C ASP A 65 5.45 -16.81 -2.21
N GLY A 66 5.20 -15.53 -2.45
CA GLY A 66 4.13 -15.15 -3.37
C GLY A 66 3.30 -14.00 -2.84
N THR A 67 3.92 -13.12 -2.07
CA THR A 67 3.22 -11.97 -1.49
C THR A 67 4.15 -10.76 -1.41
N TYR A 68 3.60 -9.64 -0.98
CA TYR A 68 4.37 -8.41 -0.85
C TYR A 68 3.92 -7.60 0.36
N ALA A 69 4.86 -6.92 1.00
CA ALA A 69 4.56 -6.12 2.18
C ALA A 69 4.64 -4.63 1.86
N VAL A 70 3.49 -4.00 1.69
CA VAL A 70 3.43 -2.58 1.37
C VAL A 70 3.02 -1.76 2.59
N THR A 71 3.64 -0.59 2.76
CA THR A 71 3.34 0.27 3.88
C THR A 71 3.45 1.74 3.49
N TYR A 72 2.64 2.58 4.14
CA TYR A 72 2.65 4.02 3.85
C TYR A 72 2.57 4.83 5.14
N VAL A 73 3.44 5.82 5.25
CA VAL A 73 3.48 6.68 6.43
C VAL A 73 3.08 8.11 6.07
N PRO A 74 1.83 8.46 6.37
CA PRO A 74 1.28 9.80 6.09
C PRO A 74 1.90 10.86 7.00
N LEU A 75 2.49 11.90 6.40
CA LEU A 75 3.10 12.98 7.15
C LEU A 75 2.05 13.94 7.69
N THR A 76 0.94 14.06 6.96
CA THR A 76 -0.15 14.94 7.37
C THR A 76 -1.48 14.22 7.36
N ALA A 77 -2.39 14.64 8.23
CA ALA A 77 -3.71 14.03 8.33
C ALA A 77 -4.60 14.47 7.19
N GLY A 78 -5.57 13.62 6.83
CA GLY A 78 -6.48 13.95 5.74
C GLY A 78 -6.74 12.77 4.83
N MET A 79 -7.64 12.95 3.87
CA MET A 79 -7.99 11.89 2.93
C MET A 79 -6.82 11.60 2.00
N TYR A 80 -6.47 10.32 1.88
CA TYR A 80 -5.36 9.90 1.02
C TYR A 80 -5.88 9.15 -0.20
N THR A 81 -5.11 9.19 -1.28
CA THR A 81 -5.49 8.52 -2.52
C THR A 81 -4.49 7.43 -2.88
N LEU A 82 -4.77 6.21 -2.42
CA LEU A 82 -3.88 5.08 -2.70
C LEU A 82 -3.95 4.68 -4.17
N THR A 83 -2.78 4.50 -4.78
CA THR A 83 -2.69 4.12 -6.18
C THR A 83 -1.72 2.97 -6.39
N MET A 84 -2.25 1.82 -6.80
CA MET A 84 -1.41 0.65 -7.03
C MET A 84 -1.52 0.19 -8.49
N LYS A 85 -0.37 0.02 -9.14
CA LYS A 85 -0.33 -0.42 -10.53
C LYS A 85 0.61 -1.60 -10.70
N TYR A 86 0.06 -2.74 -11.13
CA TYR A 86 0.86 -3.94 -11.34
C TYR A 86 1.24 -4.09 -12.81
N GLY A 87 2.54 -4.25 -13.06
CA GLY A 87 3.03 -4.40 -14.43
C GLY A 87 2.53 -3.30 -15.34
N GLY A 88 2.01 -2.23 -14.75
CA GLY A 88 1.50 -1.12 -15.54
C GLY A 88 -0.01 -1.15 -15.67
N GLU A 89 -0.66 -1.90 -14.80
CA GLU A 89 -2.12 -2.02 -14.82
C GLU A 89 -2.70 -1.85 -13.43
N LEU A 90 -3.72 -0.99 -13.32
CA LEU A 90 -4.37 -0.75 -12.03
C LEU A 90 -5.01 -2.02 -11.49
N VAL A 91 -5.03 -2.15 -10.17
CA VAL A 91 -5.62 -3.32 -9.53
C VAL A 91 -7.06 -3.04 -9.09
N PRO A 92 -7.82 -4.11 -8.85
CA PRO A 92 -9.22 -4.02 -8.43
C PRO A 92 -9.35 -3.48 -6.99
N HIS A 93 -8.22 -3.10 -6.41
CA HIS A 93 -8.22 -2.58 -5.05
C HIS A 93 -7.68 -1.15 -5.03
N PHE A 94 -7.62 -0.52 -6.20
CA PHE A 94 -7.12 0.85 -6.31
C PHE A 94 -7.67 1.52 -7.57
N PRO A 95 -7.79 2.85 -7.53
CA PRO A 95 -7.43 3.64 -6.34
C PRO A 95 -8.39 3.41 -5.18
N ALA A 96 -7.91 3.64 -3.97
CA ALA A 96 -8.73 3.46 -2.77
C ALA A 96 -8.58 4.64 -1.83
N ARG A 97 -9.69 5.08 -1.25
CA ARG A 97 -9.69 6.20 -0.33
C ARG A 97 -9.60 5.72 1.12
N VAL A 98 -8.76 6.38 1.91
CA VAL A 98 -8.58 6.02 3.31
C VAL A 98 -8.43 7.26 4.19
N LYS A 99 -9.40 7.49 5.06
CA LYS A 99 -9.37 8.63 5.96
C LYS A 99 -8.31 8.46 7.04
N VAL A 100 -7.36 9.38 7.09
CA VAL A 100 -6.28 9.32 8.07
C VAL A 100 -6.51 10.35 9.19
N GLU A 101 -6.36 9.90 10.43
CA GLU A 101 -6.55 10.77 11.58
C GLU A 101 -5.22 11.34 12.06
N PRO A 102 -5.27 12.46 12.79
CA PRO A 102 -4.08 13.13 13.32
C PRO A 102 -3.42 12.33 14.43
N ALA A 103 -2.10 12.48 14.56
CA ALA A 103 -1.36 11.77 15.59
C ALA A 103 -1.42 12.51 16.92
N VAL A 104 -2.60 12.97 17.29
CA VAL A 104 -2.80 13.69 18.54
C VAL A 104 -2.41 12.83 19.74
N ASP A 105 -1.54 13.36 20.58
CA ASP A 105 -1.08 12.65 21.78
C ASP A 105 -2.17 12.63 22.85
N THR A 106 -2.04 11.72 23.80
CA THR A 106 -3.02 11.60 24.88
C THR A 106 -2.45 12.13 26.19
N SER A 107 -1.34 11.54 26.63
CA SER A 107 -0.69 11.95 27.87
C SER A 107 -0.26 13.41 27.80
N SER A 108 0.04 13.99 28.96
CA SER A 108 0.46 15.38 29.03
C SER A 108 1.93 15.48 29.45
N GLY A 109 2.25 14.94 30.62
CA GLY A 109 3.61 14.99 31.11
C GLY A 109 3.87 16.18 31.99
N PRO A 110 4.75 16.00 33.00
CA PRO A 110 5.11 17.06 33.94
C PRO A 110 5.94 18.17 33.29
N SER A 111 6.45 19.09 34.10
CA SER A 111 7.25 20.19 33.60
C SER A 111 8.55 19.68 32.97
N SER A 112 8.54 19.53 31.64
CA SER A 112 9.70 19.04 30.92
C SER A 112 10.40 17.93 31.70
N GLY A 113 9.61 16.97 32.18
CA GLY A 113 10.18 15.87 32.93
C GLY A 113 10.43 14.65 32.07
N GLY A 1 17.65 -17.43 -12.80
CA GLY A 1 16.26 -17.44 -12.37
C GLY A 1 15.33 -17.99 -13.43
N SER A 2 14.80 -19.18 -13.18
CA SER A 2 13.89 -19.84 -14.12
C SER A 2 12.44 -19.60 -13.72
N SER A 3 11.76 -18.75 -14.48
CA SER A 3 10.36 -18.42 -14.21
C SER A 3 9.43 -19.41 -14.91
N GLY A 4 9.68 -19.64 -16.19
CA GLY A 4 8.86 -20.57 -16.96
C GLY A 4 7.54 -19.96 -17.36
N SER A 5 6.66 -20.78 -17.93
CA SER A 5 5.35 -20.32 -18.38
C SER A 5 4.23 -21.06 -17.66
N SER A 6 3.63 -20.42 -16.67
CA SER A 6 2.55 -21.02 -15.90
C SER A 6 1.20 -20.39 -16.27
N GLY A 7 1.12 -19.07 -16.16
CA GLY A 7 -0.10 -18.37 -16.49
C GLY A 7 0.15 -16.97 -17.00
N PRO A 8 -0.83 -16.42 -17.75
CA PRO A 8 -0.73 -15.07 -18.32
C PRO A 8 -0.80 -13.98 -17.24
N PHE A 9 -0.33 -12.79 -17.59
CA PHE A 9 -0.34 -11.66 -16.67
C PHE A 9 -1.74 -11.09 -16.52
N ASP A 10 -2.09 -10.70 -15.30
CA ASP A 10 -3.42 -10.14 -15.04
C ASP A 10 -3.44 -9.44 -13.68
N PRO A 11 -3.68 -8.12 -13.69
CA PRO A 11 -3.73 -7.32 -12.47
C PRO A 11 -4.96 -7.62 -11.62
N SER A 12 -6.01 -8.13 -12.27
CA SER A 12 -7.24 -8.47 -11.57
C SER A 12 -7.04 -9.68 -10.67
N LYS A 13 -6.02 -10.48 -10.97
CA LYS A 13 -5.72 -11.67 -10.18
C LYS A 13 -4.99 -11.30 -8.90
N VAL A 14 -4.57 -10.05 -8.79
CA VAL A 14 -3.87 -9.57 -7.60
C VAL A 14 -4.85 -9.22 -6.49
N VAL A 15 -4.57 -9.73 -5.29
CA VAL A 15 -5.43 -9.47 -4.14
C VAL A 15 -4.71 -8.62 -3.10
N ALA A 16 -5.22 -7.41 -2.88
CA ALA A 16 -4.63 -6.50 -1.91
C ALA A 16 -5.59 -6.20 -0.77
N SER A 17 -5.08 -6.23 0.46
CA SER A 17 -5.90 -5.97 1.64
C SER A 17 -5.05 -5.48 2.81
N GLY A 18 -5.69 -5.16 3.91
CA GLY A 18 -4.98 -4.69 5.08
C GLY A 18 -5.66 -3.50 5.74
N PRO A 19 -5.19 -3.14 6.94
CA PRO A 19 -5.76 -2.02 7.71
C PRO A 19 -5.45 -0.67 7.06
N GLY A 20 -4.31 -0.59 6.37
CA GLY A 20 -3.93 0.65 5.73
C GLY A 20 -4.92 1.09 4.68
N LEU A 21 -5.58 0.12 4.03
CA LEU A 21 -6.55 0.41 2.99
C LEU A 21 -7.91 0.74 3.61
N GLU A 22 -7.96 0.73 4.94
CA GLU A 22 -9.21 1.04 5.65
C GLU A 22 -9.08 2.35 6.42
N HIS A 23 -7.90 2.60 6.97
CA HIS A 23 -7.66 3.82 7.73
C HIS A 23 -6.16 3.98 8.03
N GLY A 24 -5.79 5.17 8.49
CA GLY A 24 -4.40 5.43 8.80
C GLY A 24 -4.22 6.54 9.82
N LYS A 25 -3.02 6.67 10.36
CA LYS A 25 -2.73 7.70 11.35
C LYS A 25 -1.44 8.43 11.01
N VAL A 26 -1.45 9.76 11.13
CA VAL A 26 -0.28 10.57 10.84
C VAL A 26 0.94 10.06 11.58
N GLY A 27 1.88 9.49 10.85
CA GLY A 27 3.10 8.96 11.46
C GLY A 27 3.10 7.45 11.52
N GLU A 28 1.92 6.85 11.54
CA GLU A 28 1.79 5.40 11.59
C GLU A 28 2.17 4.77 10.26
N ALA A 29 2.02 3.45 10.17
CA ALA A 29 2.34 2.73 8.94
C ALA A 29 1.17 1.86 8.50
N GLY A 30 0.65 2.14 7.30
CA GLY A 30 -0.47 1.37 6.79
C GLY A 30 -0.05 0.00 6.30
N LEU A 31 -0.36 -1.03 7.09
CA LEU A 31 -0.01 -2.40 6.74
C LEU A 31 -0.79 -2.86 5.52
N LEU A 32 -0.08 -3.34 4.51
CA LEU A 32 -0.71 -3.81 3.28
C LEU A 32 -0.05 -5.09 2.79
N SER A 33 -0.86 -6.08 2.44
CA SER A 33 -0.36 -7.36 1.96
C SER A 33 -0.98 -7.71 0.60
N VAL A 34 -0.11 -7.98 -0.37
CA VAL A 34 -0.57 -8.34 -1.72
C VAL A 34 -0.22 -9.78 -2.05
N ASP A 35 -1.25 -10.62 -2.12
CA ASP A 35 -1.06 -12.03 -2.42
C ASP A 35 -1.16 -12.28 -3.92
N CYS A 36 -0.07 -12.75 -4.52
CA CYS A 36 -0.03 -13.03 -5.95
C CYS A 36 -0.16 -14.53 -6.23
N SER A 37 -1.05 -14.89 -7.14
CA SER A 37 -1.26 -16.28 -7.49
C SER A 37 -1.08 -16.50 -8.99
N GLU A 38 -1.97 -15.92 -9.78
CA GLU A 38 -1.92 -16.06 -11.23
C GLU A 38 -1.76 -14.69 -11.89
N ALA A 39 -1.34 -13.70 -11.12
CA ALA A 39 -1.15 -12.35 -11.63
C ALA A 39 -0.03 -12.32 -12.66
N GLY A 40 0.71 -13.41 -12.76
CA GLY A 40 1.80 -13.49 -13.73
C GLY A 40 2.94 -12.55 -13.37
N PRO A 41 3.76 -12.20 -14.38
CA PRO A 41 4.91 -11.31 -14.20
C PRO A 41 4.49 -9.87 -13.90
N GLY A 42 5.46 -8.96 -13.90
CA GLY A 42 5.16 -7.56 -13.63
C GLY A 42 5.72 -7.11 -12.30
N ALA A 43 5.86 -5.79 -12.15
CA ALA A 43 6.38 -5.23 -10.90
C ALA A 43 5.29 -4.47 -10.15
N LEU A 44 5.28 -4.63 -8.83
CA LEU A 44 4.29 -3.96 -7.98
C LEU A 44 4.78 -2.59 -7.55
N GLY A 45 3.89 -1.60 -7.62
CA GLY A 45 4.25 -0.25 -7.22
C GLY A 45 3.07 0.53 -6.69
N LEU A 46 3.21 1.05 -5.47
CA LEU A 46 2.14 1.83 -4.84
C LEU A 46 2.54 3.30 -4.71
N GLU A 47 1.54 4.17 -4.60
CA GLU A 47 1.79 5.59 -4.46
C GLU A 47 0.74 6.24 -3.57
N ALA A 48 1.16 6.65 -2.37
CA ALA A 48 0.25 7.28 -1.42
C ALA A 48 0.37 8.81 -1.49
N VAL A 49 -0.72 9.46 -1.86
CA VAL A 49 -0.74 10.91 -1.96
C VAL A 49 -1.97 11.50 -1.27
N SER A 50 -1.75 12.48 -0.41
CA SER A 50 -2.84 13.12 0.32
C SER A 50 -3.69 13.97 -0.62
N ASP A 51 -4.89 14.32 -0.17
CA ASP A 51 -5.80 15.13 -0.96
C ASP A 51 -5.09 16.37 -1.51
N SER A 52 -4.38 17.06 -0.63
CA SER A 52 -3.66 18.27 -1.02
C SER A 52 -2.51 17.94 -1.96
N GLY A 53 -2.15 16.66 -2.02
CA GLY A 53 -1.06 16.22 -2.87
C GLY A 53 0.24 16.08 -2.13
N THR A 54 0.26 15.20 -1.13
CA THR A 54 1.45 14.97 -0.33
C THR A 54 1.94 13.52 -0.47
N LYS A 55 3.07 13.35 -1.14
CA LYS A 55 3.64 12.03 -1.34
C LYS A 55 4.12 11.43 -0.02
N ALA A 56 3.46 10.36 0.42
CA ALA A 56 3.82 9.69 1.66
C ALA A 56 4.92 8.67 1.44
N GLU A 57 5.65 8.35 2.50
CA GLU A 57 6.73 7.38 2.42
C GLU A 57 6.19 5.96 2.24
N VAL A 58 6.46 5.36 1.10
CA VAL A 58 5.99 4.01 0.82
C VAL A 58 7.16 3.05 0.62
N SER A 59 7.02 1.84 1.15
CA SER A 59 8.07 0.83 1.04
C SER A 59 7.48 -0.54 0.72
N ILE A 60 8.10 -1.24 -0.23
CA ILE A 60 7.64 -2.56 -0.64
C ILE A 60 8.70 -3.61 -0.37
N GLN A 61 8.32 -4.65 0.37
CA GLN A 61 9.23 -5.73 0.71
C GLN A 61 8.95 -6.98 -0.15
N ASN A 62 9.94 -7.41 -0.91
CA ASN A 62 9.80 -8.57 -1.77
C ASN A 62 10.09 -9.86 -1.00
N ASN A 63 9.18 -10.81 -1.08
CA ASN A 63 9.34 -12.09 -0.39
C ASN A 63 9.49 -13.23 -1.39
N LYS A 64 10.14 -14.30 -0.96
CA LYS A 64 10.35 -15.46 -1.81
C LYS A 64 9.27 -16.52 -1.58
N ASP A 65 8.06 -16.05 -1.26
CA ASP A 65 6.94 -16.95 -1.02
C ASP A 65 5.81 -16.70 -2.02
N GLY A 66 5.55 -15.43 -2.29
CA GLY A 66 4.50 -15.09 -3.24
C GLY A 66 3.61 -13.96 -2.72
N THR A 67 4.19 -13.07 -1.93
CA THR A 67 3.45 -11.95 -1.37
C THR A 67 4.33 -10.70 -1.26
N TYR A 68 3.70 -9.56 -1.03
CA TYR A 68 4.43 -8.30 -0.89
C TYR A 68 3.95 -7.52 0.33
N ALA A 69 4.90 -6.97 1.08
CA ALA A 69 4.57 -6.20 2.26
C ALA A 69 4.73 -4.71 2.01
N VAL A 70 3.62 -4.04 1.70
CA VAL A 70 3.63 -2.61 1.43
C VAL A 70 3.21 -1.81 2.66
N THR A 71 3.86 -0.68 2.88
CA THR A 71 3.55 0.18 4.02
C THR A 71 3.69 1.65 3.65
N TYR A 72 2.75 2.46 4.14
CA TYR A 72 2.76 3.89 3.87
C TYR A 72 2.66 4.70 5.16
N VAL A 73 3.55 5.67 5.31
CA VAL A 73 3.56 6.51 6.50
C VAL A 73 3.11 7.93 6.17
N PRO A 74 1.84 8.24 6.46
CA PRO A 74 1.26 9.56 6.21
C PRO A 74 1.83 10.64 7.13
N LEU A 75 2.24 11.76 6.55
CA LEU A 75 2.81 12.86 7.32
C LEU A 75 1.71 13.83 7.76
N THR A 76 0.61 13.85 7.02
CA THR A 76 -0.51 14.72 7.33
C THR A 76 -1.85 14.01 7.14
N ALA A 77 -2.69 14.06 8.15
CA ALA A 77 -4.00 13.42 8.10
C ALA A 77 -4.85 14.02 6.99
N GLY A 78 -5.94 13.33 6.64
CA GLY A 78 -6.81 13.81 5.59
C GLY A 78 -7.12 12.73 4.56
N MET A 79 -7.84 13.11 3.51
CA MET A 79 -8.21 12.18 2.46
C MET A 79 -6.99 11.80 1.62
N TYR A 80 -6.66 10.51 1.60
CA TYR A 80 -5.52 10.02 0.83
C TYR A 80 -5.97 9.28 -0.42
N THR A 81 -5.10 9.24 -1.42
CA THR A 81 -5.41 8.57 -2.67
C THR A 81 -4.38 7.48 -2.99
N LEU A 82 -4.65 6.27 -2.53
CA LEU A 82 -3.75 5.15 -2.75
C LEU A 82 -3.80 4.69 -4.21
N THR A 83 -2.64 4.65 -4.85
CA THR A 83 -2.56 4.23 -6.24
C THR A 83 -1.63 3.04 -6.41
N MET A 84 -2.20 1.88 -6.71
CA MET A 84 -1.42 0.66 -6.89
C MET A 84 -1.57 0.13 -8.31
N LYS A 85 -0.45 0.02 -9.02
CA LYS A 85 -0.45 -0.49 -10.39
C LYS A 85 0.48 -1.68 -10.53
N TYR A 86 -0.08 -2.82 -10.90
CA TYR A 86 0.70 -4.03 -11.09
C TYR A 86 1.02 -4.28 -12.57
N GLY A 87 2.28 -4.10 -12.94
CA GLY A 87 2.69 -4.30 -14.31
C GLY A 87 2.16 -3.22 -15.24
N GLY A 88 1.96 -2.02 -14.70
CA GLY A 88 1.45 -0.92 -15.49
C GLY A 88 -0.06 -0.87 -15.53
N GLU A 89 -0.68 -1.89 -14.94
CA GLU A 89 -2.15 -1.97 -14.91
C GLU A 89 -2.67 -1.85 -13.48
N LEU A 90 -3.58 -0.90 -13.27
CA LEU A 90 -4.16 -0.68 -11.95
C LEU A 90 -4.89 -1.93 -11.45
N VAL A 91 -4.97 -2.07 -10.13
CA VAL A 91 -5.64 -3.22 -9.54
C VAL A 91 -7.09 -2.89 -9.20
N PRO A 92 -7.91 -3.95 -9.03
CA PRO A 92 -9.33 -3.80 -8.71
C PRO A 92 -9.55 -3.26 -7.30
N HIS A 93 -8.46 -2.93 -6.61
CA HIS A 93 -8.53 -2.41 -5.25
C HIS A 93 -8.03 -0.98 -5.19
N PHE A 94 -7.61 -0.45 -6.34
CA PHE A 94 -7.10 0.91 -6.43
C PHE A 94 -7.61 1.61 -7.68
N PRO A 95 -7.71 2.95 -7.62
CA PRO A 95 -7.35 3.70 -6.42
C PRO A 95 -8.32 3.48 -5.26
N ALA A 96 -7.84 3.67 -4.04
CA ALA A 96 -8.67 3.49 -2.86
C ALA A 96 -8.52 4.65 -1.89
N ARG A 97 -9.63 5.31 -1.58
CA ARG A 97 -9.61 6.45 -0.67
C ARG A 97 -9.64 5.98 0.78
N VAL A 98 -8.84 6.62 1.62
CA VAL A 98 -8.76 6.28 3.03
C VAL A 98 -8.64 7.52 3.90
N LYS A 99 -9.37 7.54 5.01
CA LYS A 99 -9.35 8.68 5.93
C LYS A 99 -8.30 8.46 7.02
N VAL A 100 -7.32 9.36 7.07
CA VAL A 100 -6.26 9.28 8.07
C VAL A 100 -6.49 10.26 9.20
N GLU A 101 -6.39 9.77 10.44
CA GLU A 101 -6.60 10.61 11.61
C GLU A 101 -5.28 11.21 12.09
N PRO A 102 -5.37 12.29 12.88
CA PRO A 102 -4.19 12.98 13.42
C PRO A 102 -3.46 12.15 14.47
N ALA A 103 -2.18 12.42 14.64
CA ALA A 103 -1.37 11.69 15.62
C ALA A 103 -1.43 12.36 16.99
N VAL A 104 -2.64 12.70 17.42
CA VAL A 104 -2.84 13.35 18.72
C VAL A 104 -2.31 12.49 19.85
N ASP A 105 -1.43 13.07 20.67
CA ASP A 105 -0.85 12.35 21.79
C ASP A 105 -0.28 11.01 21.34
N THR A 106 0.22 10.97 20.11
CA THR A 106 0.80 9.74 19.57
C THR A 106 2.09 9.37 20.29
N SER A 107 2.56 8.14 20.06
CA SER A 107 3.78 7.66 20.69
C SER A 107 4.94 8.62 20.43
N SER A 108 5.91 8.61 21.34
CA SER A 108 7.08 9.49 21.21
C SER A 108 8.33 8.68 20.88
N GLY A 109 9.40 9.38 20.53
CA GLY A 109 10.65 8.72 20.20
C GLY A 109 11.19 9.14 18.85
N PRO A 110 11.90 10.27 18.82
CA PRO A 110 12.49 10.80 17.59
C PRO A 110 13.65 9.95 17.08
N SER A 111 14.03 10.18 15.83
CA SER A 111 15.13 9.43 15.22
C SER A 111 15.82 10.25 14.14
N SER A 112 17.12 10.48 14.31
CA SER A 112 17.89 11.25 13.36
C SER A 112 17.92 10.57 11.99
N GLY A 113 17.07 11.05 11.09
CA GLY A 113 17.00 10.48 9.75
C GLY A 113 15.62 10.59 9.15
N GLY A 1 12.71 -24.22 -19.03
CA GLY A 1 13.51 -23.59 -18.01
C GLY A 1 12.71 -23.30 -16.74
N SER A 2 12.66 -24.28 -15.84
CA SER A 2 11.93 -24.12 -14.59
C SER A 2 10.55 -23.51 -14.84
N SER A 3 9.84 -24.06 -15.82
CA SER A 3 8.51 -23.58 -16.16
C SER A 3 7.57 -24.73 -16.51
N GLY A 4 6.30 -24.56 -16.20
CA GLY A 4 5.32 -25.60 -16.49
C GLY A 4 3.94 -25.04 -16.77
N SER A 5 3.01 -25.26 -15.85
CA SER A 5 1.65 -24.78 -15.99
C SER A 5 1.64 -23.34 -16.50
N SER A 6 0.70 -23.03 -17.40
CA SER A 6 0.58 -21.69 -17.96
C SER A 6 0.20 -20.69 -16.89
N GLY A 7 0.63 -19.44 -17.06
CA GLY A 7 0.33 -18.40 -16.11
C GLY A 7 0.49 -17.01 -16.68
N PRO A 8 -0.54 -16.53 -17.39
CA PRO A 8 -0.53 -15.20 -18.01
C PRO A 8 -0.59 -14.08 -16.98
N PHE A 9 -0.21 -12.88 -17.40
CA PHE A 9 -0.22 -11.72 -16.51
C PHE A 9 -1.63 -11.15 -16.38
N ASP A 10 -1.97 -10.72 -15.17
CA ASP A 10 -3.28 -10.16 -14.90
C ASP A 10 -3.30 -9.43 -13.56
N PRO A 11 -3.56 -8.12 -13.60
CA PRO A 11 -3.61 -7.27 -12.39
C PRO A 11 -4.83 -7.59 -11.53
N SER A 12 -5.92 -7.98 -12.17
CA SER A 12 -7.15 -8.30 -11.45
C SER A 12 -6.94 -9.50 -10.54
N LYS A 13 -5.99 -10.36 -10.89
CA LYS A 13 -5.70 -11.55 -10.10
C LYS A 13 -5.00 -11.17 -8.79
N VAL A 14 -4.46 -9.95 -8.75
CA VAL A 14 -3.78 -9.47 -7.55
C VAL A 14 -4.78 -9.15 -6.43
N VAL A 15 -4.41 -9.51 -5.20
CA VAL A 15 -5.28 -9.27 -4.05
C VAL A 15 -4.58 -8.38 -3.03
N ALA A 16 -5.25 -7.27 -2.67
CA ALA A 16 -4.69 -6.34 -1.70
C ALA A 16 -5.60 -6.23 -0.47
N SER A 17 -5.02 -6.41 0.70
CA SER A 17 -5.76 -6.32 1.95
C SER A 17 -4.88 -5.81 3.09
N GLY A 18 -5.51 -5.48 4.21
CA GLY A 18 -4.77 -4.98 5.36
C GLY A 18 -5.46 -3.81 6.03
N PRO A 19 -4.95 -3.43 7.20
CA PRO A 19 -5.51 -2.31 7.97
C PRO A 19 -5.26 -0.96 7.31
N GLY A 20 -4.15 -0.86 6.59
CA GLY A 20 -3.82 0.38 5.91
C GLY A 20 -4.87 0.80 4.91
N LEU A 21 -5.49 -0.19 4.26
CA LEU A 21 -6.52 0.09 3.27
C LEU A 21 -7.86 0.38 3.94
N GLU A 22 -7.90 0.23 5.27
CA GLU A 22 -9.12 0.48 6.03
C GLU A 22 -9.06 1.83 6.73
N HIS A 23 -7.87 2.18 7.23
CA HIS A 23 -7.67 3.44 7.93
C HIS A 23 -6.19 3.79 8.00
N GLY A 24 -5.90 5.01 8.47
CA GLY A 24 -4.52 5.45 8.58
C GLY A 24 -4.34 6.50 9.66
N LYS A 25 -3.10 6.66 10.12
CA LYS A 25 -2.79 7.64 11.16
C LYS A 25 -1.48 8.35 10.85
N VAL A 26 -1.48 9.67 11.00
CA VAL A 26 -0.30 10.48 10.75
C VAL A 26 0.92 9.93 11.50
N GLY A 27 1.92 9.49 10.73
CA GLY A 27 3.12 8.95 11.34
C GLY A 27 3.12 7.43 11.37
N GLU A 28 1.92 6.85 11.40
CA GLU A 28 1.79 5.40 11.44
C GLU A 28 2.19 4.78 10.10
N ALA A 29 2.03 3.46 10.00
CA ALA A 29 2.37 2.75 8.77
C ALA A 29 1.20 1.87 8.31
N GLY A 30 0.74 2.12 7.09
CA GLY A 30 -0.37 1.34 6.55
C GLY A 30 0.06 -0.03 6.11
N LEU A 31 -0.16 -1.03 6.97
CA LEU A 31 0.21 -2.40 6.65
C LEU A 31 -0.61 -2.94 5.49
N LEU A 32 0.06 -3.25 4.39
CA LEU A 32 -0.61 -3.77 3.21
C LEU A 32 0.06 -5.05 2.72
N SER A 33 -0.75 -6.06 2.43
CA SER A 33 -0.25 -7.35 1.96
C SER A 33 -0.85 -7.72 0.62
N VAL A 34 0.00 -7.94 -0.38
CA VAL A 34 -0.46 -8.30 -1.72
C VAL A 34 -0.25 -9.79 -1.98
N ASP A 35 -1.28 -10.44 -2.51
CA ASP A 35 -1.20 -11.87 -2.81
C ASP A 35 -1.39 -12.11 -4.31
N CYS A 36 -0.28 -12.41 -4.98
CA CYS A 36 -0.31 -12.66 -6.42
C CYS A 36 -0.31 -14.16 -6.71
N SER A 37 -1.40 -14.63 -7.32
CA SER A 37 -1.54 -16.04 -7.65
C SER A 37 -1.26 -16.29 -9.13
N GLU A 38 -2.08 -15.69 -9.99
CA GLU A 38 -1.92 -15.84 -11.43
C GLU A 38 -1.67 -14.49 -12.09
N ALA A 39 -1.24 -13.52 -11.30
CA ALA A 39 -0.96 -12.18 -11.81
C ALA A 39 0.20 -12.21 -12.80
N GLY A 40 0.91 -13.33 -12.84
CA GLY A 40 2.03 -13.46 -13.75
C GLY A 40 3.15 -12.48 -13.43
N PRO A 41 3.95 -12.13 -14.45
CA PRO A 41 5.06 -11.19 -14.30
C PRO A 41 4.59 -9.76 -14.03
N GLY A 42 5.50 -8.80 -14.18
CA GLY A 42 5.16 -7.42 -13.95
C GLY A 42 5.71 -6.89 -12.64
N ALA A 43 5.99 -5.59 -12.59
CA ALA A 43 6.52 -4.97 -11.38
C ALA A 43 5.41 -4.28 -10.58
N LEU A 44 5.48 -4.39 -9.27
CA LEU A 44 4.49 -3.78 -8.39
C LEU A 44 4.95 -2.41 -7.92
N GLY A 45 4.00 -1.49 -7.75
CA GLY A 45 4.33 -0.16 -7.30
C GLY A 45 3.13 0.58 -6.74
N LEU A 46 3.32 1.25 -5.61
CA LEU A 46 2.25 2.00 -4.97
C LEU A 46 2.59 3.47 -4.87
N GLU A 47 1.57 4.32 -4.84
CA GLU A 47 1.76 5.76 -4.75
C GLU A 47 0.74 6.39 -3.80
N ALA A 48 1.22 6.87 -2.65
CA ALA A 48 0.35 7.49 -1.67
C ALA A 48 0.40 9.01 -1.78
N VAL A 49 -0.78 9.63 -1.92
CA VAL A 49 -0.87 11.08 -2.04
C VAL A 49 -2.08 11.61 -1.28
N SER A 50 -1.87 12.67 -0.51
CA SER A 50 -2.94 13.28 0.26
C SER A 50 -3.82 14.16 -0.62
N ASP A 51 -5.03 14.44 -0.16
CA ASP A 51 -5.97 15.26 -0.90
C ASP A 51 -5.29 16.52 -1.42
N SER A 52 -4.53 17.18 -0.54
CA SER A 52 -3.83 18.41 -0.91
C SER A 52 -2.70 18.11 -1.88
N GLY A 53 -2.18 16.88 -1.84
CA GLY A 53 -1.10 16.49 -2.72
C GLY A 53 0.19 16.26 -1.98
N THR A 54 0.15 15.42 -0.96
CA THR A 54 1.33 15.12 -0.16
C THR A 54 1.80 13.69 -0.40
N LYS A 55 3.00 13.55 -0.93
CA LYS A 55 3.57 12.23 -1.21
C LYS A 55 4.11 11.60 0.06
N ALA A 56 3.44 10.56 0.54
CA ALA A 56 3.86 9.86 1.75
C ALA A 56 5.00 8.90 1.46
N GLU A 57 5.59 8.34 2.52
CA GLU A 57 6.70 7.40 2.37
C GLU A 57 6.17 5.99 2.10
N VAL A 58 6.46 5.47 0.92
CA VAL A 58 6.02 4.14 0.53
C VAL A 58 7.21 3.21 0.33
N SER A 59 7.04 1.95 0.71
CA SER A 59 8.11 0.96 0.56
C SER A 59 7.53 -0.42 0.26
N ILE A 60 8.05 -1.05 -0.80
CA ILE A 60 7.58 -2.37 -1.20
C ILE A 60 8.67 -3.42 -0.99
N GLN A 61 8.28 -4.53 -0.36
CA GLN A 61 9.23 -5.62 -0.10
C GLN A 61 8.68 -6.95 -0.61
N ASN A 62 9.59 -7.87 -0.93
CA ASN A 62 9.19 -9.18 -1.43
C ASN A 62 9.25 -10.22 -0.32
N ASN A 63 8.49 -11.31 -0.49
CA ASN A 63 8.46 -12.37 0.49
C ASN A 63 8.60 -13.74 -0.18
N LYS A 64 9.00 -14.74 0.60
CA LYS A 64 9.18 -16.09 0.08
C LYS A 64 7.84 -16.70 -0.32
N ASP A 65 6.76 -16.10 0.17
CA ASP A 65 5.41 -16.59 -0.14
C ASP A 65 4.92 -16.00 -1.45
N GLY A 66 5.74 -15.14 -2.06
CA GLY A 66 5.35 -14.52 -3.32
C GLY A 66 4.51 -13.28 -3.12
N THR A 67 4.34 -12.87 -1.86
CA THR A 67 3.55 -11.70 -1.53
C THR A 67 4.42 -10.46 -1.43
N TYR A 68 3.80 -9.28 -1.48
CA TYR A 68 4.53 -8.02 -1.40
C TYR A 68 4.10 -7.22 -0.18
N ALA A 69 5.07 -6.80 0.63
CA ALA A 69 4.79 -6.02 1.82
C ALA A 69 4.80 -4.53 1.52
N VAL A 70 3.62 -3.98 1.26
CA VAL A 70 3.50 -2.55 0.96
C VAL A 70 3.10 -1.76 2.19
N THR A 71 3.73 -0.60 2.38
CA THR A 71 3.44 0.25 3.52
C THR A 71 3.49 1.72 3.14
N TYR A 72 2.78 2.55 3.90
CA TYR A 72 2.73 3.98 3.63
C TYR A 72 2.63 4.77 4.94
N VAL A 73 3.49 5.77 5.07
CA VAL A 73 3.51 6.61 6.27
C VAL A 73 3.01 8.01 5.96
N PRO A 74 1.74 8.28 6.29
CA PRO A 74 1.11 9.59 6.06
C PRO A 74 1.68 10.67 6.97
N LEU A 75 2.19 11.74 6.37
CA LEU A 75 2.76 12.84 7.12
C LEU A 75 1.66 13.79 7.62
N THR A 76 0.69 14.06 6.75
CA THR A 76 -0.41 14.95 7.10
C THR A 76 -1.74 14.20 7.09
N ALA A 77 -2.50 14.34 8.18
CA ALA A 77 -3.79 13.68 8.29
C ALA A 77 -4.76 14.20 7.24
N GLY A 78 -5.69 13.34 6.82
CA GLY A 78 -6.66 13.73 5.81
C GLY A 78 -7.00 12.59 4.86
N MET A 79 -7.76 12.90 3.81
CA MET A 79 -8.16 11.90 2.83
C MET A 79 -7.00 11.56 1.90
N TYR A 80 -6.50 10.33 2.00
CA TYR A 80 -5.39 9.89 1.17
C TYR A 80 -5.90 9.12 -0.05
N THR A 81 -5.10 9.11 -1.11
CA THR A 81 -5.46 8.41 -2.34
C THR A 81 -4.44 7.35 -2.70
N LEU A 82 -4.68 6.13 -2.25
CA LEU A 82 -3.78 5.01 -2.53
C LEU A 82 -3.89 4.56 -3.98
N THR A 83 -2.75 4.48 -4.66
CA THR A 83 -2.73 4.06 -6.05
C THR A 83 -1.62 3.03 -6.29
N MET A 84 -2.02 1.81 -6.64
CA MET A 84 -1.08 0.74 -6.90
C MET A 84 -1.26 0.17 -8.30
N LYS A 85 -0.16 0.06 -9.05
CA LYS A 85 -0.21 -0.46 -10.40
C LYS A 85 0.69 -1.70 -10.55
N TYR A 86 0.10 -2.80 -10.97
CA TYR A 86 0.85 -4.04 -11.14
C TYR A 86 1.09 -4.32 -12.62
N GLY A 87 2.34 -4.15 -13.05
CA GLY A 87 2.69 -4.39 -14.44
C GLY A 87 2.14 -3.33 -15.37
N GLY A 88 1.99 -2.12 -14.85
CA GLY A 88 1.47 -1.02 -15.66
C GLY A 88 -0.03 -0.97 -15.67
N GLU A 89 -0.66 -1.93 -14.99
CA GLU A 89 -2.12 -1.99 -14.92
C GLU A 89 -2.60 -1.84 -13.48
N LEU A 90 -3.54 -0.92 -13.27
CA LEU A 90 -4.09 -0.69 -11.94
C LEU A 90 -4.73 -1.95 -11.38
N VAL A 91 -4.72 -2.07 -10.06
CA VAL A 91 -5.31 -3.23 -9.39
C VAL A 91 -6.77 -2.98 -9.02
N PRO A 92 -7.51 -4.06 -8.79
CA PRO A 92 -8.93 -3.98 -8.41
C PRO A 92 -9.13 -3.42 -7.01
N HIS A 93 -8.03 -3.03 -6.38
CA HIS A 93 -8.10 -2.47 -5.03
C HIS A 93 -7.59 -1.03 -5.02
N PHE A 94 -7.45 -0.45 -6.20
CA PHE A 94 -6.97 0.93 -6.32
C PHE A 94 -7.51 1.58 -7.59
N PRO A 95 -7.65 2.91 -7.56
CA PRO A 95 -7.32 3.71 -6.38
C PRO A 95 -8.28 3.48 -5.22
N ALA A 96 -7.78 3.62 -4.00
CA ALA A 96 -8.61 3.43 -2.81
C ALA A 96 -8.46 4.61 -1.85
N ARG A 97 -9.59 5.13 -1.38
CA ARG A 97 -9.57 6.25 -0.45
C ARG A 97 -9.64 5.77 0.99
N VAL A 98 -8.82 6.34 1.85
CA VAL A 98 -8.78 5.97 3.26
C VAL A 98 -8.67 7.19 4.16
N LYS A 99 -9.61 7.34 5.08
CA LYS A 99 -9.62 8.47 6.00
C LYS A 99 -8.57 8.29 7.09
N VAL A 100 -7.60 9.20 7.12
CA VAL A 100 -6.53 9.14 8.11
C VAL A 100 -6.76 10.15 9.22
N GLU A 101 -6.58 9.71 10.47
CA GLU A 101 -6.77 10.59 11.62
C GLU A 101 -5.44 11.17 12.09
N PRO A 102 -5.50 12.33 12.76
CA PRO A 102 -4.31 13.01 13.26
C PRO A 102 -3.67 12.27 14.44
N ALA A 103 -2.38 12.51 14.66
CA ALA A 103 -1.66 11.87 15.74
C ALA A 103 -1.89 12.59 17.06
N VAL A 104 -3.16 12.86 17.36
CA VAL A 104 -3.53 13.54 18.60
C VAL A 104 -3.28 12.66 19.81
N ASP A 105 -2.94 11.40 19.56
CA ASP A 105 -2.68 10.43 20.62
C ASP A 105 -1.27 10.62 21.19
N THR A 106 -0.28 10.67 20.31
CA THR A 106 1.10 10.84 20.72
C THR A 106 1.53 12.30 20.62
N SER A 107 2.16 12.81 21.68
CA SER A 107 2.61 14.19 21.71
C SER A 107 4.12 14.26 21.52
N SER A 108 4.63 13.51 20.56
CA SER A 108 6.06 13.49 20.27
C SER A 108 6.47 14.73 19.48
N GLY A 109 7.69 15.19 19.72
CA GLY A 109 8.19 16.37 19.03
C GLY A 109 9.54 16.84 19.55
N PRO A 110 9.55 17.30 20.81
CA PRO A 110 10.78 17.79 21.46
C PRO A 110 11.76 16.66 21.76
N SER A 111 11.25 15.43 21.78
CA SER A 111 12.08 14.26 22.05
C SER A 111 12.20 13.38 20.82
N SER A 112 13.42 13.25 20.31
CA SER A 112 13.67 12.42 19.12
C SER A 112 14.28 11.08 19.51
N GLY A 113 13.59 10.01 19.15
CA GLY A 113 14.08 8.67 19.48
C GLY A 113 13.71 7.65 18.42
N GLY A 1 11.88 -14.18 -20.55
CA GLY A 1 10.52 -14.23 -20.05
C GLY A 1 10.44 -14.78 -18.64
N SER A 2 9.53 -14.23 -17.85
CA SER A 2 9.35 -14.68 -16.47
C SER A 2 7.95 -15.22 -16.26
N SER A 3 7.76 -16.50 -16.61
CA SER A 3 6.46 -17.15 -16.46
C SER A 3 6.06 -17.22 -14.98
N GLY A 4 4.75 -17.20 -14.73
CA GLY A 4 4.26 -17.27 -13.37
C GLY A 4 3.18 -18.32 -13.19
N SER A 5 3.59 -19.52 -12.81
CA SER A 5 2.65 -20.63 -12.60
C SER A 5 1.93 -20.96 -13.91
N SER A 6 2.65 -20.88 -15.02
CA SER A 6 2.10 -21.18 -16.33
C SER A 6 0.82 -20.37 -16.57
N GLY A 7 0.86 -19.10 -16.18
CA GLY A 7 -0.30 -18.23 -16.37
C GLY A 7 0.08 -16.85 -16.86
N PRO A 8 -0.77 -16.27 -17.71
CA PRO A 8 -0.53 -14.94 -18.28
C PRO A 8 -0.68 -13.83 -17.24
N PHE A 9 -0.02 -12.71 -17.49
CA PHE A 9 -0.08 -11.57 -16.58
C PHE A 9 -1.50 -11.05 -16.44
N ASP A 10 -1.90 -10.74 -15.20
CA ASP A 10 -3.24 -10.24 -14.93
C ASP A 10 -3.29 -9.51 -13.60
N PRO A 11 -3.53 -8.19 -13.66
CA PRO A 11 -3.61 -7.34 -12.46
C PRO A 11 -4.85 -7.64 -11.62
N SER A 12 -5.87 -8.20 -12.26
CA SER A 12 -7.12 -8.53 -11.57
C SER A 12 -6.90 -9.67 -10.58
N LYS A 13 -5.89 -10.49 -10.84
CA LYS A 13 -5.58 -11.62 -9.98
C LYS A 13 -4.93 -11.16 -8.68
N VAL A 14 -4.29 -10.00 -8.73
CA VAL A 14 -3.63 -9.44 -7.56
C VAL A 14 -4.64 -9.00 -6.50
N VAL A 15 -4.45 -9.48 -5.28
CA VAL A 15 -5.35 -9.14 -4.18
C VAL A 15 -4.63 -8.36 -3.09
N ALA A 16 -5.13 -7.18 -2.77
CA ALA A 16 -4.53 -6.34 -1.75
C ALA A 16 -5.51 -6.09 -0.60
N SER A 17 -5.01 -6.21 0.64
CA SER A 17 -5.83 -6.00 1.82
C SER A 17 -4.99 -5.52 2.99
N GLY A 18 -5.65 -5.28 4.12
CA GLY A 18 -4.94 -4.82 5.30
C GLY A 18 -5.62 -3.64 5.97
N PRO A 19 -5.15 -3.28 7.17
CA PRO A 19 -5.71 -2.16 7.94
C PRO A 19 -5.40 -0.82 7.30
N GLY A 20 -4.29 -0.75 6.57
CA GLY A 20 -3.90 0.48 5.92
C GLY A 20 -4.90 0.95 4.90
N LEU A 21 -5.58 0.00 4.26
CA LEU A 21 -6.59 0.32 3.26
C LEU A 21 -7.94 0.62 3.91
N GLU A 22 -8.00 0.46 5.22
CA GLU A 22 -9.23 0.73 5.96
C GLU A 22 -9.14 2.04 6.74
N HIS A 23 -7.92 2.37 7.16
CA HIS A 23 -7.70 3.60 7.92
C HIS A 23 -6.21 3.81 8.18
N GLY A 24 -5.85 5.01 8.60
CA GLY A 24 -4.46 5.33 8.87
C GLY A 24 -4.30 6.41 9.92
N LYS A 25 -3.05 6.71 10.28
CA LYS A 25 -2.77 7.74 11.27
C LYS A 25 -1.46 8.45 10.96
N VAL A 26 -1.44 9.76 11.17
CA VAL A 26 -0.25 10.56 10.91
C VAL A 26 0.95 10.03 11.68
N GLY A 27 1.97 9.57 10.94
CA GLY A 27 3.17 9.04 11.57
C GLY A 27 3.15 7.53 11.64
N GLU A 28 1.96 6.94 11.55
CA GLU A 28 1.81 5.49 11.61
C GLU A 28 2.14 4.85 10.26
N ALA A 29 2.03 3.53 10.19
CA ALA A 29 2.31 2.80 8.97
C ALA A 29 1.11 1.95 8.55
N GLY A 30 0.69 2.10 7.30
CA GLY A 30 -0.44 1.33 6.80
C GLY A 30 -0.04 -0.06 6.33
N LEU A 31 -0.27 -1.05 7.19
CA LEU A 31 0.07 -2.43 6.85
C LEU A 31 -0.74 -2.92 5.66
N LEU A 32 -0.04 -3.25 4.58
CA LEU A 32 -0.69 -3.73 3.36
C LEU A 32 -0.02 -5.01 2.85
N SER A 33 -0.84 -5.99 2.49
CA SER A 33 -0.32 -7.27 1.99
C SER A 33 -0.95 -7.62 0.65
N VAL A 34 -0.11 -7.82 -0.36
CA VAL A 34 -0.59 -8.16 -1.69
C VAL A 34 -0.39 -9.64 -1.98
N ASP A 35 -1.49 -10.39 -2.05
CA ASP A 35 -1.44 -11.82 -2.32
C ASP A 35 -1.66 -12.10 -3.81
N CYS A 36 -0.59 -12.45 -4.50
CA CYS A 36 -0.66 -12.74 -5.93
C CYS A 36 -0.78 -14.25 -6.17
N SER A 37 -1.49 -14.61 -7.23
CA SER A 37 -1.68 -16.02 -7.57
C SER A 37 -1.41 -16.27 -9.05
N GLU A 38 -2.17 -15.61 -9.91
CA GLU A 38 -2.01 -15.75 -11.35
C GLU A 38 -1.72 -14.41 -12.01
N ALA A 39 -1.17 -13.49 -11.23
CA ALA A 39 -0.85 -12.16 -11.73
C ALA A 39 0.35 -12.19 -12.68
N GLY A 40 0.86 -13.40 -12.92
CA GLY A 40 2.00 -13.56 -13.81
C GLY A 40 3.13 -12.60 -13.48
N PRO A 41 3.96 -12.30 -14.48
CA PRO A 41 5.10 -11.38 -14.32
C PRO A 41 4.65 -9.94 -14.12
N GLY A 42 5.62 -9.03 -14.06
CA GLY A 42 5.31 -7.63 -13.88
C GLY A 42 5.90 -7.06 -12.60
N ALA A 43 5.85 -5.74 -12.45
CA ALA A 43 6.39 -5.09 -11.26
C ALA A 43 5.30 -4.38 -10.48
N LEU A 44 5.36 -4.48 -9.16
CA LEU A 44 4.37 -3.85 -8.29
C LEU A 44 4.86 -2.49 -7.81
N GLY A 45 3.94 -1.52 -7.77
CA GLY A 45 4.29 -0.18 -7.34
C GLY A 45 3.10 0.58 -6.79
N LEU A 46 3.24 1.08 -5.56
CA LEU A 46 2.17 1.84 -4.91
C LEU A 46 2.56 3.30 -4.74
N GLU A 47 1.58 4.18 -4.86
CA GLU A 47 1.82 5.62 -4.71
C GLU A 47 0.77 6.25 -3.80
N ALA A 48 1.19 6.61 -2.59
CA ALA A 48 0.29 7.23 -1.62
C ALA A 48 0.44 8.75 -1.63
N VAL A 49 -0.65 9.44 -1.93
CA VAL A 49 -0.63 10.90 -1.97
C VAL A 49 -1.94 11.48 -1.44
N SER A 50 -1.84 12.59 -0.71
CA SER A 50 -3.01 13.23 -0.14
C SER A 50 -3.53 14.32 -1.08
N ASP A 51 -4.81 14.69 -0.91
CA ASP A 51 -5.42 15.72 -1.74
C ASP A 51 -4.51 16.94 -1.85
N SER A 52 -3.60 17.08 -0.89
CA SER A 52 -2.68 18.21 -0.89
C SER A 52 -1.49 17.94 -1.79
N GLY A 53 -1.62 16.94 -2.67
CA GLY A 53 -0.55 16.60 -3.57
C GLY A 53 0.73 16.22 -2.86
N THR A 54 0.59 15.63 -1.68
CA THR A 54 1.75 15.22 -0.88
C THR A 54 1.91 13.70 -0.89
N LYS A 55 2.96 13.23 -1.54
CA LYS A 55 3.23 11.79 -1.61
C LYS A 55 3.88 11.30 -0.32
N ALA A 56 3.19 10.39 0.37
CA ALA A 56 3.70 9.83 1.62
C ALA A 56 4.77 8.79 1.35
N GLU A 57 5.58 8.51 2.37
CA GLU A 57 6.65 7.53 2.24
C GLU A 57 6.09 6.12 2.07
N VAL A 58 6.44 5.48 0.95
CA VAL A 58 5.97 4.13 0.66
C VAL A 58 7.14 3.17 0.45
N SER A 59 6.96 1.93 0.87
CA SER A 59 8.00 0.91 0.73
C SER A 59 7.40 -0.44 0.39
N ILE A 60 8.15 -1.25 -0.34
CA ILE A 60 7.69 -2.58 -0.73
C ILE A 60 8.68 -3.66 -0.29
N GLN A 61 8.14 -4.73 0.28
CA GLN A 61 8.98 -5.84 0.76
C GLN A 61 8.74 -7.09 -0.08
N ASN A 62 9.79 -7.56 -0.75
CA ASN A 62 9.69 -8.76 -1.58
C ASN A 62 9.98 -10.01 -0.76
N ASN A 63 9.05 -10.96 -0.81
CA ASN A 63 9.20 -12.21 -0.09
C ASN A 63 9.29 -13.40 -1.04
N LYS A 64 9.96 -14.46 -0.59
CA LYS A 64 10.12 -15.66 -1.41
C LYS A 64 8.97 -16.64 -1.17
N ASP A 65 7.76 -16.12 -1.07
CA ASP A 65 6.58 -16.94 -0.83
C ASP A 65 5.52 -16.70 -1.91
N GLY A 66 5.30 -15.43 -2.23
CA GLY A 66 4.31 -15.07 -3.23
C GLY A 66 3.42 -13.93 -2.79
N THR A 67 3.99 -13.00 -2.03
CA THR A 67 3.25 -11.85 -1.54
C THR A 67 4.15 -10.63 -1.39
N TYR A 68 3.54 -9.46 -1.19
CA TYR A 68 4.29 -8.22 -1.04
C TYR A 68 3.79 -7.44 0.17
N ALA A 69 4.73 -6.92 0.95
CA ALA A 69 4.39 -6.14 2.13
C ALA A 69 4.51 -4.64 1.86
N VAL A 70 3.39 -4.01 1.54
CA VAL A 70 3.37 -2.57 1.26
C VAL A 70 3.01 -1.78 2.50
N THR A 71 3.64 -0.61 2.66
CA THR A 71 3.38 0.25 3.81
C THR A 71 3.48 1.71 3.43
N TYR A 72 2.77 2.56 4.16
CA TYR A 72 2.77 4.00 3.90
C TYR A 72 2.67 4.79 5.20
N VAL A 73 3.50 5.83 5.31
CA VAL A 73 3.52 6.67 6.50
C VAL A 73 3.05 8.09 6.17
N PRO A 74 1.79 8.39 6.48
CA PRO A 74 1.21 9.72 6.22
C PRO A 74 1.79 10.79 7.14
N LEU A 75 2.43 11.79 6.53
CA LEU A 75 3.03 12.88 7.30
C LEU A 75 1.97 13.86 7.78
N THR A 76 0.81 13.84 7.12
CA THR A 76 -0.28 14.73 7.48
C THR A 76 -1.62 14.00 7.40
N ALA A 77 -2.55 14.39 8.27
CA ALA A 77 -3.88 13.78 8.29
C ALA A 77 -4.74 14.28 7.13
N GLY A 78 -5.77 13.51 6.80
CA GLY A 78 -6.65 13.89 5.71
C GLY A 78 -6.95 12.73 4.78
N MET A 79 -7.76 13.00 3.75
CA MET A 79 -8.12 11.96 2.79
C MET A 79 -6.95 11.63 1.88
N TYR A 80 -6.51 10.38 1.91
CA TYR A 80 -5.39 9.93 1.08
C TYR A 80 -5.89 9.21 -0.15
N THR A 81 -5.02 9.11 -1.16
CA THR A 81 -5.37 8.43 -2.41
C THR A 81 -4.34 7.37 -2.77
N LEU A 82 -4.61 6.13 -2.38
CA LEU A 82 -3.71 5.03 -2.66
C LEU A 82 -3.81 4.60 -4.12
N THR A 83 -2.67 4.58 -4.81
CA THR A 83 -2.63 4.19 -6.21
C THR A 83 -1.65 3.05 -6.44
N MET A 84 -2.19 1.86 -6.66
CA MET A 84 -1.36 0.68 -6.90
C MET A 84 -1.46 0.22 -8.35
N LYS A 85 -0.30 0.04 -8.98
CA LYS A 85 -0.24 -0.39 -10.37
C LYS A 85 0.63 -1.62 -10.53
N TYR A 86 0.04 -2.72 -11.01
CA TYR A 86 0.78 -3.96 -11.21
C TYR A 86 0.96 -4.25 -12.69
N GLY A 87 2.22 -4.19 -13.15
CA GLY A 87 2.50 -4.46 -14.54
C GLY A 87 1.93 -3.41 -15.47
N GLY A 88 1.99 -2.15 -15.04
CA GLY A 88 1.47 -1.06 -15.84
C GLY A 88 -0.05 -1.06 -15.90
N GLU A 89 -0.67 -1.91 -15.09
CA GLU A 89 -2.12 -2.00 -15.05
C GLU A 89 -2.64 -1.86 -13.62
N LEU A 90 -3.65 -1.00 -13.44
CA LEU A 90 -4.23 -0.77 -12.13
C LEU A 90 -4.85 -2.05 -11.58
N VAL A 91 -4.98 -2.12 -10.25
CA VAL A 91 -5.56 -3.28 -9.60
C VAL A 91 -6.99 -3.02 -9.19
N PRO A 92 -7.75 -4.10 -8.96
CA PRO A 92 -9.16 -4.02 -8.55
C PRO A 92 -9.32 -3.48 -7.13
N HIS A 93 -8.21 -3.12 -6.51
CA HIS A 93 -8.22 -2.58 -5.15
C HIS A 93 -7.66 -1.17 -5.12
N PHE A 94 -7.59 -0.54 -6.27
CA PHE A 94 -7.06 0.83 -6.37
C PHE A 94 -7.58 1.52 -7.63
N PRO A 95 -7.67 2.86 -7.57
CA PRO A 95 -7.31 3.62 -6.37
C PRO A 95 -8.28 3.40 -5.23
N ALA A 96 -7.79 3.53 -4.00
CA ALA A 96 -8.62 3.35 -2.81
C ALA A 96 -8.36 4.45 -1.78
N ARG A 97 -9.38 5.28 -1.56
CA ARG A 97 -9.25 6.38 -0.60
C ARG A 97 -9.38 5.86 0.84
N VAL A 98 -8.62 6.46 1.75
CA VAL A 98 -8.66 6.07 3.14
C VAL A 98 -8.49 7.28 4.06
N LYS A 99 -9.54 7.60 4.81
CA LYS A 99 -9.51 8.73 5.73
C LYS A 99 -8.53 8.49 6.86
N VAL A 100 -7.45 9.25 6.90
CA VAL A 100 -6.44 9.12 7.94
C VAL A 100 -6.70 10.10 9.08
N GLU A 101 -6.54 9.63 10.31
CA GLU A 101 -6.76 10.46 11.49
C GLU A 101 -5.43 11.04 11.99
N PRO A 102 -5.52 12.11 12.78
CA PRO A 102 -4.34 12.79 13.34
C PRO A 102 -3.65 11.95 14.41
N ALA A 103 -2.49 12.40 14.84
CA ALA A 103 -1.72 11.69 15.87
C ALA A 103 -1.77 12.44 17.19
N VAL A 104 -2.97 12.79 17.64
CA VAL A 104 -3.15 13.50 18.90
C VAL A 104 -3.80 12.61 19.95
N ASP A 105 -4.20 11.41 19.53
CA ASP A 105 -4.84 10.46 20.44
C ASP A 105 -3.98 10.24 21.68
N THR A 106 -2.71 9.93 21.47
CA THR A 106 -1.79 9.70 22.57
C THR A 106 -1.00 10.96 22.91
N SER A 107 -1.35 11.59 24.03
CA SER A 107 -0.69 12.80 24.47
C SER A 107 0.83 12.67 24.32
N SER A 108 1.37 11.58 24.84
CA SER A 108 2.81 11.33 24.78
C SER A 108 3.10 9.89 24.41
N GLY A 109 3.77 9.69 23.28
CA GLY A 109 4.10 8.35 22.83
C GLY A 109 5.59 8.12 22.72
N PRO A 110 6.13 8.30 21.51
CA PRO A 110 7.56 8.12 21.23
C PRO A 110 8.41 9.21 21.89
N SER A 111 9.58 8.82 22.37
CA SER A 111 10.49 9.76 23.02
C SER A 111 11.86 9.12 23.24
N SER A 112 12.90 9.89 22.96
CA SER A 112 14.27 9.41 23.11
C SER A 112 14.37 7.94 22.73
N GLY A 113 13.74 7.57 21.63
CA GLY A 113 13.77 6.19 21.18
C GLY A 113 12.94 5.97 19.93
N GLY A 1 1.13 -29.52 -7.82
CA GLY A 1 1.42 -28.51 -8.82
C GLY A 1 2.68 -28.81 -9.62
N SER A 2 2.69 -28.41 -10.89
CA SER A 2 3.84 -28.64 -11.75
C SER A 2 4.85 -27.52 -11.62
N SER A 3 6.09 -27.80 -12.00
CA SER A 3 7.17 -26.82 -11.92
C SER A 3 7.23 -25.97 -13.19
N GLY A 4 7.29 -24.66 -13.02
CA GLY A 4 7.35 -23.76 -14.15
C GLY A 4 5.98 -23.24 -14.55
N SER A 5 5.69 -21.99 -14.18
CA SER A 5 4.41 -21.37 -14.49
C SER A 5 4.53 -20.45 -15.69
N SER A 6 3.57 -20.53 -16.60
CA SER A 6 3.57 -19.70 -17.80
C SER A 6 2.20 -19.05 -18.01
N GLY A 7 1.63 -18.52 -16.93
CA GLY A 7 0.34 -17.87 -17.01
C GLY A 7 0.44 -16.44 -17.51
N PRO A 8 -0.65 -15.96 -18.13
CA PRO A 8 -0.70 -14.60 -18.68
C PRO A 8 -0.76 -13.54 -17.58
N PHE A 9 -0.32 -12.33 -17.91
CA PHE A 9 -0.31 -11.24 -16.95
C PHE A 9 -1.73 -10.73 -16.70
N ASP A 10 -2.03 -10.46 -15.43
CA ASP A 10 -3.35 -9.96 -15.04
C ASP A 10 -3.32 -9.38 -13.63
N PRO A 11 -3.52 -8.05 -13.53
CA PRO A 11 -3.52 -7.34 -12.25
C PRO A 11 -4.74 -7.70 -11.41
N SER A 12 -5.75 -8.29 -12.03
CA SER A 12 -6.97 -8.68 -11.33
C SER A 12 -6.69 -9.76 -10.30
N LYS A 13 -5.77 -10.67 -10.63
CA LYS A 13 -5.40 -11.75 -9.74
C LYS A 13 -4.80 -11.22 -8.44
N VAL A 14 -4.18 -10.04 -8.53
CA VAL A 14 -3.56 -9.42 -7.36
C VAL A 14 -4.60 -9.11 -6.29
N VAL A 15 -4.35 -9.59 -5.07
CA VAL A 15 -5.26 -9.34 -3.96
C VAL A 15 -4.59 -8.55 -2.86
N ALA A 16 -5.03 -7.31 -2.68
CA ALA A 16 -4.47 -6.43 -1.66
C ALA A 16 -5.46 -6.20 -0.53
N SER A 17 -4.97 -6.23 0.71
CA SER A 17 -5.83 -6.02 1.87
C SER A 17 -5.00 -5.54 3.06
N GLY A 18 -5.69 -5.30 4.18
CA GLY A 18 -5.01 -4.83 5.37
C GLY A 18 -5.70 -3.63 6.00
N PRO A 19 -5.21 -3.21 7.18
CA PRO A 19 -5.77 -2.07 7.91
C PRO A 19 -5.49 -0.74 7.21
N GLY A 20 -4.33 -0.66 6.55
CA GLY A 20 -3.96 0.56 5.86
C GLY A 20 -5.00 0.98 4.84
N LEU A 21 -5.66 0.01 4.22
CA LEU A 21 -6.68 0.29 3.22
C LEU A 21 -8.03 0.59 3.89
N GLU A 22 -8.04 0.58 5.22
CA GLU A 22 -9.24 0.85 5.98
C GLU A 22 -9.14 2.18 6.71
N HIS A 23 -7.94 2.52 7.15
CA HIS A 23 -7.70 3.76 7.87
C HIS A 23 -6.20 3.99 8.08
N GLY A 24 -5.84 5.23 8.40
CA GLY A 24 -4.44 5.56 8.63
C GLY A 24 -4.26 6.62 9.69
N LYS A 25 -3.03 6.79 10.15
CA LYS A 25 -2.72 7.78 11.18
C LYS A 25 -1.35 8.41 10.93
N VAL A 26 -1.30 9.74 11.06
CA VAL A 26 -0.05 10.47 10.85
C VAL A 26 1.09 9.84 11.64
N GLY A 27 2.09 9.32 10.92
CA GLY A 27 3.23 8.70 11.56
C GLY A 27 3.13 7.20 11.57
N GLU A 28 1.91 6.68 11.55
CA GLU A 28 1.69 5.23 11.57
C GLU A 28 2.10 4.62 10.22
N ALA A 29 1.87 3.31 10.08
CA ALA A 29 2.21 2.61 8.86
C ALA A 29 1.04 1.78 8.36
N GLY A 30 0.65 1.99 7.11
CA GLY A 30 -0.47 1.25 6.54
C GLY A 30 -0.08 -0.15 6.12
N LEU A 31 -0.36 -1.12 6.98
CA LEU A 31 -0.04 -2.52 6.69
C LEU A 31 -0.85 -3.04 5.52
N LEU A 32 -0.15 -3.45 4.46
CA LEU A 32 -0.81 -3.97 3.27
C LEU A 32 -0.13 -5.25 2.79
N SER A 33 -0.93 -6.28 2.54
CA SER A 33 -0.40 -7.56 2.08
C SER A 33 -0.98 -7.92 0.72
N VAL A 34 -0.10 -8.16 -0.25
CA VAL A 34 -0.52 -8.52 -1.60
C VAL A 34 -0.13 -9.95 -1.93
N ASP A 35 -1.07 -10.70 -2.50
CA ASP A 35 -0.83 -12.09 -2.87
C ASP A 35 -0.76 -12.24 -4.39
N CYS A 36 0.45 -12.24 -4.93
CA CYS A 36 0.66 -12.39 -6.36
C CYS A 36 1.13 -13.80 -6.71
N SER A 37 0.26 -14.55 -7.36
CA SER A 37 0.58 -15.93 -7.75
C SER A 37 0.28 -16.15 -9.23
N GLU A 38 -0.99 -16.02 -9.60
CA GLU A 38 -1.40 -16.22 -10.98
C GLU A 38 -1.32 -14.91 -11.76
N ALA A 39 -1.24 -13.80 -11.03
CA ALA A 39 -1.15 -12.48 -11.66
C ALA A 39 -0.19 -12.48 -12.83
N GLY A 40 0.94 -13.16 -12.66
CA GLY A 40 1.93 -13.23 -13.72
C GLY A 40 3.10 -12.30 -13.49
N PRO A 41 3.79 -11.92 -14.58
CA PRO A 41 4.94 -11.02 -14.52
C PRO A 41 4.55 -9.59 -14.14
N GLY A 42 5.53 -8.70 -14.11
CA GLY A 42 5.27 -7.32 -13.77
C GLY A 42 5.64 -6.99 -12.34
N ALA A 43 6.08 -5.76 -12.10
CA ALA A 43 6.47 -5.32 -10.77
C ALA A 43 5.32 -4.58 -10.08
N LEU A 44 5.26 -4.71 -8.75
CA LEU A 44 4.21 -4.06 -7.98
C LEU A 44 4.66 -2.68 -7.51
N GLY A 45 3.74 -1.73 -7.49
CA GLY A 45 4.06 -0.38 -7.06
C GLY A 45 2.84 0.38 -6.56
N LEU A 46 3.06 1.30 -5.64
CA LEU A 46 1.97 2.09 -5.08
C LEU A 46 2.36 3.57 -5.01
N GLU A 47 1.36 4.45 -5.15
CA GLU A 47 1.59 5.88 -5.11
C GLU A 47 0.60 6.56 -4.15
N ALA A 48 1.08 6.87 -2.95
CA ALA A 48 0.24 7.52 -1.95
C ALA A 48 0.32 9.04 -2.08
N VAL A 49 -0.84 9.68 -2.12
CA VAL A 49 -0.91 11.14 -2.25
C VAL A 49 -2.17 11.69 -1.60
N SER A 50 -2.01 12.70 -0.76
CA SER A 50 -3.15 13.32 -0.09
C SER A 50 -3.89 14.28 -1.03
N ASP A 51 -5.08 14.69 -0.61
CA ASP A 51 -5.88 15.61 -1.41
C ASP A 51 -5.09 16.88 -1.74
N SER A 52 -4.25 17.31 -0.79
CA SER A 52 -3.45 18.51 -0.98
C SER A 52 -2.31 18.25 -1.96
N GLY A 53 -2.06 16.97 -2.24
CA GLY A 53 -0.99 16.61 -3.15
C GLY A 53 0.33 16.39 -2.44
N THR A 54 0.33 15.50 -1.46
CA THR A 54 1.54 15.20 -0.70
C THR A 54 1.90 13.72 -0.80
N LYS A 55 3.08 13.43 -1.34
CA LYS A 55 3.54 12.06 -1.49
C LYS A 55 4.03 11.50 -0.16
N ALA A 56 3.44 10.38 0.26
CA ALA A 56 3.82 9.75 1.51
C ALA A 56 4.91 8.70 1.30
N GLU A 57 5.64 8.38 2.36
CA GLU A 57 6.72 7.40 2.28
C GLU A 57 6.15 6.00 2.04
N VAL A 58 6.36 5.48 0.84
CA VAL A 58 5.87 4.15 0.48
C VAL A 58 7.04 3.20 0.19
N SER A 59 6.88 1.94 0.59
CA SER A 59 7.91 0.94 0.38
C SER A 59 7.29 -0.44 0.16
N ILE A 60 7.95 -1.26 -0.64
CA ILE A 60 7.46 -2.61 -0.92
C ILE A 60 8.53 -3.65 -0.63
N GLN A 61 8.11 -4.80 -0.12
CA GLN A 61 9.04 -5.88 0.21
C GLN A 61 8.48 -7.23 -0.25
N ASN A 62 9.19 -7.86 -1.19
CA ASN A 62 8.76 -9.15 -1.71
C ASN A 62 9.05 -10.27 -0.71
N ASN A 63 8.36 -11.40 -0.87
CA ASN A 63 8.54 -12.53 0.03
C ASN A 63 8.54 -13.84 -0.75
N LYS A 64 8.92 -14.92 -0.09
CA LYS A 64 8.97 -16.24 -0.71
C LYS A 64 7.57 -16.74 -1.04
N ASP A 65 6.58 -16.25 -0.30
CA ASP A 65 5.19 -16.65 -0.51
C ASP A 65 4.57 -15.80 -1.62
N GLY A 66 5.35 -15.54 -2.66
CA GLY A 66 4.84 -14.75 -3.78
C GLY A 66 3.96 -13.61 -3.33
N THR A 67 4.32 -12.97 -2.22
CA THR A 67 3.55 -11.86 -1.68
C THR A 67 4.42 -10.62 -1.52
N TYR A 68 3.77 -9.48 -1.30
CA TYR A 68 4.49 -8.21 -1.14
C TYR A 68 3.95 -7.44 0.05
N ALA A 69 4.87 -6.93 0.88
CA ALA A 69 4.48 -6.16 2.06
C ALA A 69 4.59 -4.67 1.81
N VAL A 70 3.47 -4.06 1.42
CA VAL A 70 3.45 -2.63 1.15
C VAL A 70 3.07 -1.83 2.39
N THR A 71 3.69 -0.67 2.56
CA THR A 71 3.42 0.19 3.70
C THR A 71 3.50 1.66 3.32
N TYR A 72 2.74 2.50 4.03
CA TYR A 72 2.73 3.93 3.77
C TYR A 72 2.63 4.72 5.07
N VAL A 73 3.50 5.72 5.20
CA VAL A 73 3.52 6.56 6.40
C VAL A 73 3.07 7.99 6.08
N PRO A 74 1.81 8.30 6.40
CA PRO A 74 1.23 9.62 6.17
C PRO A 74 1.84 10.69 7.07
N LEU A 75 2.42 11.72 6.45
CA LEU A 75 3.03 12.81 7.20
C LEU A 75 1.99 13.83 7.64
N THR A 76 0.94 13.97 6.84
CA THR A 76 -0.13 14.92 7.13
C THR A 76 -1.49 14.23 7.12
N ALA A 77 -2.28 14.49 8.16
CA ALA A 77 -3.61 13.90 8.28
C ALA A 77 -4.52 14.39 7.17
N GLY A 78 -5.59 13.64 6.92
CA GLY A 78 -6.54 14.02 5.89
C GLY A 78 -6.85 12.87 4.94
N MET A 79 -7.63 13.16 3.90
CA MET A 79 -8.00 12.14 2.92
C MET A 79 -6.82 11.79 2.04
N TYR A 80 -6.61 10.49 1.82
CA TYR A 80 -5.51 10.02 0.98
C TYR A 80 -6.03 9.23 -0.21
N THR A 81 -5.26 9.23 -1.29
CA THR A 81 -5.64 8.51 -2.50
C THR A 81 -4.60 7.46 -2.87
N LEU A 82 -4.84 6.22 -2.44
CA LEU A 82 -3.92 5.13 -2.73
C LEU A 82 -4.02 4.70 -4.19
N THR A 83 -2.88 4.59 -4.84
CA THR A 83 -2.83 4.19 -6.24
C THR A 83 -1.83 3.06 -6.46
N MET A 84 -2.36 1.84 -6.64
CA MET A 84 -1.52 0.67 -6.86
C MET A 84 -1.57 0.23 -8.31
N LYS A 85 -0.41 -0.03 -8.90
CA LYS A 85 -0.33 -0.47 -10.29
C LYS A 85 0.60 -1.67 -10.43
N TYR A 86 0.07 -2.78 -10.94
CA TYR A 86 0.85 -3.99 -11.12
C TYR A 86 1.26 -4.16 -12.58
N GLY A 87 2.56 -4.10 -12.83
CA GLY A 87 3.06 -4.25 -14.18
C GLY A 87 2.72 -3.06 -15.07
N GLY A 88 1.99 -2.11 -14.50
CA GLY A 88 1.60 -0.93 -15.25
C GLY A 88 0.10 -0.78 -15.40
N GLU A 89 -0.64 -1.68 -14.74
CA GLU A 89 -2.10 -1.65 -14.80
C GLU A 89 -2.69 -1.57 -13.39
N LEU A 90 -3.74 -0.77 -13.25
CA LEU A 90 -4.41 -0.60 -11.96
C LEU A 90 -4.96 -1.93 -11.46
N VAL A 91 -4.98 -2.09 -10.13
CA VAL A 91 -5.50 -3.32 -9.52
C VAL A 91 -6.95 -3.15 -9.09
N PRO A 92 -7.63 -4.29 -8.86
CA PRO A 92 -9.03 -4.30 -8.45
C PRO A 92 -9.22 -3.78 -7.02
N HIS A 93 -8.12 -3.33 -6.42
CA HIS A 93 -8.16 -2.81 -5.05
C HIS A 93 -7.65 -1.38 -5.00
N PHE A 94 -7.67 -0.71 -6.15
CA PHE A 94 -7.20 0.68 -6.24
C PHE A 94 -7.80 1.37 -7.45
N PRO A 95 -7.93 2.71 -7.36
CA PRO A 95 -7.54 3.46 -6.17
C PRO A 95 -8.44 3.19 -4.98
N ALA A 96 -7.92 3.40 -3.77
CA ALA A 96 -8.68 3.18 -2.56
C ALA A 96 -8.51 4.33 -1.57
N ARG A 97 -9.56 5.13 -1.41
CA ARG A 97 -9.51 6.27 -0.49
C ARG A 97 -9.51 5.80 0.96
N VAL A 98 -8.76 6.51 1.80
CA VAL A 98 -8.68 6.17 3.21
C VAL A 98 -8.50 7.43 4.07
N LYS A 99 -9.44 7.66 4.97
CA LYS A 99 -9.38 8.82 5.86
C LYS A 99 -8.36 8.61 6.97
N VAL A 100 -7.30 9.42 6.95
CA VAL A 100 -6.26 9.32 7.96
C VAL A 100 -6.51 10.28 9.11
N GLU A 101 -6.36 9.79 10.34
CA GLU A 101 -6.57 10.62 11.52
C GLU A 101 -5.25 11.17 12.04
N PRO A 102 -5.33 12.28 12.80
CA PRO A 102 -4.16 12.93 13.38
C PRO A 102 -3.52 12.10 14.49
N ALA A 103 -2.22 12.26 14.67
CA ALA A 103 -1.50 11.53 15.71
C ALA A 103 -1.46 12.32 17.02
N VAL A 104 -2.56 13.01 17.30
CA VAL A 104 -2.66 13.80 18.53
C VAL A 104 -2.75 12.90 19.76
N ASP A 105 -1.71 12.95 20.60
CA ASP A 105 -1.67 12.14 21.81
C ASP A 105 -2.17 12.94 23.01
N THR A 106 -2.89 12.27 23.90
CA THR A 106 -3.43 12.91 25.10
C THR A 106 -2.64 12.52 26.33
N SER A 107 -2.56 11.21 26.60
CA SER A 107 -1.84 10.71 27.75
C SER A 107 -0.33 10.70 27.49
N SER A 108 0.30 11.86 27.66
CA SER A 108 1.74 11.98 27.42
C SER A 108 2.52 11.46 28.63
N GLY A 109 2.24 12.02 29.80
CA GLY A 109 2.92 11.60 31.01
C GLY A 109 4.39 11.99 31.01
N PRO A 110 5.00 12.02 32.20
CA PRO A 110 6.42 12.37 32.36
C PRO A 110 7.33 11.30 31.80
N SER A 111 8.23 11.70 30.90
CA SER A 111 9.18 10.78 30.28
C SER A 111 10.16 10.25 31.31
N SER A 112 10.33 8.93 31.36
CA SER A 112 11.24 8.30 32.30
C SER A 112 12.36 7.59 31.57
N GLY A 113 12.89 8.22 30.54
CA GLY A 113 13.96 7.63 29.76
C GLY A 113 14.71 8.66 28.91
N GLY A 1 13.31 -18.59 -21.72
CA GLY A 1 14.64 -19.15 -21.58
C GLY A 1 14.64 -20.65 -21.42
N SER A 2 14.58 -21.11 -20.17
CA SER A 2 14.57 -22.54 -19.88
C SER A 2 13.14 -23.07 -19.79
N SER A 3 12.30 -22.37 -19.02
CA SER A 3 10.91 -22.77 -18.85
C SER A 3 9.98 -21.83 -19.61
N GLY A 4 8.69 -22.14 -19.57
CA GLY A 4 7.71 -21.31 -20.25
C GLY A 4 7.01 -20.34 -19.32
N SER A 5 6.13 -19.51 -19.89
CA SER A 5 5.40 -18.52 -19.10
C SER A 5 4.53 -19.21 -18.05
N SER A 6 3.77 -20.21 -18.49
CA SER A 6 2.89 -20.95 -17.59
C SER A 6 2.25 -20.01 -16.57
N GLY A 7 1.74 -18.88 -17.06
CA GLY A 7 1.10 -17.92 -16.17
C GLY A 7 1.00 -16.54 -16.81
N PRO A 8 -0.14 -16.26 -17.44
CA PRO A 8 -0.38 -14.97 -18.10
C PRO A 8 -0.55 -13.83 -17.10
N PHE A 9 0.06 -12.69 -17.40
CA PHE A 9 -0.02 -11.53 -16.52
C PHE A 9 -1.46 -11.04 -16.38
N ASP A 10 -1.78 -10.53 -15.20
CA ASP A 10 -3.13 -10.04 -14.93
C ASP A 10 -3.20 -9.37 -13.56
N PRO A 11 -3.51 -8.06 -13.55
CA PRO A 11 -3.62 -7.29 -12.32
C PRO A 11 -4.83 -7.68 -11.48
N SER A 12 -5.84 -8.24 -12.14
CA SER A 12 -7.06 -8.66 -11.46
C SER A 12 -6.76 -9.75 -10.45
N LYS A 13 -5.79 -10.61 -10.77
CA LYS A 13 -5.41 -11.71 -9.89
C LYS A 13 -4.81 -11.16 -8.59
N VAL A 14 -4.18 -10.00 -8.67
CA VAL A 14 -3.57 -9.38 -7.49
C VAL A 14 -4.62 -9.02 -6.45
N VAL A 15 -4.40 -9.46 -5.21
CA VAL A 15 -5.32 -9.17 -4.12
C VAL A 15 -4.66 -8.33 -3.04
N ALA A 16 -5.09 -7.07 -2.92
CA ALA A 16 -4.54 -6.18 -1.92
C ALA A 16 -5.51 -5.99 -0.76
N SER A 17 -4.98 -6.04 0.46
CA SER A 17 -5.81 -5.88 1.66
C SER A 17 -4.96 -5.42 2.84
N GLY A 18 -5.60 -5.30 4.00
CA GLY A 18 -4.89 -4.87 5.19
C GLY A 18 -5.60 -3.75 5.92
N PRO A 19 -5.11 -3.40 7.12
CA PRO A 19 -5.70 -2.34 7.94
C PRO A 19 -5.47 -0.96 7.34
N GLY A 20 -4.34 -0.79 6.67
CA GLY A 20 -4.02 0.48 6.07
C GLY A 20 -5.08 0.95 5.09
N LEU A 21 -5.68 0.00 4.37
CA LEU A 21 -6.72 0.32 3.40
C LEU A 21 -8.05 0.62 4.11
N GLU A 22 -8.06 0.45 5.42
CA GLU A 22 -9.27 0.70 6.21
C GLU A 22 -9.17 2.05 6.93
N HIS A 23 -7.98 2.37 7.39
CA HIS A 23 -7.75 3.64 8.10
C HIS A 23 -6.27 3.86 8.35
N GLY A 24 -5.89 5.10 8.67
CA GLY A 24 -4.51 5.42 8.93
C GLY A 24 -4.36 6.57 9.91
N LYS A 25 -3.14 6.74 10.43
CA LYS A 25 -2.86 7.81 11.38
C LYS A 25 -1.54 8.51 11.04
N VAL A 26 -1.54 9.83 11.18
CA VAL A 26 -0.34 10.61 10.89
C VAL A 26 0.88 10.03 11.60
N GLY A 27 1.82 9.50 10.82
CA GLY A 27 3.02 8.93 11.40
C GLY A 27 2.97 7.41 11.44
N GLU A 28 1.76 6.86 11.57
CA GLU A 28 1.59 5.42 11.63
C GLU A 28 1.99 4.76 10.31
N ALA A 29 1.91 3.44 10.26
CA ALA A 29 2.27 2.69 9.06
C ALA A 29 1.09 1.86 8.57
N GLY A 30 0.68 2.10 7.33
CA GLY A 30 -0.43 1.36 6.76
C GLY A 30 -0.03 -0.01 6.27
N LEU A 31 -0.27 -1.02 7.09
CA LEU A 31 0.07 -2.39 6.75
C LEU A 31 -0.75 -2.88 5.56
N LEU A 32 -0.06 -3.29 4.50
CA LEU A 32 -0.73 -3.78 3.29
C LEU A 32 -0.08 -5.07 2.79
N SER A 33 -0.92 -6.07 2.51
CA SER A 33 -0.42 -7.35 2.02
C SER A 33 -0.98 -7.66 0.64
N VAL A 34 -0.08 -7.90 -0.31
CA VAL A 34 -0.49 -8.21 -1.68
C VAL A 34 -0.30 -9.70 -1.98
N ASP A 35 -1.40 -10.41 -2.12
CA ASP A 35 -1.36 -11.84 -2.42
C ASP A 35 -1.49 -12.08 -3.92
N CYS A 36 -0.40 -12.52 -4.54
CA CYS A 36 -0.39 -12.79 -5.97
C CYS A 36 -0.47 -14.29 -6.24
N SER A 37 -1.47 -14.71 -7.00
CA SER A 37 -1.65 -16.12 -7.33
C SER A 37 -1.37 -16.38 -8.81
N GLU A 38 -2.13 -15.71 -9.68
CA GLU A 38 -1.96 -15.88 -11.11
C GLU A 38 -1.66 -14.53 -11.77
N ALA A 39 -1.29 -13.55 -10.96
CA ALA A 39 -0.97 -12.22 -11.47
C ALA A 39 0.11 -12.28 -12.54
N GLY A 40 0.88 -13.37 -12.55
CA GLY A 40 1.94 -13.53 -13.52
C GLY A 40 3.10 -12.58 -13.28
N PRO A 41 3.87 -12.30 -14.33
CA PRO A 41 5.03 -11.41 -14.26
C PRO A 41 4.62 -9.96 -14.04
N GLY A 42 5.60 -9.05 -14.15
CA GLY A 42 5.32 -7.64 -13.96
C GLY A 42 5.78 -7.13 -12.62
N ALA A 43 6.07 -5.83 -12.54
CA ALA A 43 6.52 -5.22 -11.30
C ALA A 43 5.40 -4.44 -10.63
N LEU A 44 5.31 -4.56 -9.31
CA LEU A 44 4.28 -3.86 -8.54
C LEU A 44 4.77 -2.50 -8.07
N GLY A 45 3.86 -1.54 -7.99
CA GLY A 45 4.23 -0.21 -7.55
C GLY A 45 3.05 0.55 -6.96
N LEU A 46 3.29 1.25 -5.86
CA LEU A 46 2.25 2.03 -5.20
C LEU A 46 2.65 3.48 -5.06
N GLU A 47 1.66 4.38 -5.11
CA GLU A 47 1.92 5.81 -5.00
C GLU A 47 0.95 6.45 -4.00
N ALA A 48 1.47 6.81 -2.83
CA ALA A 48 0.66 7.43 -1.79
C ALA A 48 0.68 8.96 -1.92
N VAL A 49 -0.50 9.56 -1.92
CA VAL A 49 -0.60 11.01 -2.02
C VAL A 49 -1.87 11.52 -1.33
N SER A 50 -1.68 12.47 -0.42
CA SER A 50 -2.80 13.05 0.32
C SER A 50 -3.57 14.04 -0.54
N ASP A 51 -4.76 14.41 -0.08
CA ASP A 51 -5.59 15.36 -0.81
C ASP A 51 -4.79 16.62 -1.17
N SER A 52 -3.93 17.05 -0.26
CA SER A 52 -3.11 18.24 -0.49
C SER A 52 -1.82 17.87 -1.22
N GLY A 53 -1.87 16.80 -2.00
CA GLY A 53 -0.71 16.37 -2.75
C GLY A 53 0.51 16.19 -1.86
N THR A 54 0.43 15.25 -0.92
CA THR A 54 1.53 14.99 -0.01
C THR A 54 2.11 13.59 -0.22
N LYS A 55 3.30 13.53 -0.78
CA LYS A 55 3.96 12.26 -1.04
C LYS A 55 4.32 11.56 0.26
N ALA A 56 3.64 10.44 0.53
CA ALA A 56 3.89 9.67 1.74
C ALA A 56 4.96 8.62 1.51
N GLU A 57 5.76 8.36 2.55
CA GLU A 57 6.84 7.38 2.47
C GLU A 57 6.29 6.00 2.19
N VAL A 58 6.51 5.50 0.98
CA VAL A 58 6.04 4.17 0.59
C VAL A 58 7.21 3.27 0.21
N SER A 59 7.10 1.99 0.57
CA SER A 59 8.14 1.02 0.27
C SER A 59 7.54 -0.33 -0.08
N ILE A 60 8.20 -1.06 -0.97
CA ILE A 60 7.73 -2.37 -1.39
C ILE A 60 8.77 -3.44 -1.13
N GLN A 61 8.38 -4.49 -0.42
CA GLN A 61 9.28 -5.60 -0.10
C GLN A 61 8.77 -6.91 -0.68
N ASN A 62 9.64 -7.58 -1.45
CA ASN A 62 9.28 -8.84 -2.07
C ASN A 62 9.65 -10.02 -1.16
N ASN A 63 8.77 -11.02 -1.10
CA ASN A 63 9.00 -12.19 -0.27
C ASN A 63 8.96 -13.46 -1.11
N LYS A 64 9.42 -14.56 -0.52
CA LYS A 64 9.45 -15.84 -1.21
C LYS A 64 8.17 -16.63 -0.95
N ASP A 65 7.14 -15.93 -0.48
CA ASP A 65 5.85 -16.56 -0.20
C ASP A 65 4.77 -16.01 -1.11
N GLY A 66 5.15 -15.68 -2.34
CA GLY A 66 4.19 -15.15 -3.29
C GLY A 66 3.38 -13.98 -2.73
N THR A 67 4.03 -13.17 -1.90
CA THR A 67 3.37 -12.02 -1.29
C THR A 67 4.32 -10.84 -1.17
N TYR A 68 3.76 -9.64 -1.02
CA TYR A 68 4.56 -8.43 -0.89
C TYR A 68 4.16 -7.66 0.36
N ALA A 69 5.12 -6.92 0.91
CA ALA A 69 4.89 -6.12 2.11
C ALA A 69 4.91 -4.63 1.79
N VAL A 70 3.73 -4.06 1.56
CA VAL A 70 3.62 -2.64 1.26
C VAL A 70 3.19 -1.84 2.48
N THR A 71 3.82 -0.69 2.68
CA THR A 71 3.49 0.17 3.82
C THR A 71 3.60 1.64 3.44
N TYR A 72 2.82 2.48 4.13
CA TYR A 72 2.82 3.91 3.87
C TYR A 72 2.69 4.71 5.16
N VAL A 73 3.49 5.76 5.28
CA VAL A 73 3.46 6.61 6.47
C VAL A 73 2.95 8.01 6.13
N PRO A 74 1.69 8.27 6.49
CA PRO A 74 1.05 9.57 6.24
C PRO A 74 1.62 10.68 7.11
N LEU A 75 2.25 11.67 6.48
CA LEU A 75 2.84 12.79 7.21
C LEU A 75 1.76 13.73 7.73
N THR A 76 0.74 13.95 6.92
CA THR A 76 -0.36 14.83 7.30
C THR A 76 -1.69 14.09 7.31
N ALA A 77 -2.53 14.39 8.28
CA ALA A 77 -3.83 13.75 8.40
C ALA A 77 -4.76 14.18 7.27
N GLY A 78 -5.76 13.34 6.98
CA GLY A 78 -6.69 13.66 5.91
C GLY A 78 -6.89 12.49 4.96
N MET A 79 -7.79 12.66 4.00
CA MET A 79 -8.07 11.62 3.02
C MET A 79 -6.88 11.40 2.10
N TYR A 80 -6.56 10.13 1.85
CA TYR A 80 -5.43 9.78 0.99
C TYR A 80 -5.92 9.05 -0.26
N THR A 81 -5.13 9.16 -1.34
CA THR A 81 -5.48 8.52 -2.61
C THR A 81 -4.46 7.44 -2.97
N LEU A 82 -4.72 6.22 -2.54
CA LEU A 82 -3.82 5.10 -2.82
C LEU A 82 -3.90 4.71 -4.29
N THR A 83 -2.73 4.58 -4.92
CA THR A 83 -2.65 4.20 -6.33
C THR A 83 -1.70 3.05 -6.53
N MET A 84 -2.24 1.89 -6.92
CA MET A 84 -1.42 0.70 -7.15
C MET A 84 -1.55 0.24 -8.60
N LYS A 85 -0.41 0.00 -9.23
CA LYS A 85 -0.38 -0.45 -10.62
C LYS A 85 0.55 -1.65 -10.79
N TYR A 86 0.00 -2.77 -11.24
CA TYR A 86 0.79 -3.98 -11.44
C TYR A 86 1.18 -4.12 -12.91
N GLY A 87 2.47 -4.31 -13.15
CA GLY A 87 2.96 -4.47 -14.51
C GLY A 87 2.50 -3.34 -15.43
N GLY A 88 2.01 -2.26 -14.83
CA GLY A 88 1.54 -1.13 -15.61
C GLY A 88 0.03 -1.12 -15.77
N GLU A 89 -0.66 -1.88 -14.92
CA GLU A 89 -2.12 -1.96 -14.98
C GLU A 89 -2.72 -1.78 -13.59
N LEU A 90 -3.76 -0.95 -13.51
CA LEU A 90 -4.43 -0.69 -12.24
C LEU A 90 -5.07 -1.96 -11.69
N VAL A 91 -5.05 -2.09 -10.36
CA VAL A 91 -5.63 -3.26 -9.71
C VAL A 91 -7.06 -2.99 -9.26
N PRO A 92 -7.81 -4.07 -9.01
CA PRO A 92 -9.21 -3.97 -8.57
C PRO A 92 -9.34 -3.44 -7.15
N HIS A 93 -8.21 -3.07 -6.56
CA HIS A 93 -8.19 -2.53 -5.20
C HIS A 93 -7.66 -1.11 -5.18
N PHE A 94 -7.57 -0.50 -6.36
CA PHE A 94 -7.08 0.87 -6.46
C PHE A 94 -7.65 1.55 -7.71
N PRO A 95 -7.77 2.89 -7.65
CA PRO A 95 -7.38 3.67 -6.47
C PRO A 95 -8.30 3.43 -5.29
N ALA A 96 -7.79 3.65 -4.08
CA ALA A 96 -8.57 3.47 -2.86
C ALA A 96 -8.47 4.69 -1.96
N ARG A 97 -9.57 5.00 -1.28
CA ARG A 97 -9.61 6.15 -0.37
C ARG A 97 -9.67 5.70 1.08
N VAL A 98 -8.80 6.25 1.90
CA VAL A 98 -8.75 5.91 3.33
C VAL A 98 -8.63 7.16 4.19
N LYS A 99 -9.58 7.34 5.09
CA LYS A 99 -9.58 8.49 5.99
C LYS A 99 -8.52 8.33 7.08
N VAL A 100 -7.57 9.26 7.12
CA VAL A 100 -6.51 9.21 8.11
C VAL A 100 -6.76 10.22 9.23
N GLU A 101 -6.61 9.77 10.47
CA GLU A 101 -6.83 10.65 11.62
C GLU A 101 -5.52 11.32 12.04
N PRO A 102 -5.64 12.45 12.75
CA PRO A 102 -4.49 13.21 13.23
C PRO A 102 -3.73 12.48 14.34
N ALA A 103 -2.44 12.78 14.46
CA ALA A 103 -1.60 12.15 15.48
C ALA A 103 -1.02 13.20 16.43
N VAL A 104 -1.82 14.21 16.76
CA VAL A 104 -1.39 15.26 17.66
C VAL A 104 -1.97 15.08 19.05
N ASP A 105 -1.15 15.34 20.07
CA ASP A 105 -1.58 15.19 21.46
C ASP A 105 -1.40 16.50 22.22
N THR A 106 -2.51 17.18 22.51
CA THR A 106 -2.47 18.44 23.24
C THR A 106 -1.89 18.26 24.63
N SER A 107 -0.81 18.99 24.92
CA SER A 107 -0.16 18.91 26.22
C SER A 107 0.05 20.30 26.81
N SER A 108 -0.72 20.61 27.85
CA SER A 108 -0.62 21.92 28.51
C SER A 108 0.83 22.38 28.58
N GLY A 109 1.13 23.45 27.85
CA GLY A 109 2.48 23.98 27.83
C GLY A 109 2.55 25.42 28.30
N PRO A 110 3.65 26.10 27.97
CA PRO A 110 3.86 27.51 28.36
C PRO A 110 2.92 28.46 27.61
N SER A 111 2.20 29.28 28.37
CA SER A 111 1.26 30.24 27.78
C SER A 111 1.99 31.47 27.27
N SER A 112 2.79 32.08 28.16
CA SER A 112 3.54 33.28 27.79
C SER A 112 4.91 32.91 27.23
N GLY A 113 5.36 33.68 26.25
CA GLY A 113 6.66 33.42 25.64
C GLY A 113 6.62 33.52 24.12
N GLY A 1 14.94 -11.06 -17.30
CA GLY A 1 14.46 -12.38 -16.94
C GLY A 1 14.80 -13.43 -17.98
N SER A 2 15.24 -14.59 -17.52
CA SER A 2 15.61 -15.68 -18.41
C SER A 2 14.56 -16.78 -18.40
N SER A 3 14.19 -17.23 -17.20
CA SER A 3 13.20 -18.29 -17.06
C SER A 3 11.82 -17.81 -17.52
N GLY A 4 11.30 -18.45 -18.56
CA GLY A 4 10.00 -18.07 -19.09
C GLY A 4 8.87 -18.37 -18.12
N SER A 5 7.98 -17.41 -17.92
CA SER A 5 6.86 -17.58 -17.00
C SER A 5 5.84 -18.55 -17.59
N SER A 6 5.08 -19.22 -16.71
CA SER A 6 4.08 -20.17 -17.14
C SER A 6 2.70 -19.52 -17.18
N GLY A 7 2.25 -19.03 -16.04
CA GLY A 7 0.95 -18.38 -15.96
C GLY A 7 0.94 -17.01 -16.60
N PRO A 8 -0.17 -16.67 -17.27
CA PRO A 8 -0.32 -15.38 -17.95
C PRO A 8 -0.45 -14.22 -16.96
N PHE A 9 -0.08 -13.03 -17.41
CA PHE A 9 -0.15 -11.84 -16.57
C PHE A 9 -1.59 -11.37 -16.41
N ASP A 10 -1.92 -10.85 -15.23
CA ASP A 10 -3.27 -10.36 -14.96
C ASP A 10 -3.31 -9.62 -13.63
N PRO A 11 -3.58 -8.31 -13.69
CA PRO A 11 -3.65 -7.46 -12.49
C PRO A 11 -4.88 -7.76 -11.65
N SER A 12 -5.94 -8.22 -12.30
CA SER A 12 -7.18 -8.54 -11.60
C SER A 12 -6.98 -9.69 -10.62
N LYS A 13 -6.09 -10.61 -10.98
CA LYS A 13 -5.80 -11.75 -10.13
C LYS A 13 -5.10 -11.32 -8.85
N VAL A 14 -4.53 -10.12 -8.87
CA VAL A 14 -3.84 -9.58 -7.71
C VAL A 14 -4.81 -9.30 -6.57
N VAL A 15 -4.40 -9.59 -5.34
CA VAL A 15 -5.23 -9.37 -4.18
C VAL A 15 -4.54 -8.44 -3.18
N ALA A 16 -5.24 -7.39 -2.77
CA ALA A 16 -4.69 -6.44 -1.81
C ALA A 16 -5.63 -6.23 -0.64
N SER A 17 -5.08 -6.28 0.57
CA SER A 17 -5.87 -6.11 1.79
C SER A 17 -5.01 -5.58 2.93
N GLY A 18 -5.63 -5.39 4.09
CA GLY A 18 -4.91 -4.88 5.24
C GLY A 18 -5.62 -3.75 5.92
N PRO A 19 -5.15 -3.36 7.12
CA PRO A 19 -5.74 -2.27 7.90
C PRO A 19 -5.51 -0.91 7.25
N GLY A 20 -4.40 -0.78 6.54
CA GLY A 20 -4.07 0.47 5.88
C GLY A 20 -5.14 0.91 4.90
N LEU A 21 -5.75 -0.07 4.21
CA LEU A 21 -6.79 0.21 3.24
C LEU A 21 -8.11 0.54 3.93
N GLU A 22 -8.17 0.31 5.24
CA GLU A 22 -9.37 0.57 6.01
C GLU A 22 -9.27 1.91 6.73
N HIS A 23 -8.05 2.28 7.11
CA HIS A 23 -7.81 3.54 7.81
C HIS A 23 -6.32 3.80 7.98
N GLY A 24 -5.98 5.02 8.40
CA GLY A 24 -4.58 5.37 8.59
C GLY A 24 -4.40 6.42 9.67
N LYS A 25 -3.18 6.53 10.18
CA LYS A 25 -2.86 7.51 11.22
C LYS A 25 -1.55 8.22 10.92
N VAL A 26 -1.52 9.52 11.17
CA VAL A 26 -0.31 10.31 10.93
C VAL A 26 0.88 9.73 11.67
N GLY A 27 1.90 9.34 10.91
CA GLY A 27 3.10 8.77 11.51
C GLY A 27 3.06 7.25 11.54
N GLU A 28 1.87 6.69 11.61
CA GLU A 28 1.70 5.25 11.65
C GLU A 28 2.13 4.62 10.32
N ALA A 29 2.03 3.29 10.24
CA ALA A 29 2.41 2.56 9.04
C ALA A 29 1.24 1.74 8.51
N GLY A 30 0.77 2.11 7.32
CA GLY A 30 -0.35 1.40 6.72
C GLY A 30 0.04 0.01 6.25
N LEU A 31 -0.25 -0.99 7.08
CA LEU A 31 0.07 -2.37 6.75
C LEU A 31 -0.73 -2.85 5.55
N LEU A 32 -0.03 -3.24 4.49
CA LEU A 32 -0.68 -3.72 3.27
C LEU A 32 -0.08 -5.04 2.81
N SER A 33 -0.92 -5.99 2.46
CA SER A 33 -0.47 -7.30 1.99
C SER A 33 -0.96 -7.58 0.58
N VAL A 34 -0.05 -8.01 -0.28
CA VAL A 34 -0.39 -8.31 -1.67
C VAL A 34 -0.17 -9.79 -1.98
N ASP A 35 -1.26 -10.49 -2.29
CA ASP A 35 -1.19 -11.90 -2.60
C ASP A 35 -1.31 -12.14 -4.11
N CYS A 36 -0.20 -12.50 -4.74
CA CYS A 36 -0.20 -12.74 -6.18
C CYS A 36 -0.19 -14.25 -6.47
N SER A 37 -1.22 -14.71 -7.17
CA SER A 37 -1.33 -16.12 -7.52
C SER A 37 -1.07 -16.34 -9.00
N GLU A 38 -1.95 -15.82 -9.85
CA GLU A 38 -1.80 -15.97 -11.30
C GLU A 38 -1.56 -14.61 -11.95
N ALA A 39 -1.13 -13.64 -11.15
CA ALA A 39 -0.85 -12.30 -11.66
C ALA A 39 0.26 -12.32 -12.69
N GLY A 40 1.00 -13.43 -12.75
CA GLY A 40 2.09 -13.56 -13.69
C GLY A 40 3.20 -12.56 -13.43
N PRO A 41 3.95 -12.22 -14.48
CA PRO A 41 5.06 -11.27 -14.39
C PRO A 41 4.58 -9.83 -14.16
N GLY A 42 5.52 -8.89 -14.14
CA GLY A 42 5.17 -7.50 -13.93
C GLY A 42 5.75 -6.95 -12.64
N ALA A 43 5.74 -5.63 -12.51
CA ALA A 43 6.27 -4.98 -11.32
C ALA A 43 5.17 -4.23 -10.57
N LEU A 44 5.13 -4.39 -9.26
CA LEU A 44 4.13 -3.74 -8.43
C LEU A 44 4.63 -2.38 -7.95
N GLY A 45 3.70 -1.44 -7.75
CA GLY A 45 4.06 -0.12 -7.29
C GLY A 45 2.89 0.63 -6.71
N LEU A 46 3.12 1.37 -5.63
CA LEU A 46 2.07 2.14 -4.99
C LEU A 46 2.50 3.59 -4.80
N GLU A 47 1.54 4.51 -4.93
CA GLU A 47 1.82 5.94 -4.77
C GLU A 47 0.83 6.58 -3.80
N ALA A 48 1.33 7.00 -2.64
CA ALA A 48 0.49 7.64 -1.63
C ALA A 48 0.54 9.15 -1.75
N VAL A 49 -0.62 9.78 -1.95
CA VAL A 49 -0.70 11.23 -2.08
C VAL A 49 -1.94 11.76 -1.37
N SER A 50 -1.72 12.66 -0.41
CA SER A 50 -2.82 13.26 0.34
C SER A 50 -3.55 14.31 -0.49
N ASP A 51 -4.78 14.61 -0.11
CA ASP A 51 -5.58 15.60 -0.82
C ASP A 51 -4.77 16.85 -1.09
N SER A 52 -3.95 17.25 -0.12
CA SER A 52 -3.12 18.45 -0.26
C SER A 52 -1.81 18.12 -0.97
N GLY A 53 -1.86 17.14 -1.86
CA GLY A 53 -0.67 16.74 -2.60
C GLY A 53 0.52 16.52 -1.69
N THR A 54 0.36 15.63 -0.71
CA THR A 54 1.43 15.33 0.22
C THR A 54 1.98 13.92 0.00
N LYS A 55 3.18 13.85 -0.56
CA LYS A 55 3.83 12.57 -0.83
C LYS A 55 4.15 11.83 0.47
N ALA A 56 3.67 10.60 0.58
CA ALA A 56 3.91 9.80 1.77
C ALA A 56 4.99 8.75 1.51
N GLU A 57 5.77 8.44 2.55
CA GLU A 57 6.85 7.46 2.44
C GLU A 57 6.28 6.07 2.16
N VAL A 58 6.52 5.57 0.95
CA VAL A 58 6.04 4.25 0.56
C VAL A 58 7.20 3.33 0.21
N SER A 59 7.08 2.06 0.59
CA SER A 59 8.11 1.07 0.31
C SER A 59 7.51 -0.31 0.12
N ILE A 60 8.14 -1.12 -0.72
CA ILE A 60 7.67 -2.47 -1.00
C ILE A 60 8.75 -3.51 -0.68
N GLN A 61 8.37 -4.55 0.05
CA GLN A 61 9.30 -5.61 0.41
C GLN A 61 8.88 -6.94 -0.21
N ASN A 62 9.76 -7.50 -1.04
CA ASN A 62 9.48 -8.76 -1.70
C ASN A 62 9.68 -9.93 -0.74
N ASN A 63 8.89 -10.98 -0.92
CA ASN A 63 8.97 -12.17 -0.08
C ASN A 63 8.89 -13.44 -0.90
N LYS A 64 9.54 -14.50 -0.44
CA LYS A 64 9.54 -15.77 -1.13
C LYS A 64 8.14 -16.40 -1.12
N ASP A 65 7.29 -15.88 -0.26
CA ASP A 65 5.92 -16.39 -0.13
C ASP A 65 5.02 -15.77 -1.20
N GLY A 66 5.56 -15.60 -2.41
CA GLY A 66 4.79 -15.02 -3.49
C GLY A 66 3.91 -13.88 -3.03
N THR A 67 4.39 -13.13 -2.04
CA THR A 67 3.63 -12.00 -1.50
C THR A 67 4.52 -10.77 -1.33
N TYR A 68 3.91 -9.66 -0.96
CA TYR A 68 4.66 -8.42 -0.77
C TYR A 68 4.16 -7.67 0.48
N ALA A 69 5.02 -6.81 1.02
CA ALA A 69 4.67 -6.03 2.20
C ALA A 69 4.78 -4.54 1.94
N VAL A 70 3.66 -3.93 1.55
CA VAL A 70 3.63 -2.50 1.26
C VAL A 70 3.21 -1.71 2.50
N THR A 71 3.82 -0.53 2.66
CA THR A 71 3.52 0.33 3.80
C THR A 71 3.59 1.80 3.41
N TYR A 72 2.78 2.62 4.07
CA TYR A 72 2.75 4.05 3.80
C TYR A 72 2.63 4.86 5.08
N VAL A 73 3.42 5.91 5.19
CA VAL A 73 3.40 6.77 6.37
C VAL A 73 2.85 8.16 6.04
N PRO A 74 1.58 8.40 6.41
CA PRO A 74 0.92 9.67 6.16
C PRO A 74 1.49 10.80 7.02
N LEU A 75 2.48 11.49 6.49
CA LEU A 75 3.11 12.60 7.21
C LEU A 75 2.06 13.55 7.76
N THR A 76 0.99 13.77 6.99
CA THR A 76 -0.08 14.65 7.40
C THR A 76 -1.43 13.94 7.38
N ALA A 77 -2.35 14.41 8.22
CA ALA A 77 -3.68 13.81 8.30
C ALA A 77 -4.56 14.26 7.14
N GLY A 78 -5.51 13.42 6.76
CA GLY A 78 -6.40 13.76 5.66
C GLY A 78 -6.66 12.58 4.75
N MET A 79 -7.59 12.76 3.81
CA MET A 79 -7.92 11.71 2.86
C MET A 79 -6.76 11.43 1.90
N TYR A 80 -6.27 10.21 1.91
CA TYR A 80 -5.16 9.82 1.05
C TYR A 80 -5.66 9.08 -0.19
N THR A 81 -4.89 9.17 -1.27
CA THR A 81 -5.25 8.52 -2.52
C THR A 81 -4.26 7.41 -2.88
N LEU A 82 -4.57 6.18 -2.48
CA LEU A 82 -3.70 5.05 -2.77
C LEU A 82 -3.79 4.64 -4.23
N THR A 83 -2.65 4.60 -4.90
CA THR A 83 -2.61 4.22 -6.31
C THR A 83 -1.65 3.05 -6.54
N MET A 84 -2.22 1.86 -6.67
CA MET A 84 -1.42 0.65 -6.89
C MET A 84 -1.56 0.17 -8.33
N LYS A 85 -0.44 0.10 -9.04
CA LYS A 85 -0.43 -0.36 -10.42
C LYS A 85 0.46 -1.58 -10.59
N TYR A 86 -0.13 -2.69 -11.02
CA TYR A 86 0.61 -3.93 -11.22
C TYR A 86 0.82 -4.20 -12.71
N GLY A 87 2.07 -4.44 -13.10
CA GLY A 87 2.38 -4.71 -14.48
C GLY A 87 1.91 -3.62 -15.41
N GLY A 88 1.90 -2.38 -14.91
CA GLY A 88 1.46 -1.26 -15.71
C GLY A 88 -0.05 -1.16 -15.79
N GLU A 89 -0.74 -2.00 -15.03
CA GLU A 89 -2.20 -2.00 -15.02
C GLU A 89 -2.73 -1.86 -13.59
N LEU A 90 -3.69 -0.95 -13.42
CA LEU A 90 -4.28 -0.72 -12.10
C LEU A 90 -4.95 -1.98 -11.57
N VAL A 91 -4.98 -2.12 -10.25
CA VAL A 91 -5.59 -3.28 -9.61
C VAL A 91 -7.03 -2.99 -9.21
N PRO A 92 -7.81 -4.07 -8.99
CA PRO A 92 -9.22 -3.95 -8.60
C PRO A 92 -9.37 -3.43 -7.18
N HIS A 93 -8.26 -3.06 -6.55
CA HIS A 93 -8.28 -2.54 -5.20
C HIS A 93 -7.71 -1.12 -5.15
N PHE A 94 -7.66 -0.47 -6.30
CA PHE A 94 -7.14 0.88 -6.39
C PHE A 94 -7.66 1.59 -7.65
N PRO A 95 -7.74 2.92 -7.60
CA PRO A 95 -7.37 3.68 -6.41
C PRO A 95 -8.34 3.48 -5.26
N ALA A 96 -7.87 3.70 -4.03
CA ALA A 96 -8.70 3.54 -2.84
C ALA A 96 -8.53 4.71 -1.89
N ARG A 97 -9.65 5.29 -1.47
CA ARG A 97 -9.62 6.43 -0.56
C ARG A 97 -9.70 5.97 0.89
N VAL A 98 -8.79 6.48 1.72
CA VAL A 98 -8.76 6.11 3.12
C VAL A 98 -8.61 7.35 4.01
N LYS A 99 -9.53 7.50 4.97
CA LYS A 99 -9.49 8.63 5.88
C LYS A 99 -8.46 8.42 6.98
N VAL A 100 -7.53 9.37 7.10
CA VAL A 100 -6.49 9.29 8.12
C VAL A 100 -6.74 10.29 9.24
N GLU A 101 -6.57 9.84 10.47
CA GLU A 101 -6.78 10.69 11.64
C GLU A 101 -5.46 11.26 12.14
N PRO A 102 -5.53 12.39 12.85
CA PRO A 102 -4.34 13.06 13.40
C PRO A 102 -3.71 12.27 14.54
N ALA A 103 -2.40 12.38 14.69
CA ALA A 103 -1.68 11.69 15.75
C ALA A 103 -1.22 12.65 16.83
N VAL A 104 -2.09 13.60 17.17
CA VAL A 104 -1.77 14.59 18.20
C VAL A 104 -1.94 14.00 19.60
N ASP A 105 -0.86 14.01 20.36
CA ASP A 105 -0.88 13.48 21.72
C ASP A 105 0.01 14.30 22.64
N THR A 106 -0.37 14.38 23.91
CA THR A 106 0.39 15.15 24.90
C THR A 106 1.00 14.22 25.94
N SER A 107 2.32 14.29 26.09
CA SER A 107 3.03 13.47 27.06
C SER A 107 3.65 14.32 28.17
N SER A 108 4.58 15.18 27.78
CA SER A 108 5.26 16.06 28.73
C SER A 108 4.24 16.77 29.63
N GLY A 109 3.25 17.40 28.99
CA GLY A 109 2.22 18.11 29.75
C GLY A 109 2.25 19.60 29.50
N PRO A 110 1.06 20.23 29.54
CA PRO A 110 0.93 21.68 29.32
C PRO A 110 1.53 22.50 30.45
N SER A 111 2.69 23.10 30.21
CA SER A 111 3.36 23.90 31.21
C SER A 111 3.10 25.39 30.98
N SER A 112 2.87 26.13 32.06
CA SER A 112 2.60 27.56 31.98
C SER A 112 1.81 27.88 30.72
N GLY A 113 0.82 27.05 30.42
CA GLY A 113 0.00 27.27 29.23
C GLY A 113 -1.18 28.18 29.51
N GLY A 1 7.19 -28.30 -27.81
CA GLY A 1 8.15 -27.48 -27.10
C GLY A 1 7.49 -26.61 -26.04
N SER A 2 6.80 -27.25 -25.10
CA SER A 2 6.13 -26.54 -24.03
C SER A 2 7.10 -25.66 -23.25
N SER A 3 6.98 -24.36 -23.40
CA SER A 3 7.85 -23.41 -22.72
C SER A 3 7.54 -23.36 -21.23
N GLY A 4 8.55 -23.07 -20.42
CA GLY A 4 8.35 -22.99 -18.99
C GLY A 4 7.50 -21.81 -18.58
N SER A 5 6.24 -22.07 -18.24
CA SER A 5 5.32 -21.02 -17.84
C SER A 5 4.28 -21.55 -16.85
N SER A 6 3.88 -20.69 -15.91
CA SER A 6 2.90 -21.08 -14.91
C SER A 6 1.53 -20.49 -15.23
N GLY A 7 1.47 -19.17 -15.32
CA GLY A 7 0.22 -18.49 -15.62
C GLY A 7 0.43 -17.13 -16.25
N PRO A 8 -0.57 -16.67 -17.03
CA PRO A 8 -0.52 -15.38 -17.71
C PRO A 8 -0.61 -14.22 -16.73
N PHE A 9 -0.14 -13.04 -17.17
CA PHE A 9 -0.17 -11.85 -16.34
C PHE A 9 -1.58 -11.29 -16.24
N ASP A 10 -1.98 -10.88 -15.04
CA ASP A 10 -3.30 -10.32 -14.81
C ASP A 10 -3.37 -9.59 -13.47
N PRO A 11 -3.59 -8.26 -13.53
CA PRO A 11 -3.69 -7.42 -12.34
C PRO A 11 -4.94 -7.70 -11.53
N SER A 12 -5.98 -8.17 -12.20
CA SER A 12 -7.25 -8.48 -11.53
C SER A 12 -7.06 -9.58 -10.50
N LYS A 13 -6.19 -10.54 -10.81
CA LYS A 13 -5.92 -11.65 -9.90
C LYS A 13 -5.22 -11.17 -8.64
N VAL A 14 -4.55 -10.02 -8.74
CA VAL A 14 -3.82 -9.45 -7.61
C VAL A 14 -4.78 -9.14 -6.46
N VAL A 15 -4.45 -9.65 -5.28
CA VAL A 15 -5.27 -9.43 -4.10
C VAL A 15 -4.54 -8.59 -3.06
N ALA A 16 -5.08 -7.41 -2.79
CA ALA A 16 -4.47 -6.50 -1.82
C ALA A 16 -5.42 -6.21 -0.67
N SER A 17 -4.94 -6.40 0.55
CA SER A 17 -5.75 -6.17 1.75
C SER A 17 -4.89 -5.63 2.88
N GLY A 18 -5.54 -5.29 3.99
CA GLY A 18 -4.83 -4.77 5.15
C GLY A 18 -5.55 -3.60 5.79
N PRO A 19 -5.06 -3.18 6.97
CA PRO A 19 -5.65 -2.06 7.72
C PRO A 19 -5.43 -0.72 7.02
N GLY A 20 -4.29 -0.60 6.33
CA GLY A 20 -3.98 0.64 5.64
C GLY A 20 -5.01 0.98 4.58
N LEU A 21 -5.73 -0.02 4.11
CA LEU A 21 -6.75 0.18 3.08
C LEU A 21 -8.10 0.51 3.72
N GLU A 22 -8.12 0.57 5.04
CA GLU A 22 -9.35 0.87 5.77
C GLU A 22 -9.23 2.22 6.48
N HIS A 23 -8.03 2.52 6.98
CA HIS A 23 -7.79 3.78 7.68
C HIS A 23 -6.32 3.92 8.04
N GLY A 24 -5.90 5.15 8.34
CA GLY A 24 -4.52 5.40 8.69
C GLY A 24 -4.37 6.46 9.76
N LYS A 25 -3.14 6.67 10.23
CA LYS A 25 -2.88 7.66 11.26
C LYS A 25 -1.56 8.40 10.98
N VAL A 26 -1.56 9.70 11.20
CA VAL A 26 -0.38 10.51 10.97
C VAL A 26 0.81 9.97 11.75
N GLY A 27 1.75 9.36 11.04
CA GLY A 27 2.92 8.80 11.68
C GLY A 27 2.93 7.28 11.67
N GLU A 28 1.75 6.69 11.61
CA GLU A 28 1.62 5.24 11.60
C GLU A 28 2.02 4.67 10.24
N ALA A 29 1.90 3.36 10.09
CA ALA A 29 2.24 2.70 8.83
C ALA A 29 1.09 1.82 8.34
N GLY A 30 0.56 2.13 7.17
CA GLY A 30 -0.54 1.36 6.62
C GLY A 30 -0.09 0.00 6.12
N LEU A 31 -0.35 -1.04 6.92
CA LEU A 31 0.03 -2.40 6.56
C LEU A 31 -0.76 -2.87 5.34
N LEU A 32 -0.04 -3.33 4.31
CA LEU A 32 -0.66 -3.81 3.09
C LEU A 32 0.06 -5.05 2.58
N SER A 33 -0.72 -6.09 2.27
CA SER A 33 -0.16 -7.34 1.76
C SER A 33 -0.77 -7.70 0.41
N VAL A 34 0.10 -7.98 -0.55
CA VAL A 34 -0.35 -8.34 -1.90
C VAL A 34 -0.03 -9.80 -2.22
N ASP A 35 -1.07 -10.62 -2.27
CA ASP A 35 -0.91 -12.04 -2.56
C ASP A 35 -1.04 -12.30 -4.06
N CYS A 36 0.09 -12.59 -4.71
CA CYS A 36 0.10 -12.86 -6.14
C CYS A 36 0.21 -14.35 -6.41
N SER A 37 -0.83 -14.93 -7.02
CA SER A 37 -0.86 -16.35 -7.32
C SER A 37 -0.85 -16.57 -8.84
N GLU A 38 -1.86 -16.03 -9.51
CA GLU A 38 -1.98 -16.17 -10.96
C GLU A 38 -1.77 -14.83 -11.66
N ALA A 39 -1.38 -13.82 -10.88
CA ALA A 39 -1.14 -12.49 -11.43
C ALA A 39 0.02 -12.50 -12.42
N GLY A 40 0.74 -13.62 -12.48
CA GLY A 40 1.86 -13.73 -13.38
C GLY A 40 2.98 -12.76 -13.05
N PRO A 41 3.83 -12.47 -14.05
CA PRO A 41 4.95 -11.54 -13.87
C PRO A 41 4.50 -10.10 -13.70
N GLY A 42 5.45 -9.17 -13.78
CA GLY A 42 5.12 -7.76 -13.64
C GLY A 42 5.62 -7.18 -12.32
N ALA A 43 5.96 -5.90 -12.34
CA ALA A 43 6.45 -5.23 -11.15
C ALA A 43 5.33 -4.49 -10.43
N LEU A 44 5.32 -4.60 -9.10
CA LEU A 44 4.29 -3.95 -8.29
C LEU A 44 4.78 -2.60 -7.79
N GLY A 45 3.84 -1.66 -7.66
CA GLY A 45 4.19 -0.32 -7.20
C GLY A 45 3.00 0.43 -6.65
N LEU A 46 3.22 1.24 -5.61
CA LEU A 46 2.16 2.01 -5.00
C LEU A 46 2.54 3.48 -4.90
N GLU A 47 1.54 4.35 -4.84
CA GLU A 47 1.78 5.78 -4.75
C GLU A 47 0.78 6.44 -3.80
N ALA A 48 1.29 6.95 -2.68
CA ALA A 48 0.44 7.60 -1.68
C ALA A 48 0.48 9.12 -1.84
N VAL A 49 -0.69 9.73 -2.04
CA VAL A 49 -0.78 11.17 -2.21
C VAL A 49 -2.02 11.72 -1.50
N SER A 50 -1.80 12.69 -0.63
CA SER A 50 -2.89 13.31 0.12
C SER A 50 -3.58 14.39 -0.72
N ASP A 51 -4.81 14.74 -0.33
CA ASP A 51 -5.57 15.75 -1.04
C ASP A 51 -4.72 16.99 -1.31
N SER A 52 -3.80 17.27 -0.39
CA SER A 52 -2.93 18.43 -0.53
C SER A 52 -1.65 18.06 -1.27
N GLY A 53 -1.76 17.10 -2.19
CA GLY A 53 -0.61 16.67 -2.96
C GLY A 53 0.58 16.33 -2.09
N THR A 54 0.31 15.69 -0.95
CA THR A 54 1.37 15.30 -0.03
C THR A 54 1.79 13.85 -0.25
N LYS A 55 2.99 13.67 -0.81
CA LYS A 55 3.51 12.33 -1.06
C LYS A 55 4.01 11.69 0.22
N ALA A 56 3.42 10.55 0.57
CA ALA A 56 3.82 9.83 1.77
C ALA A 56 4.95 8.83 1.48
N GLU A 57 5.61 8.38 2.53
CA GLU A 57 6.71 7.43 2.39
C GLU A 57 6.18 6.01 2.18
N VAL A 58 6.57 5.41 1.05
CA VAL A 58 6.13 4.06 0.73
C VAL A 58 7.32 3.11 0.66
N SER A 59 7.09 1.84 1.03
CA SER A 59 8.15 0.84 1.01
C SER A 59 7.57 -0.53 0.65
N ILE A 60 8.13 -1.16 -0.36
CA ILE A 60 7.69 -2.47 -0.80
C ILE A 60 8.69 -3.56 -0.41
N GLN A 61 8.18 -4.67 0.10
CA GLN A 61 9.04 -5.78 0.50
C GLN A 61 8.61 -7.07 -0.17
N ASN A 62 9.42 -7.55 -1.11
CA ASN A 62 9.12 -8.78 -1.83
C ASN A 62 9.43 -10.01 -0.97
N ASN A 63 8.81 -11.13 -1.31
CA ASN A 63 9.01 -12.37 -0.56
C ASN A 63 9.08 -13.57 -1.51
N LYS A 64 9.70 -14.64 -1.05
CA LYS A 64 9.84 -15.84 -1.85
C LYS A 64 8.48 -16.51 -2.08
N ASP A 65 7.47 -16.00 -1.39
CA ASP A 65 6.12 -16.54 -1.51
C ASP A 65 5.30 -15.73 -2.52
N GLY A 66 5.99 -15.04 -3.42
CA GLY A 66 5.30 -14.24 -4.41
C GLY A 66 4.44 -13.16 -3.80
N THR A 67 4.67 -12.87 -2.52
CA THR A 67 3.90 -11.85 -1.81
C THR A 67 4.72 -10.58 -1.63
N TYR A 68 4.03 -9.47 -1.42
CA TYR A 68 4.69 -8.18 -1.23
C TYR A 68 4.11 -7.45 -0.03
N ALA A 69 4.99 -6.85 0.77
CA ALA A 69 4.56 -6.11 1.96
C ALA A 69 4.67 -4.61 1.73
N VAL A 70 3.56 -3.99 1.35
CA VAL A 70 3.53 -2.55 1.10
C VAL A 70 3.13 -1.78 2.35
N THR A 71 3.74 -0.62 2.56
CA THR A 71 3.45 0.20 3.72
C THR A 71 3.54 1.69 3.37
N TYR A 72 2.75 2.50 4.07
CA TYR A 72 2.74 3.95 3.83
C TYR A 72 2.57 4.71 5.14
N VAL A 73 3.44 5.69 5.35
CA VAL A 73 3.39 6.51 6.57
C VAL A 73 2.97 7.93 6.25
N PRO A 74 1.71 8.26 6.55
CA PRO A 74 1.16 9.60 6.32
C PRO A 74 1.76 10.65 7.24
N LEU A 75 2.20 11.77 6.67
CA LEU A 75 2.80 12.85 7.44
C LEU A 75 1.73 13.81 7.95
N THR A 76 0.71 14.04 7.12
CA THR A 76 -0.38 14.95 7.47
C THR A 76 -1.72 14.22 7.44
N ALA A 77 -2.58 14.55 8.40
CA ALA A 77 -3.90 13.92 8.48
C ALA A 77 -4.80 14.41 7.35
N GLY A 78 -5.82 13.63 7.03
CA GLY A 78 -6.75 14.00 5.97
C GLY A 78 -7.06 12.84 5.04
N MET A 79 -7.73 13.14 3.93
CA MET A 79 -8.08 12.11 2.96
C MET A 79 -6.89 11.76 2.09
N TYR A 80 -6.58 10.47 1.99
CA TYR A 80 -5.47 9.99 1.19
C TYR A 80 -5.96 9.21 -0.03
N THR A 81 -5.15 9.20 -1.08
CA THR A 81 -5.50 8.49 -2.31
C THR A 81 -4.46 7.43 -2.64
N LEU A 82 -4.73 6.18 -2.28
CA LEU A 82 -3.82 5.08 -2.54
C LEU A 82 -3.89 4.66 -4.01
N THR A 83 -2.75 4.68 -4.69
CA THR A 83 -2.68 4.30 -6.09
C THR A 83 -1.73 3.13 -6.30
N MET A 84 -2.28 1.99 -6.70
CA MET A 84 -1.48 0.80 -6.94
C MET A 84 -1.56 0.37 -8.40
N LYS A 85 -0.45 -0.15 -8.93
CA LYS A 85 -0.39 -0.60 -10.31
C LYS A 85 0.52 -1.82 -10.45
N TYR A 86 -0.02 -2.89 -11.02
CA TYR A 86 0.74 -4.12 -11.21
C TYR A 86 1.11 -4.30 -12.69
N GLY A 87 2.40 -4.21 -12.98
CA GLY A 87 2.87 -4.37 -14.35
C GLY A 87 2.41 -3.24 -15.25
N GLY A 88 1.96 -2.14 -14.64
CA GLY A 88 1.49 -1.01 -15.43
C GLY A 88 -0.01 -0.95 -15.52
N GLU A 89 -0.69 -1.95 -14.95
CA GLU A 89 -2.14 -2.00 -14.98
C GLU A 89 -2.72 -1.82 -13.57
N LEU A 90 -3.70 -0.93 -13.47
CA LEU A 90 -4.34 -0.66 -12.18
C LEU A 90 -5.04 -1.91 -11.65
N VAL A 91 -5.03 -2.07 -10.32
CA VAL A 91 -5.67 -3.22 -9.69
C VAL A 91 -7.10 -2.90 -9.27
N PRO A 92 -7.90 -3.95 -9.07
CA PRO A 92 -9.30 -3.81 -8.67
C PRO A 92 -9.46 -3.29 -7.25
N HIS A 93 -8.33 -2.98 -6.61
CA HIS A 93 -8.34 -2.47 -5.25
C HIS A 93 -7.81 -1.03 -5.20
N PHE A 94 -7.52 -0.48 -6.38
CA PHE A 94 -7.00 0.88 -6.46
C PHE A 94 -7.51 1.57 -7.73
N PRO A 95 -7.61 2.91 -7.66
CA PRO A 95 -7.26 3.67 -6.46
C PRO A 95 -8.26 3.45 -5.32
N ALA A 96 -7.79 3.64 -4.10
CA ALA A 96 -8.64 3.45 -2.92
C ALA A 96 -8.43 4.59 -1.92
N ARG A 97 -9.48 5.38 -1.71
CA ARG A 97 -9.42 6.49 -0.78
C ARG A 97 -9.46 6.01 0.66
N VAL A 98 -8.72 6.68 1.53
CA VAL A 98 -8.68 6.32 2.94
C VAL A 98 -8.37 7.53 3.82
N LYS A 99 -9.23 7.77 4.80
CA LYS A 99 -9.05 8.90 5.71
C LYS A 99 -8.03 8.57 6.79
N VAL A 100 -7.23 9.56 7.17
CA VAL A 100 -6.21 9.37 8.20
C VAL A 100 -6.43 10.32 9.37
N GLU A 101 -6.50 9.75 10.58
CA GLU A 101 -6.71 10.55 11.78
C GLU A 101 -5.40 11.15 12.27
N PRO A 102 -5.49 12.31 12.94
CA PRO A 102 -4.32 13.01 13.48
C PRO A 102 -3.69 12.27 14.65
N ALA A 103 -2.42 12.57 14.92
CA ALA A 103 -1.70 11.94 16.01
C ALA A 103 -1.97 12.67 17.33
N VAL A 104 -3.12 13.31 17.42
CA VAL A 104 -3.49 14.05 18.64
C VAL A 104 -3.04 13.30 19.89
N ASP A 105 -2.26 13.98 20.72
CA ASP A 105 -1.77 13.39 21.96
C ASP A 105 -1.40 14.48 22.97
N THR A 106 -1.04 14.05 24.18
CA THR A 106 -0.66 14.98 25.24
C THR A 106 0.81 15.33 25.16
N SER A 107 1.11 16.58 24.82
CA SER A 107 2.49 17.05 24.72
C SER A 107 2.79 18.11 25.76
N SER A 108 3.15 17.67 26.97
CA SER A 108 3.46 18.59 28.05
C SER A 108 4.97 18.79 28.17
N GLY A 109 5.41 20.04 28.00
CA GLY A 109 6.83 20.34 28.10
C GLY A 109 7.18 20.98 29.43
N PRO A 110 8.32 21.71 29.45
CA PRO A 110 8.80 22.39 30.65
C PRO A 110 7.91 23.57 31.04
N SER A 111 8.20 24.15 32.20
CA SER A 111 7.43 25.29 32.69
C SER A 111 8.02 26.61 32.19
N SER A 112 9.32 26.77 32.37
CA SER A 112 10.01 27.98 31.94
C SER A 112 9.75 28.25 30.46
N GLY A 113 9.98 27.23 29.63
CA GLY A 113 9.77 27.38 28.21
C GLY A 113 8.38 26.94 27.77
N GLY A 1 9.74 -31.27 -13.57
CA GLY A 1 8.62 -30.67 -14.25
C GLY A 1 8.53 -31.10 -15.71
N SER A 2 7.37 -31.61 -16.10
CA SER A 2 7.16 -32.06 -17.47
C SER A 2 6.42 -31.00 -18.28
N SER A 3 5.22 -30.64 -17.82
CA SER A 3 4.41 -29.64 -18.51
C SER A 3 4.91 -28.23 -18.21
N GLY A 4 4.88 -27.37 -19.22
CA GLY A 4 5.34 -26.01 -19.04
C GLY A 4 4.35 -25.15 -18.27
N SER A 5 4.76 -24.69 -17.09
CA SER A 5 3.90 -23.87 -16.25
C SER A 5 3.35 -22.69 -17.03
N SER A 6 2.02 -22.62 -17.13
CA SER A 6 1.37 -21.54 -17.85
C SER A 6 0.78 -20.51 -16.89
N GLY A 7 0.37 -19.36 -17.42
CA GLY A 7 -0.20 -18.32 -16.60
C GLY A 7 0.17 -16.93 -17.07
N PRO A 8 -0.70 -16.33 -17.89
CA PRO A 8 -0.48 -14.98 -18.44
C PRO A 8 -0.59 -13.90 -17.38
N PHE A 9 -0.07 -12.72 -17.69
CA PHE A 9 -0.11 -11.59 -16.76
C PHE A 9 -1.54 -11.12 -16.54
N ASP A 10 -1.86 -10.80 -15.29
CA ASP A 10 -3.20 -10.34 -14.93
C ASP A 10 -3.19 -9.64 -13.58
N PRO A 11 -3.43 -8.31 -13.60
CA PRO A 11 -3.45 -7.50 -12.38
C PRO A 11 -4.66 -7.80 -11.50
N SER A 12 -5.72 -8.30 -12.12
CA SER A 12 -6.94 -8.62 -11.40
C SER A 12 -6.70 -9.78 -10.42
N LYS A 13 -5.80 -10.68 -10.79
CA LYS A 13 -5.47 -11.82 -9.95
C LYS A 13 -4.78 -11.37 -8.66
N VAL A 14 -4.34 -10.12 -8.64
CA VAL A 14 -3.67 -9.56 -7.47
C VAL A 14 -4.68 -9.13 -6.41
N VAL A 15 -4.44 -9.51 -5.17
CA VAL A 15 -5.33 -9.15 -4.06
C VAL A 15 -4.57 -8.40 -2.99
N ALA A 16 -5.00 -7.16 -2.73
CA ALA A 16 -4.37 -6.33 -1.72
C ALA A 16 -5.31 -6.07 -0.55
N SER A 17 -4.81 -6.26 0.66
CA SER A 17 -5.61 -6.06 1.87
C SER A 17 -4.76 -5.50 3.00
N GLY A 18 -5.38 -5.30 4.16
CA GLY A 18 -4.65 -4.77 5.30
C GLY A 18 -5.40 -3.62 5.96
N PRO A 19 -4.94 -3.24 7.17
CA PRO A 19 -5.55 -2.14 7.93
C PRO A 19 -5.31 -0.78 7.29
N GLY A 20 -4.23 -0.68 6.51
CA GLY A 20 -3.91 0.56 5.85
C GLY A 20 -4.95 0.97 4.82
N LEU A 21 -5.63 -0.02 4.25
CA LEU A 21 -6.66 0.25 3.25
C LEU A 21 -8.00 0.55 3.91
N GLU A 22 -8.02 0.51 5.24
CA GLU A 22 -9.24 0.78 5.98
C GLU A 22 -9.14 2.11 6.73
N HIS A 23 -7.93 2.46 7.14
CA HIS A 23 -7.69 3.70 7.87
C HIS A 23 -6.20 3.93 8.07
N GLY A 24 -5.85 5.12 8.58
CA GLY A 24 -4.45 5.45 8.82
C GLY A 24 -4.29 6.52 9.87
N LYS A 25 -3.05 6.72 10.31
CA LYS A 25 -2.76 7.72 11.33
C LYS A 25 -1.43 8.40 11.05
N VAL A 26 -1.38 9.72 11.28
CA VAL A 26 -0.16 10.49 11.05
C VAL A 26 1.03 9.86 11.77
N GLY A 27 1.94 9.27 10.98
CA GLY A 27 3.11 8.64 11.56
C GLY A 27 3.03 7.13 11.53
N GLU A 28 1.81 6.61 11.61
CA GLU A 28 1.61 5.16 11.60
C GLU A 28 2.02 4.57 10.26
N ALA A 29 1.96 3.24 10.16
CA ALA A 29 2.34 2.54 8.94
C ALA A 29 1.17 1.71 8.41
N GLY A 30 0.67 2.08 7.24
CA GLY A 30 -0.44 1.36 6.65
C GLY A 30 -0.04 -0.02 6.16
N LEU A 31 -0.26 -1.03 7.01
CA LEU A 31 0.08 -2.40 6.67
C LEU A 31 -0.72 -2.88 5.47
N LEU A 32 -0.02 -3.25 4.40
CA LEU A 32 -0.66 -3.74 3.19
C LEU A 32 -0.04 -5.04 2.71
N SER A 33 -0.88 -6.00 2.36
CA SER A 33 -0.41 -7.30 1.89
C SER A 33 -0.97 -7.62 0.50
N VAL A 34 -0.08 -7.96 -0.43
CA VAL A 34 -0.48 -8.29 -1.79
C VAL A 34 -0.18 -9.75 -2.11
N ASP A 35 -1.23 -10.56 -2.22
CA ASP A 35 -1.07 -11.97 -2.53
C ASP A 35 -1.29 -12.23 -4.02
N CYS A 36 -0.20 -12.54 -4.73
CA CYS A 36 -0.28 -12.80 -6.16
C CYS A 36 -0.19 -14.29 -6.44
N SER A 37 -1.14 -14.81 -7.22
CA SER A 37 -1.17 -16.22 -7.57
C SER A 37 -0.90 -16.44 -9.05
N GLU A 38 -1.80 -15.91 -9.88
CA GLU A 38 -1.65 -16.04 -11.33
C GLU A 38 -1.46 -14.67 -11.98
N ALA A 39 -1.02 -13.71 -11.19
CA ALA A 39 -0.78 -12.35 -11.69
C ALA A 39 0.30 -12.34 -12.75
N GLY A 40 0.98 -13.47 -12.92
CA GLY A 40 2.03 -13.57 -13.90
C GLY A 40 3.19 -12.61 -13.61
N PRO A 41 3.95 -12.27 -14.66
CA PRO A 41 5.10 -11.36 -14.54
C PRO A 41 4.67 -9.93 -14.23
N GLY A 42 5.65 -9.03 -14.15
CA GLY A 42 5.35 -7.64 -13.86
C GLY A 42 5.83 -7.21 -12.48
N ALA A 43 5.91 -5.91 -12.26
CA ALA A 43 6.35 -5.38 -10.99
C ALA A 43 5.24 -4.58 -10.30
N LEU A 44 5.19 -4.65 -8.98
CA LEU A 44 4.17 -3.94 -8.21
C LEU A 44 4.67 -2.56 -7.80
N GLY A 45 3.75 -1.61 -7.69
CA GLY A 45 4.12 -0.26 -7.30
C GLY A 45 2.93 0.54 -6.80
N LEU A 46 3.14 1.31 -5.73
CA LEU A 46 2.08 2.12 -5.16
C LEU A 46 2.51 3.59 -5.09
N GLU A 47 1.52 4.48 -5.05
CA GLU A 47 1.79 5.91 -4.97
C GLU A 47 0.81 6.60 -4.02
N ALA A 48 1.31 7.01 -2.86
CA ALA A 48 0.49 7.69 -1.86
C ALA A 48 0.47 9.19 -2.11
N VAL A 49 -0.73 9.77 -2.07
CA VAL A 49 -0.89 11.20 -2.29
C VAL A 49 -2.18 11.71 -1.63
N SER A 50 -2.08 12.88 -1.00
CA SER A 50 -3.23 13.47 -0.34
C SER A 50 -3.88 14.54 -1.21
N ASP A 51 -5.14 14.85 -0.92
CA ASP A 51 -5.88 15.86 -1.68
C ASP A 51 -5.08 17.15 -1.81
N SER A 52 -4.10 17.31 -0.94
CA SER A 52 -3.25 18.50 -0.95
C SER A 52 -1.93 18.22 -1.64
N GLY A 53 -1.95 17.29 -2.59
CA GLY A 53 -0.74 16.94 -3.31
C GLY A 53 0.44 16.69 -2.39
N THR A 54 0.25 15.78 -1.44
CA THR A 54 1.31 15.44 -0.49
C THR A 54 1.71 13.98 -0.61
N LYS A 55 2.88 13.74 -1.21
CA LYS A 55 3.39 12.39 -1.40
C LYS A 55 3.84 11.80 -0.07
N ALA A 56 3.33 10.61 0.25
CA ALA A 56 3.70 9.94 1.49
C ALA A 56 4.81 8.93 1.26
N GLU A 57 5.57 8.65 2.32
CA GLU A 57 6.68 7.70 2.23
C GLU A 57 6.17 6.28 2.11
N VAL A 58 6.40 5.66 0.96
CA VAL A 58 5.97 4.28 0.72
C VAL A 58 7.16 3.36 0.45
N SER A 59 6.94 2.06 0.61
CA SER A 59 7.99 1.08 0.37
C SER A 59 7.40 -0.29 0.11
N ILE A 60 8.07 -1.08 -0.72
CA ILE A 60 7.62 -2.42 -1.06
C ILE A 60 8.64 -3.47 -0.66
N GLN A 61 8.16 -4.63 -0.23
CA GLN A 61 9.04 -5.72 0.18
C GLN A 61 8.55 -7.05 -0.37
N ASN A 62 9.36 -7.69 -1.20
CA ASN A 62 9.01 -8.98 -1.79
C ASN A 62 9.23 -10.11 -0.80
N ASN A 63 8.51 -11.21 -0.99
CA ASN A 63 8.63 -12.36 -0.12
C ASN A 63 8.66 -13.66 -0.92
N LYS A 64 9.02 -14.76 -0.26
CA LYS A 64 9.10 -16.06 -0.93
C LYS A 64 7.69 -16.62 -1.17
N ASP A 65 6.73 -16.13 -0.41
CA ASP A 65 5.35 -16.57 -0.56
C ASP A 65 4.62 -15.76 -1.63
N GLY A 66 5.36 -15.36 -2.67
CA GLY A 66 4.77 -14.59 -3.74
C GLY A 66 3.88 -13.47 -3.24
N THR A 67 4.33 -12.79 -2.18
CA THR A 67 3.57 -11.71 -1.60
C THR A 67 4.43 -10.46 -1.44
N TYR A 68 3.77 -9.31 -1.36
CA TYR A 68 4.48 -8.03 -1.21
C TYR A 68 3.97 -7.26 0.01
N ALA A 69 4.90 -6.80 0.83
CA ALA A 69 4.56 -6.05 2.03
C ALA A 69 4.69 -4.55 1.79
N VAL A 70 3.58 -3.90 1.45
CA VAL A 70 3.59 -2.47 1.20
C VAL A 70 3.15 -1.69 2.43
N THR A 71 3.78 -0.55 2.66
CA THR A 71 3.46 0.30 3.81
C THR A 71 3.57 1.77 3.47
N TYR A 72 2.72 2.58 4.09
CA TYR A 72 2.73 4.03 3.84
C TYR A 72 2.63 4.80 5.16
N VAL A 73 3.57 5.72 5.37
CA VAL A 73 3.59 6.53 6.58
C VAL A 73 3.16 7.96 6.29
N PRO A 74 1.88 8.27 6.60
CA PRO A 74 1.32 9.60 6.38
C PRO A 74 1.90 10.65 7.33
N LEU A 75 2.36 11.76 6.76
CA LEU A 75 2.95 12.83 7.55
C LEU A 75 1.87 13.79 8.05
N THR A 76 0.79 13.89 7.30
CA THR A 76 -0.32 14.78 7.67
C THR A 76 -1.66 14.07 7.52
N ALA A 77 -2.48 14.13 8.57
CA ALA A 77 -3.79 13.49 8.54
C ALA A 77 -4.68 14.12 7.49
N GLY A 78 -5.54 13.30 6.88
CA GLY A 78 -6.44 13.80 5.85
C GLY A 78 -6.79 12.74 4.83
N MET A 79 -7.64 13.11 3.87
CA MET A 79 -8.05 12.17 2.83
C MET A 79 -6.88 11.82 1.92
N TYR A 80 -6.58 10.53 1.83
CA TYR A 80 -5.48 10.05 0.99
C TYR A 80 -6.00 9.26 -0.20
N THR A 81 -5.20 9.22 -1.26
CA THR A 81 -5.58 8.50 -2.47
C THR A 81 -4.54 7.45 -2.84
N LEU A 82 -4.77 6.22 -2.39
CA LEU A 82 -3.84 5.12 -2.67
C LEU A 82 -3.91 4.72 -4.14
N THR A 83 -2.75 4.68 -4.79
CA THR A 83 -2.68 4.30 -6.20
C THR A 83 -1.72 3.13 -6.41
N MET A 84 -2.29 1.96 -6.65
CA MET A 84 -1.50 0.75 -6.87
C MET A 84 -1.50 0.36 -8.34
N LYS A 85 -0.38 -0.18 -8.82
CA LYS A 85 -0.26 -0.60 -10.21
C LYS A 85 0.63 -1.83 -10.33
N TYR A 86 0.09 -2.89 -10.91
CA TYR A 86 0.85 -4.13 -11.09
C TYR A 86 1.09 -4.42 -12.57
N GLY A 87 2.36 -4.44 -12.96
CA GLY A 87 2.71 -4.70 -14.34
C GLY A 87 2.27 -3.59 -15.26
N GLY A 88 2.09 -2.40 -14.71
CA GLY A 88 1.67 -1.26 -15.52
C GLY A 88 0.16 -1.14 -15.61
N GLU A 89 -0.54 -2.01 -14.89
CA GLU A 89 -2.00 -2.00 -14.89
C GLU A 89 -2.55 -1.83 -13.48
N LEU A 90 -3.60 -1.02 -13.35
CA LEU A 90 -4.22 -0.77 -12.06
C LEU A 90 -4.85 -2.05 -11.51
N VAL A 91 -4.90 -2.15 -10.19
CA VAL A 91 -5.48 -3.31 -9.53
C VAL A 91 -6.92 -3.06 -9.13
N PRO A 92 -7.67 -4.14 -8.90
CA PRO A 92 -9.09 -4.05 -8.50
C PRO A 92 -9.26 -3.51 -7.09
N HIS A 93 -8.16 -3.12 -6.47
CA HIS A 93 -8.18 -2.59 -5.11
C HIS A 93 -7.68 -1.15 -5.08
N PHE A 94 -7.50 -0.56 -6.27
CA PHE A 94 -7.02 0.80 -6.38
C PHE A 94 -7.57 1.47 -7.64
N PRO A 95 -7.70 2.81 -7.60
CA PRO A 95 -7.34 3.59 -6.41
C PRO A 95 -8.30 3.36 -5.25
N ALA A 96 -7.82 3.60 -4.03
CA ALA A 96 -8.63 3.42 -2.84
C ALA A 96 -8.53 4.63 -1.91
N ARG A 97 -9.67 5.09 -1.43
CA ARG A 97 -9.71 6.24 -0.53
C ARG A 97 -9.72 5.80 0.93
N VAL A 98 -8.94 6.48 1.75
CA VAL A 98 -8.86 6.15 3.17
C VAL A 98 -8.74 7.42 4.02
N LYS A 99 -9.45 7.44 5.14
CA LYS A 99 -9.42 8.60 6.04
C LYS A 99 -8.41 8.38 7.15
N VAL A 100 -7.40 9.24 7.20
CA VAL A 100 -6.36 9.15 8.22
C VAL A 100 -6.55 10.21 9.31
N GLU A 101 -6.51 9.78 10.56
CA GLU A 101 -6.69 10.68 11.69
C GLU A 101 -5.35 11.18 12.20
N PRO A 102 -5.35 12.34 12.86
CA PRO A 102 -4.15 12.95 13.41
C PRO A 102 -3.61 12.18 14.61
N ALA A 103 -2.30 12.26 14.81
CA ALA A 103 -1.65 11.56 15.92
C ALA A 103 -1.37 12.53 17.08
N VAL A 104 -2.27 13.48 17.29
CA VAL A 104 -2.12 14.46 18.35
C VAL A 104 -2.92 14.06 19.59
N ASP A 105 -2.77 12.81 20.00
CA ASP A 105 -3.48 12.30 21.17
C ASP A 105 -2.96 12.95 22.45
N THR A 106 -1.64 12.98 22.60
CA THR A 106 -1.01 13.57 23.77
C THR A 106 -0.03 14.66 23.38
N SER A 107 -0.42 15.47 22.39
CA SER A 107 0.43 16.57 21.92
C SER A 107 1.74 16.03 21.36
N SER A 108 1.65 14.96 20.57
CA SER A 108 2.82 14.34 19.97
C SER A 108 3.07 14.90 18.58
N GLY A 109 4.32 15.25 18.29
CA GLY A 109 4.67 15.78 16.99
C GLY A 109 6.00 16.50 16.99
N PRO A 110 6.64 16.57 15.81
CA PRO A 110 7.94 17.23 15.66
C PRO A 110 7.84 18.75 15.80
N SER A 111 8.76 19.33 16.57
CA SER A 111 8.77 20.77 16.79
C SER A 111 9.86 21.44 15.97
N SER A 112 9.99 21.00 14.72
CA SER A 112 11.01 21.56 13.83
C SER A 112 10.48 22.80 13.12
N GLY A 113 11.38 23.77 12.92
CA GLY A 113 10.99 25.01 12.26
C GLY A 113 11.73 26.21 12.81
N GLY A 1 11.17 -32.01 -13.60
CA GLY A 1 9.94 -32.76 -13.62
C GLY A 1 8.75 -31.91 -14.00
N SER A 2 8.40 -30.96 -13.11
CA SER A 2 7.27 -30.08 -13.36
C SER A 2 7.18 -29.00 -12.27
N SER A 3 7.07 -27.75 -12.71
CA SER A 3 6.98 -26.63 -11.78
C SER A 3 5.52 -26.27 -11.50
N GLY A 4 4.75 -26.13 -12.57
CA GLY A 4 3.34 -25.78 -12.42
C GLY A 4 2.66 -25.55 -13.76
N SER A 5 1.88 -24.48 -13.85
CA SER A 5 1.17 -24.16 -15.08
C SER A 5 1.44 -22.71 -15.51
N SER A 6 1.08 -22.38 -16.74
CA SER A 6 1.28 -21.05 -17.27
C SER A 6 0.61 -20.00 -16.38
N GLY A 7 1.27 -18.86 -16.21
CA GLY A 7 0.73 -17.80 -15.39
C GLY A 7 0.95 -16.42 -15.99
N PRO A 8 0.05 -16.03 -16.90
CA PRO A 8 0.13 -14.72 -17.58
C PRO A 8 -0.16 -13.56 -16.62
N PHE A 9 0.46 -12.41 -16.88
CA PHE A 9 0.26 -11.24 -16.06
C PHE A 9 -1.20 -10.82 -16.02
N ASP A 10 -1.71 -10.54 -14.83
CA ASP A 10 -3.10 -10.14 -14.67
C ASP A 10 -3.29 -9.39 -13.36
N PRO A 11 -3.47 -8.06 -13.46
CA PRO A 11 -3.67 -7.19 -12.29
C PRO A 11 -5.03 -7.42 -11.63
N SER A 12 -5.96 -7.97 -12.39
CA SER A 12 -7.31 -8.23 -11.89
C SER A 12 -7.29 -9.38 -10.88
N LYS A 13 -6.31 -10.27 -11.03
CA LYS A 13 -6.17 -11.41 -10.13
C LYS A 13 -5.41 -11.04 -8.88
N VAL A 14 -4.84 -9.83 -8.87
CA VAL A 14 -4.08 -9.35 -7.72
C VAL A 14 -5.00 -9.00 -6.56
N VAL A 15 -4.72 -9.56 -5.40
CA VAL A 15 -5.51 -9.29 -4.21
C VAL A 15 -4.78 -8.37 -3.24
N ALA A 16 -5.45 -7.31 -2.81
CA ALA A 16 -4.86 -6.35 -1.88
C ALA A 16 -5.74 -6.16 -0.66
N SER A 17 -5.14 -6.25 0.53
CA SER A 17 -5.89 -6.09 1.77
C SER A 17 -4.98 -5.52 2.87
N GLY A 18 -5.54 -5.38 4.07
CA GLY A 18 -4.77 -4.85 5.17
C GLY A 18 -5.47 -3.70 5.86
N PRO A 19 -4.98 -3.33 7.06
CA PRO A 19 -5.54 -2.23 7.84
C PRO A 19 -5.29 -0.86 7.21
N GLY A 20 -4.21 -0.77 6.43
CA GLY A 20 -3.87 0.48 5.78
C GLY A 20 -4.88 0.85 4.71
N LEU A 21 -5.55 -0.14 4.15
CA LEU A 21 -6.54 0.09 3.10
C LEU A 21 -7.90 0.39 3.71
N GLU A 22 -7.97 0.40 5.04
CA GLU A 22 -9.22 0.68 5.74
C GLU A 22 -9.12 1.99 6.52
N HIS A 23 -7.93 2.30 7.00
CA HIS A 23 -7.70 3.52 7.76
C HIS A 23 -6.21 3.72 8.05
N GLY A 24 -5.83 4.94 8.40
CA GLY A 24 -4.44 5.23 8.70
C GLY A 24 -4.29 6.30 9.77
N LYS A 25 -3.06 6.57 10.17
CA LYS A 25 -2.78 7.58 11.18
C LYS A 25 -1.48 8.32 10.87
N VAL A 26 -1.51 9.64 11.02
CA VAL A 26 -0.34 10.47 10.76
C VAL A 26 0.88 9.96 11.51
N GLY A 27 1.81 9.37 10.77
CA GLY A 27 3.02 8.84 11.39
C GLY A 27 3.03 7.33 11.43
N GLU A 28 1.85 6.72 11.46
CA GLU A 28 1.73 5.27 11.49
C GLU A 28 2.12 4.66 10.15
N ALA A 29 2.03 3.33 10.07
CA ALA A 29 2.37 2.62 8.84
C ALA A 29 1.20 1.77 8.37
N GLY A 30 0.71 2.07 7.16
CA GLY A 30 -0.41 1.32 6.61
C GLY A 30 0.00 -0.06 6.12
N LEU A 31 -0.25 -1.07 6.93
CA LEU A 31 0.10 -2.45 6.58
C LEU A 31 -0.70 -2.92 5.36
N LEU A 32 0.00 -3.25 4.29
CA LEU A 32 -0.64 -3.72 3.06
C LEU A 32 0.04 -4.99 2.55
N SER A 33 -0.78 -5.99 2.22
CA SER A 33 -0.25 -7.25 1.72
C SER A 33 -0.91 -7.61 0.38
N VAL A 34 -0.08 -7.91 -0.61
CA VAL A 34 -0.57 -8.28 -1.93
C VAL A 34 -0.31 -9.75 -2.23
N ASP A 35 -1.38 -10.54 -2.22
CA ASP A 35 -1.27 -11.97 -2.50
C ASP A 35 -1.34 -12.25 -4.00
N CYS A 36 -0.17 -12.42 -4.62
CA CYS A 36 -0.11 -12.68 -6.05
C CYS A 36 0.18 -14.16 -6.32
N SER A 37 -0.82 -14.86 -6.83
CA SER A 37 -0.68 -16.29 -7.12
C SER A 37 -0.94 -16.56 -8.60
N GLU A 38 -2.07 -16.07 -9.10
CA GLU A 38 -2.43 -16.27 -10.50
C GLU A 38 -2.18 -15.00 -11.31
N ALA A 39 -1.93 -13.90 -10.61
CA ALA A 39 -1.67 -12.62 -11.26
C ALA A 39 -0.59 -12.76 -12.32
N GLY A 40 0.55 -13.35 -11.93
CA GLY A 40 1.64 -13.52 -12.86
C GLY A 40 2.80 -12.57 -12.59
N PRO A 41 3.62 -12.33 -13.62
CA PRO A 41 4.78 -11.43 -13.51
C PRO A 41 4.37 -9.97 -13.37
N GLY A 42 5.32 -9.07 -13.60
CA GLY A 42 5.03 -7.65 -13.49
C GLY A 42 5.57 -7.04 -12.20
N ALA A 43 5.90 -5.76 -12.26
CA ALA A 43 6.43 -5.06 -11.09
C ALA A 43 5.33 -4.33 -10.33
N LEU A 44 5.34 -4.46 -9.01
CA LEU A 44 4.33 -3.81 -8.17
C LEU A 44 4.81 -2.43 -7.72
N GLY A 45 3.89 -1.46 -7.74
CA GLY A 45 4.23 -0.11 -7.34
C GLY A 45 3.05 0.63 -6.74
N LEU A 46 3.23 1.16 -5.54
CA LEU A 46 2.17 1.89 -4.86
C LEU A 46 2.52 3.38 -4.75
N GLU A 47 1.51 4.23 -4.93
CA GLU A 47 1.71 5.67 -4.85
C GLU A 47 0.68 6.31 -3.93
N ALA A 48 1.14 6.82 -2.80
CA ALA A 48 0.26 7.45 -1.82
C ALA A 48 0.33 8.97 -1.94
N VAL A 49 -0.84 9.61 -2.02
CA VAL A 49 -0.91 11.06 -2.14
C VAL A 49 -2.14 11.61 -1.43
N SER A 50 -1.94 12.63 -0.60
CA SER A 50 -3.04 13.24 0.15
C SER A 50 -3.83 14.19 -0.76
N ASP A 51 -5.09 14.43 -0.37
CA ASP A 51 -5.96 15.31 -1.14
C ASP A 51 -5.26 16.64 -1.44
N SER A 52 -4.65 17.22 -0.43
CA SER A 52 -3.95 18.50 -0.58
C SER A 52 -2.72 18.33 -1.47
N GLY A 53 -2.24 17.09 -1.60
CA GLY A 53 -1.09 16.82 -2.42
C GLY A 53 0.15 16.51 -1.59
N THR A 54 -0.03 15.72 -0.54
CA THR A 54 1.07 15.34 0.33
C THR A 54 1.56 13.93 0.04
N LYS A 55 2.76 13.83 -0.53
CA LYS A 55 3.34 12.53 -0.86
C LYS A 55 3.82 11.81 0.40
N ALA A 56 3.37 10.57 0.57
CA ALA A 56 3.75 9.77 1.73
C ALA A 56 4.85 8.76 1.36
N GLU A 57 5.67 8.42 2.35
CA GLU A 57 6.75 7.47 2.13
C GLU A 57 6.21 6.07 1.87
N VAL A 58 6.57 5.49 0.74
CA VAL A 58 6.11 4.15 0.37
C VAL A 58 7.29 3.23 0.10
N SER A 59 7.16 1.97 0.50
CA SER A 59 8.21 0.99 0.29
C SER A 59 7.63 -0.40 0.02
N ILE A 60 8.19 -1.08 -0.97
CA ILE A 60 7.72 -2.41 -1.34
C ILE A 60 8.78 -3.46 -1.06
N GLN A 61 8.36 -4.59 -0.48
CA GLN A 61 9.28 -5.68 -0.15
C GLN A 61 8.72 -7.01 -0.63
N ASN A 62 9.59 -7.82 -1.25
CA ASN A 62 9.19 -9.12 -1.75
C ASN A 62 9.61 -10.23 -0.79
N ASN A 63 8.94 -11.37 -0.90
CA ASN A 63 9.23 -12.51 -0.03
C ASN A 63 9.51 -13.77 -0.86
N LYS A 64 9.71 -14.88 -0.17
CA LYS A 64 9.98 -16.15 -0.84
C LYS A 64 8.69 -16.95 -1.04
N ASP A 65 7.62 -16.49 -0.41
CA ASP A 65 6.32 -17.14 -0.53
C ASP A 65 5.58 -16.67 -1.77
N GLY A 66 5.86 -15.43 -2.19
CA GLY A 66 5.20 -14.88 -3.36
C GLY A 66 4.28 -13.72 -3.01
N THR A 67 4.48 -13.14 -1.83
CA THR A 67 3.67 -12.02 -1.39
C THR A 67 4.50 -10.75 -1.26
N TYR A 68 3.83 -9.60 -1.33
CA TYR A 68 4.51 -8.32 -1.23
C TYR A 68 4.05 -7.55 0.02
N ALA A 69 5.00 -6.97 0.73
CA ALA A 69 4.68 -6.20 1.93
C ALA A 69 4.78 -4.70 1.67
N VAL A 70 3.64 -4.08 1.37
CA VAL A 70 3.59 -2.65 1.09
C VAL A 70 3.19 -1.87 2.34
N THR A 71 3.84 -0.73 2.55
CA THR A 71 3.55 0.11 3.71
C THR A 71 3.62 1.59 3.34
N TYR A 72 2.80 2.41 4.01
CA TYR A 72 2.78 3.83 3.75
C TYR A 72 2.67 4.62 5.06
N VAL A 73 3.55 5.61 5.21
CA VAL A 73 3.56 6.44 6.42
C VAL A 73 3.13 7.87 6.10
N PRO A 74 1.88 8.19 6.41
CA PRO A 74 1.32 9.54 6.17
C PRO A 74 1.93 10.59 7.09
N LEU A 75 2.31 11.72 6.51
CA LEU A 75 2.91 12.81 7.28
C LEU A 75 1.84 13.73 7.84
N THR A 76 0.81 13.98 7.04
CA THR A 76 -0.29 14.85 7.46
C THR A 76 -1.63 14.13 7.36
N ALA A 77 -2.49 14.35 8.34
CA ALA A 77 -3.81 13.73 8.37
C ALA A 77 -4.66 14.22 7.20
N GLY A 78 -5.73 13.47 6.90
CA GLY A 78 -6.60 13.84 5.81
C GLY A 78 -6.90 12.69 4.88
N MET A 79 -7.77 12.91 3.91
CA MET A 79 -8.14 11.88 2.95
C MET A 79 -6.99 11.59 1.99
N TYR A 80 -6.56 10.34 1.93
CA TYR A 80 -5.46 9.95 1.06
C TYR A 80 -5.99 9.16 -0.13
N THR A 81 -5.23 9.21 -1.24
CA THR A 81 -5.62 8.50 -2.45
C THR A 81 -4.58 7.46 -2.83
N LEU A 82 -4.78 6.22 -2.39
CA LEU A 82 -3.86 5.14 -2.69
C LEU A 82 -3.94 4.74 -4.17
N THR A 83 -2.81 4.81 -4.86
CA THR A 83 -2.77 4.45 -6.27
C THR A 83 -1.76 3.32 -6.52
N MET A 84 -2.27 2.13 -6.79
CA MET A 84 -1.42 0.98 -7.04
C MET A 84 -1.51 0.55 -8.50
N LYS A 85 -0.38 0.16 -9.08
CA LYS A 85 -0.34 -0.29 -10.47
C LYS A 85 0.60 -1.48 -10.63
N TYR A 86 0.06 -2.60 -11.10
CA TYR A 86 0.86 -3.80 -11.30
C TYR A 86 1.26 -3.94 -12.76
N GLY A 87 2.56 -4.13 -12.99
CA GLY A 87 3.06 -4.27 -14.35
C GLY A 87 2.65 -3.12 -15.24
N GLY A 88 2.19 -2.03 -14.64
CA GLY A 88 1.77 -0.88 -15.40
C GLY A 88 0.28 -0.83 -15.61
N GLU A 89 -0.46 -1.56 -14.78
CA GLU A 89 -1.91 -1.60 -14.88
C GLU A 89 -2.56 -1.45 -13.51
N LEU A 90 -3.63 -0.67 -13.45
CA LEU A 90 -4.34 -0.45 -12.19
C LEU A 90 -4.98 -1.73 -11.69
N VAL A 91 -5.01 -1.90 -10.37
CA VAL A 91 -5.61 -3.08 -9.76
C VAL A 91 -7.04 -2.82 -9.34
N PRO A 92 -7.81 -3.91 -9.16
CA PRO A 92 -9.22 -3.82 -8.75
C PRO A 92 -9.39 -3.34 -7.31
N HIS A 93 -8.28 -2.99 -6.68
CA HIS A 93 -8.29 -2.51 -5.30
C HIS A 93 -7.80 -1.06 -5.22
N PHE A 94 -7.59 -0.46 -6.39
CA PHE A 94 -7.12 0.92 -6.45
C PHE A 94 -7.66 1.62 -7.69
N PRO A 95 -7.82 2.95 -7.59
CA PRO A 95 -7.48 3.71 -6.39
C PRO A 95 -8.44 3.42 -5.24
N ALA A 96 -7.96 3.59 -4.01
CA ALA A 96 -8.78 3.35 -2.83
C ALA A 96 -8.56 4.43 -1.78
N ARG A 97 -9.58 5.29 -1.59
CA ARG A 97 -9.49 6.36 -0.63
C ARG A 97 -9.54 5.82 0.80
N VAL A 98 -8.80 6.46 1.70
CA VAL A 98 -8.75 6.04 3.10
C VAL A 98 -8.57 7.24 4.03
N LYS A 99 -9.54 7.44 4.91
CA LYS A 99 -9.49 8.56 5.85
C LYS A 99 -8.38 8.34 6.88
N VAL A 100 -7.47 9.29 6.97
CA VAL A 100 -6.36 9.20 7.93
C VAL A 100 -6.58 10.14 9.11
N GLU A 101 -6.47 9.59 10.32
CA GLU A 101 -6.65 10.38 11.53
C GLU A 101 -5.34 10.97 12.00
N PRO A 102 -5.41 12.07 12.75
CA PRO A 102 -4.24 12.76 13.29
C PRO A 102 -3.52 11.96 14.38
N ALA A 103 -2.31 12.36 14.71
CA ALA A 103 -1.53 11.68 15.73
C ALA A 103 -1.86 12.20 17.12
N VAL A 104 -3.15 12.44 17.37
CA VAL A 104 -3.60 12.94 18.66
C VAL A 104 -3.46 11.89 19.75
N ASP A 105 -3.07 10.68 19.34
CA ASP A 105 -2.89 9.59 20.29
C ASP A 105 -1.40 9.35 20.57
N THR A 106 -1.09 9.08 21.84
CA THR A 106 0.29 8.86 22.24
C THR A 106 1.05 8.06 21.18
N SER A 107 2.32 8.41 20.98
CA SER A 107 3.15 7.73 20.00
C SER A 107 4.34 7.05 20.67
N SER A 108 5.02 7.79 21.54
CA SER A 108 6.19 7.26 22.25
C SER A 108 5.99 7.37 23.76
N GLY A 109 5.81 6.22 24.41
CA GLY A 109 5.62 6.21 25.86
C GLY A 109 6.87 5.79 26.60
N PRO A 110 6.91 4.51 27.02
CA PRO A 110 8.05 3.96 27.76
C PRO A 110 9.28 3.81 26.88
N SER A 111 10.12 4.84 26.86
CA SER A 111 11.34 4.83 26.05
C SER A 111 11.12 4.03 24.76
N SER A 112 10.02 4.30 24.08
CA SER A 112 9.70 3.61 22.83
C SER A 112 9.40 4.60 21.72
N GLY A 113 9.99 4.37 20.55
CA GLY A 113 9.78 5.25 19.42
C GLY A 113 9.85 4.52 18.09
N GLY A 1 11.85 -22.02 -17.78
CA GLY A 1 13.17 -21.60 -17.36
C GLY A 1 13.71 -20.46 -18.20
N SER A 2 14.77 -19.81 -17.72
CA SER A 2 15.38 -18.69 -18.44
C SER A 2 14.45 -17.48 -18.41
N SER A 3 13.85 -17.22 -17.26
CA SER A 3 12.95 -16.08 -17.12
C SER A 3 11.83 -16.14 -18.15
N GLY A 4 11.27 -17.32 -18.34
CA GLY A 4 10.20 -17.49 -19.31
C GLY A 4 8.94 -18.08 -18.69
N SER A 5 8.18 -17.24 -17.99
CA SER A 5 6.95 -17.69 -17.35
C SER A 5 6.00 -18.32 -18.36
N SER A 6 4.93 -18.93 -17.86
CA SER A 6 3.94 -19.56 -18.72
C SER A 6 2.57 -18.92 -18.55
N GLY A 7 2.12 -18.81 -17.30
CA GLY A 7 0.83 -18.21 -17.02
C GLY A 7 0.73 -16.78 -17.53
N PRO A 8 -0.46 -16.41 -18.02
CA PRO A 8 -0.71 -15.06 -18.55
C PRO A 8 -0.71 -14.00 -17.46
N PHE A 9 -0.48 -12.75 -17.85
CA PHE A 9 -0.45 -11.64 -16.89
C PHE A 9 -1.86 -11.11 -16.66
N ASP A 10 -2.19 -10.90 -15.38
CA ASP A 10 -3.51 -10.38 -15.02
C ASP A 10 -3.45 -9.66 -13.67
N PRO A 11 -3.63 -8.33 -13.71
CA PRO A 11 -3.60 -7.50 -12.51
C PRO A 11 -4.81 -7.73 -11.61
N SER A 12 -5.84 -8.36 -12.18
CA SER A 12 -7.07 -8.64 -11.42
C SER A 12 -6.84 -9.77 -10.42
N LYS A 13 -5.90 -10.66 -10.74
CA LYS A 13 -5.59 -11.78 -9.87
C LYS A 13 -4.83 -11.31 -8.63
N VAL A 14 -4.52 -10.02 -8.58
CA VAL A 14 -3.80 -9.45 -7.45
C VAL A 14 -4.75 -9.11 -6.31
N VAL A 15 -4.51 -9.71 -5.15
CA VAL A 15 -5.34 -9.47 -3.97
C VAL A 15 -4.65 -8.54 -2.98
N ALA A 16 -5.25 -7.38 -2.76
CA ALA A 16 -4.69 -6.40 -1.83
C ALA A 16 -5.62 -6.17 -0.64
N SER A 17 -5.08 -6.28 0.57
CA SER A 17 -5.87 -6.08 1.78
C SER A 17 -4.99 -5.56 2.92
N GLY A 18 -5.64 -5.16 4.01
CA GLY A 18 -4.90 -4.65 5.15
C GLY A 18 -5.59 -3.48 5.81
N PRO A 19 -5.12 -3.10 7.01
CA PRO A 19 -5.69 -1.98 7.77
C PRO A 19 -5.40 -0.63 7.13
N GLY A 20 -4.27 -0.54 6.44
CA GLY A 20 -3.89 0.70 5.79
C GLY A 20 -4.90 1.12 4.73
N LEU A 21 -5.60 0.15 4.17
CA LEU A 21 -6.59 0.42 3.14
C LEU A 21 -7.95 0.74 3.76
N GLU A 22 -8.04 0.62 5.08
CA GLU A 22 -9.27 0.90 5.79
C GLU A 22 -9.18 2.20 6.58
N HIS A 23 -8.00 2.45 7.15
CA HIS A 23 -7.78 3.67 7.92
C HIS A 23 -6.28 3.91 8.14
N GLY A 24 -5.93 5.14 8.51
CA GLY A 24 -4.54 5.48 8.75
C GLY A 24 -4.37 6.52 9.82
N LYS A 25 -3.13 6.71 10.26
CA LYS A 25 -2.83 7.69 11.30
C LYS A 25 -1.52 8.41 11.02
N VAL A 26 -1.50 9.73 11.22
CA VAL A 26 -0.30 10.52 10.98
C VAL A 26 0.89 9.93 11.72
N GLY A 27 1.89 9.48 10.96
CA GLY A 27 3.07 8.90 11.56
C GLY A 27 3.05 7.39 11.55
N GLU A 28 1.86 6.81 11.62
CA GLU A 28 1.70 5.36 11.62
C GLU A 28 2.08 4.77 10.26
N ALA A 29 1.99 3.45 10.16
CA ALA A 29 2.32 2.76 8.92
C ALA A 29 1.16 1.88 8.46
N GLY A 30 0.60 2.20 7.30
CA GLY A 30 -0.50 1.43 6.77
C GLY A 30 -0.07 0.06 6.29
N LEU A 31 -0.36 -0.96 7.08
CA LEU A 31 0.01 -2.34 6.72
C LEU A 31 -0.76 -2.80 5.49
N LEU A 32 -0.03 -3.18 4.45
CA LEU A 32 -0.63 -3.65 3.21
C LEU A 32 0.04 -4.93 2.72
N SER A 33 -0.77 -5.91 2.35
CA SER A 33 -0.25 -7.18 1.87
C SER A 33 -0.84 -7.52 0.50
N VAL A 34 0.02 -7.91 -0.43
CA VAL A 34 -0.40 -8.26 -1.78
C VAL A 34 -0.08 -9.72 -2.09
N ASP A 35 -1.12 -10.51 -2.32
CA ASP A 35 -0.96 -11.92 -2.63
C ASP A 35 -0.94 -12.15 -4.14
N CYS A 36 0.24 -12.47 -4.67
CA CYS A 36 0.38 -12.71 -6.11
C CYS A 36 0.45 -14.20 -6.40
N SER A 37 -0.53 -14.68 -7.17
CA SER A 37 -0.59 -16.09 -7.52
C SER A 37 -0.55 -16.28 -9.03
N GLU A 38 -1.64 -15.91 -9.70
CA GLU A 38 -1.72 -16.04 -11.15
C GLU A 38 -1.57 -14.67 -11.82
N ALA A 39 -1.23 -13.66 -11.03
CA ALA A 39 -1.05 -12.31 -11.54
C ALA A 39 -0.06 -12.30 -12.71
N GLY A 40 0.75 -13.34 -12.80
CA GLY A 40 1.73 -13.42 -13.87
C GLY A 40 2.90 -12.49 -13.66
N PRO A 41 3.60 -12.15 -14.74
CA PRO A 41 4.77 -11.26 -14.70
C PRO A 41 4.38 -9.83 -14.38
N GLY A 42 5.36 -8.93 -14.44
CA GLY A 42 5.10 -7.52 -14.16
C GLY A 42 5.70 -7.08 -12.83
N ALA A 43 5.86 -5.78 -12.67
CA ALA A 43 6.42 -5.23 -11.44
C ALA A 43 5.36 -4.55 -10.60
N LEU A 44 5.48 -4.67 -9.28
CA LEU A 44 4.51 -4.07 -8.36
C LEU A 44 4.97 -2.69 -7.93
N GLY A 45 4.00 -1.82 -7.66
CA GLY A 45 4.32 -0.46 -7.24
C GLY A 45 3.10 0.28 -6.72
N LEU A 46 3.32 1.11 -5.70
CA LEU A 46 2.23 1.89 -5.11
C LEU A 46 2.59 3.38 -5.07
N GLU A 47 1.55 4.22 -4.99
CA GLU A 47 1.76 5.66 -4.95
C GLU A 47 0.83 6.31 -3.92
N ALA A 48 1.42 6.80 -2.83
CA ALA A 48 0.65 7.45 -1.78
C ALA A 48 0.65 8.96 -1.93
N VAL A 49 -0.53 9.54 -2.11
CA VAL A 49 -0.65 10.99 -2.28
C VAL A 49 -1.94 11.50 -1.65
N SER A 50 -1.86 12.66 -1.01
CA SER A 50 -3.03 13.27 -0.37
C SER A 50 -3.66 14.33 -1.26
N ASP A 51 -4.88 14.72 -0.93
CA ASP A 51 -5.60 15.73 -1.70
C ASP A 51 -4.79 17.00 -1.81
N SER A 52 -3.89 17.22 -0.85
CA SER A 52 -3.05 18.41 -0.83
C SER A 52 -1.91 18.28 -1.84
N GLY A 53 -1.61 17.04 -2.22
CA GLY A 53 -0.53 16.81 -3.18
C GLY A 53 0.81 16.58 -2.50
N THR A 54 0.80 15.75 -1.46
CA THR A 54 2.02 15.45 -0.72
C THR A 54 2.32 13.96 -0.74
N LYS A 55 3.27 13.55 -1.59
CA LYS A 55 3.64 12.15 -1.71
C LYS A 55 4.09 11.60 -0.35
N ALA A 56 3.43 10.52 0.09
CA ALA A 56 3.76 9.90 1.36
C ALA A 56 4.89 8.90 1.19
N GLU A 57 5.49 8.50 2.32
CA GLU A 57 6.59 7.53 2.30
C GLU A 57 6.07 6.12 2.10
N VAL A 58 6.40 5.53 0.96
CA VAL A 58 5.96 4.16 0.65
C VAL A 58 7.16 3.23 0.47
N SER A 59 6.96 1.96 0.80
CA SER A 59 8.02 0.97 0.69
C SER A 59 7.44 -0.41 0.37
N ILE A 60 8.15 -1.17 -0.45
CA ILE A 60 7.71 -2.51 -0.82
C ILE A 60 8.76 -3.55 -0.45
N GLN A 61 8.29 -4.69 0.05
CA GLN A 61 9.19 -5.78 0.44
C GLN A 61 8.73 -7.11 -0.16
N ASN A 62 9.60 -7.71 -0.96
CA ASN A 62 9.28 -8.99 -1.60
C ASN A 62 9.54 -10.15 -0.64
N ASN A 63 8.77 -11.22 -0.80
CA ASN A 63 8.91 -12.40 0.04
C ASN A 63 9.00 -13.67 -0.80
N LYS A 64 9.35 -14.77 -0.16
CA LYS A 64 9.47 -16.06 -0.85
C LYS A 64 8.11 -16.71 -1.01
N ASP A 65 7.08 -16.10 -0.44
CA ASP A 65 5.73 -16.63 -0.52
C ASP A 65 4.98 -16.01 -1.69
N GLY A 66 5.67 -15.17 -2.46
CA GLY A 66 5.05 -14.52 -3.61
C GLY A 66 4.23 -13.31 -3.21
N THR A 67 4.31 -12.93 -1.94
CA THR A 67 3.55 -11.80 -1.43
C THR A 67 4.44 -10.56 -1.30
N TYR A 68 3.82 -9.40 -1.16
CA TYR A 68 4.56 -8.15 -1.04
C TYR A 68 4.08 -7.37 0.19
N ALA A 69 5.04 -6.87 0.96
CA ALA A 69 4.74 -6.09 2.16
C ALA A 69 4.82 -4.60 1.90
N VAL A 70 3.68 -4.00 1.59
CA VAL A 70 3.62 -2.56 1.31
C VAL A 70 3.17 -1.78 2.54
N THR A 71 3.81 -0.64 2.77
CA THR A 71 3.48 0.20 3.90
C THR A 71 3.60 1.69 3.55
N TYR A 72 2.78 2.51 4.19
CA TYR A 72 2.80 3.95 3.94
C TYR A 72 2.67 4.73 5.24
N VAL A 73 3.47 5.78 5.38
CA VAL A 73 3.45 6.62 6.57
C VAL A 73 2.97 8.03 6.25
N PRO A 74 1.71 8.32 6.56
CA PRO A 74 1.10 9.63 6.32
C PRO A 74 1.67 10.71 7.23
N LEU A 75 2.24 11.75 6.62
CA LEU A 75 2.84 12.84 7.38
C LEU A 75 1.75 13.75 7.96
N THR A 76 0.65 13.89 7.21
CA THR A 76 -0.45 14.73 7.65
C THR A 76 -1.77 13.96 7.62
N ALA A 77 -2.68 14.32 8.53
CA ALA A 77 -3.97 13.66 8.61
C ALA A 77 -4.94 14.19 7.55
N GLY A 78 -5.81 13.32 7.06
CA GLY A 78 -6.77 13.71 6.05
C GLY A 78 -7.11 12.57 5.10
N MET A 79 -7.72 12.92 3.97
CA MET A 79 -8.11 11.92 2.98
C MET A 79 -6.96 11.64 2.01
N TYR A 80 -6.45 10.42 2.05
CA TYR A 80 -5.34 10.03 1.17
C TYR A 80 -5.87 9.27 -0.05
N THR A 81 -5.01 9.15 -1.07
CA THR A 81 -5.38 8.45 -2.29
C THR A 81 -4.36 7.37 -2.64
N LEU A 82 -4.67 6.14 -2.28
CA LEU A 82 -3.79 5.01 -2.56
C LEU A 82 -3.91 4.56 -4.01
N THR A 83 -2.81 4.62 -4.75
CA THR A 83 -2.80 4.21 -6.14
C THR A 83 -1.80 3.08 -6.39
N MET A 84 -2.31 1.89 -6.62
CA MET A 84 -1.47 0.72 -6.86
C MET A 84 -1.52 0.32 -8.33
N LYS A 85 -0.39 -0.16 -8.84
CA LYS A 85 -0.30 -0.58 -10.24
C LYS A 85 0.58 -1.82 -10.38
N TYR A 86 0.03 -2.87 -10.98
CA TYR A 86 0.76 -4.12 -11.18
C TYR A 86 1.00 -4.38 -12.66
N GLY A 87 2.26 -4.29 -13.08
CA GLY A 87 2.60 -4.53 -14.47
C GLY A 87 2.12 -3.41 -15.37
N GLY A 88 1.96 -2.22 -14.82
CA GLY A 88 1.50 -1.09 -15.60
C GLY A 88 0.00 -1.01 -15.69
N GLU A 89 -0.68 -1.90 -14.97
CA GLU A 89 -2.14 -1.94 -14.98
C GLU A 89 -2.69 -1.78 -13.57
N LEU A 90 -3.70 -0.93 -13.42
CA LEU A 90 -4.31 -0.68 -12.12
C LEU A 90 -4.97 -1.95 -11.59
N VAL A 91 -4.99 -2.09 -10.27
CA VAL A 91 -5.60 -3.26 -9.63
C VAL A 91 -7.04 -2.98 -9.24
N PRO A 92 -7.81 -4.06 -9.01
CA PRO A 92 -9.22 -3.96 -8.62
C PRO A 92 -9.40 -3.41 -7.22
N HIS A 93 -8.28 -3.04 -6.58
CA HIS A 93 -8.32 -2.50 -5.23
C HIS A 93 -7.74 -1.10 -5.18
N PHE A 94 -7.63 -0.46 -6.36
CA PHE A 94 -7.09 0.88 -6.45
C PHE A 94 -7.60 1.58 -7.72
N PRO A 95 -7.68 2.92 -7.65
CA PRO A 95 -7.29 3.69 -6.45
C PRO A 95 -8.26 3.48 -5.30
N ALA A 96 -7.77 3.68 -4.08
CA ALA A 96 -8.60 3.53 -2.89
C ALA A 96 -8.21 4.52 -1.81
N ARG A 97 -9.06 5.51 -1.57
CA ARG A 97 -8.80 6.53 -0.56
C ARG A 97 -8.97 5.96 0.83
N VAL A 98 -8.41 6.65 1.83
CA VAL A 98 -8.50 6.21 3.21
C VAL A 98 -8.49 7.41 4.17
N LYS A 99 -9.47 7.45 5.06
CA LYS A 99 -9.56 8.54 6.03
C LYS A 99 -8.55 8.36 7.16
N VAL A 100 -7.57 9.26 7.21
CA VAL A 100 -6.54 9.20 8.24
C VAL A 100 -6.84 10.18 9.38
N GLU A 101 -6.57 9.74 10.61
CA GLU A 101 -6.82 10.58 11.78
C GLU A 101 -5.51 11.18 12.29
N PRO A 102 -5.62 12.29 13.04
CA PRO A 102 -4.46 12.97 13.61
C PRO A 102 -3.81 12.18 14.73
N ALA A 103 -2.52 12.41 14.93
CA ALA A 103 -1.77 11.71 15.98
C ALA A 103 -1.81 12.50 17.28
N VAL A 104 -2.94 13.12 17.57
CA VAL A 104 -3.10 13.90 18.80
C VAL A 104 -4.00 13.19 19.79
N ASP A 105 -3.72 11.92 20.03
CA ASP A 105 -4.50 11.13 20.97
C ASP A 105 -3.63 10.65 22.13
N THR A 106 -2.81 11.54 22.67
CA THR A 106 -1.93 11.20 23.79
C THR A 106 -1.98 12.28 24.87
N SER A 107 -2.43 11.89 26.06
CA SER A 107 -2.52 12.82 27.16
C SER A 107 -1.36 12.64 28.14
N SER A 108 -1.14 11.40 28.56
CA SER A 108 -0.07 11.08 29.49
C SER A 108 1.21 11.84 29.11
N GLY A 109 1.56 12.83 29.92
CA GLY A 109 2.75 13.62 29.67
C GLY A 109 3.91 12.76 29.20
N PRO A 110 4.75 13.33 28.32
CA PRO A 110 5.91 12.64 27.77
C PRO A 110 7.01 12.42 28.82
N SER A 111 7.62 11.25 28.78
CA SER A 111 8.69 10.91 29.73
C SER A 111 10.02 10.74 29.01
N SER A 112 11.11 10.86 29.76
CA SER A 112 12.45 10.72 29.20
C SER A 112 12.71 9.28 28.79
N GLY A 113 12.85 9.06 27.49
CA GLY A 113 13.11 7.72 26.99
C GLY A 113 12.92 7.61 25.48
N GLY A 1 4.79 -31.15 -4.05
CA GLY A 1 5.52 -31.60 -5.22
C GLY A 1 5.75 -30.49 -6.23
N SER A 2 5.52 -30.79 -7.50
CA SER A 2 5.71 -29.81 -8.56
C SER A 2 4.71 -28.67 -8.43
N SER A 3 5.03 -27.53 -9.03
CA SER A 3 4.16 -26.36 -8.98
C SER A 3 4.45 -25.42 -10.15
N GLY A 4 3.45 -24.63 -10.53
CA GLY A 4 3.61 -23.69 -11.62
C GLY A 4 3.00 -22.34 -11.33
N SER A 5 3.81 -21.29 -11.40
CA SER A 5 3.35 -19.94 -11.13
C SER A 5 3.57 -19.04 -12.35
N SER A 6 3.37 -19.60 -13.54
CA SER A 6 3.55 -18.85 -14.78
C SER A 6 2.25 -18.79 -15.56
N GLY A 7 2.21 -17.90 -16.56
CA GLY A 7 1.02 -17.75 -17.37
C GLY A 7 0.82 -16.32 -17.85
N PRO A 8 -0.41 -16.02 -18.32
CA PRO A 8 -0.75 -14.69 -18.82
C PRO A 8 -0.81 -13.65 -17.71
N PHE A 9 -0.34 -12.43 -18.01
CA PHE A 9 -0.33 -11.35 -17.04
C PHE A 9 -1.75 -10.85 -16.78
N ASP A 10 -2.06 -10.61 -15.52
CA ASP A 10 -3.38 -10.12 -15.13
C ASP A 10 -3.34 -9.47 -13.75
N PRO A 11 -3.59 -8.15 -13.71
CA PRO A 11 -3.59 -7.39 -12.45
C PRO A 11 -4.77 -7.74 -11.56
N SER A 12 -5.89 -8.10 -12.19
CA SER A 12 -7.10 -8.45 -11.45
C SER A 12 -6.83 -9.64 -10.52
N LYS A 13 -5.91 -10.49 -10.91
CA LYS A 13 -5.56 -11.67 -10.12
C LYS A 13 -4.89 -11.27 -8.81
N VAL A 14 -4.35 -10.05 -8.78
CA VAL A 14 -3.68 -9.54 -7.59
C VAL A 14 -4.69 -9.23 -6.49
N VAL A 15 -4.42 -9.73 -5.29
CA VAL A 15 -5.30 -9.50 -4.15
C VAL A 15 -4.60 -8.69 -3.06
N ALA A 16 -5.08 -7.48 -2.82
CA ALA A 16 -4.50 -6.62 -1.81
C ALA A 16 -5.47 -6.41 -0.64
N SER A 17 -4.92 -6.30 0.56
CA SER A 17 -5.73 -6.11 1.76
C SER A 17 -4.88 -5.62 2.92
N GLY A 18 -5.51 -5.42 4.08
CA GLY A 18 -4.80 -4.95 5.25
C GLY A 18 -5.48 -3.77 5.90
N PRO A 19 -4.97 -3.37 7.08
CA PRO A 19 -5.52 -2.24 7.84
C PRO A 19 -5.26 -0.91 7.16
N GLY A 20 -4.11 -0.80 6.49
CA GLY A 20 -3.76 0.43 5.80
C GLY A 20 -4.81 0.85 4.78
N LEU A 21 -5.51 -0.13 4.23
CA LEU A 21 -6.54 0.14 3.24
C LEU A 21 -7.88 0.40 3.90
N GLU A 22 -7.90 0.34 5.23
CA GLU A 22 -9.12 0.57 5.99
C GLU A 22 -9.05 1.90 6.75
N HIS A 23 -7.83 2.28 7.15
CA HIS A 23 -7.62 3.53 7.88
C HIS A 23 -6.14 3.81 8.04
N GLY A 24 -5.82 5.05 8.42
CA GLY A 24 -4.43 5.43 8.61
C GLY A 24 -4.27 6.48 9.69
N LYS A 25 -3.02 6.66 10.14
CA LYS A 25 -2.72 7.64 11.18
C LYS A 25 -1.42 8.37 10.89
N VAL A 26 -1.44 9.69 11.05
CA VAL A 26 -0.25 10.51 10.79
C VAL A 26 0.94 9.99 11.58
N GLY A 27 1.89 9.38 10.88
CA GLY A 27 3.08 8.85 11.53
C GLY A 27 3.08 7.34 11.58
N GLU A 28 1.89 6.75 11.61
CA GLU A 28 1.77 5.29 11.67
C GLU A 28 2.18 4.67 10.34
N ALA A 29 2.05 3.35 10.25
CA ALA A 29 2.40 2.62 9.04
C ALA A 29 1.24 1.77 8.53
N GLY A 30 0.80 2.05 7.30
CA GLY A 30 -0.31 1.30 6.74
C GLY A 30 0.11 -0.07 6.24
N LEU A 31 -0.10 -1.08 7.07
CA LEU A 31 0.26 -2.45 6.71
C LEU A 31 -0.56 -2.94 5.52
N LEU A 32 0.12 -3.29 4.44
CA LEU A 32 -0.55 -3.77 3.24
C LEU A 32 0.10 -5.05 2.72
N SER A 33 -0.72 -6.04 2.38
CA SER A 33 -0.21 -7.31 1.87
C SER A 33 -0.78 -7.61 0.50
N VAL A 34 0.10 -8.02 -0.42
CA VAL A 34 -0.32 -8.34 -1.79
C VAL A 34 -0.03 -9.80 -2.12
N ASP A 35 -1.09 -10.57 -2.35
CA ASP A 35 -0.95 -11.98 -2.67
C ASP A 35 -1.01 -12.20 -4.18
N CYS A 36 0.14 -12.55 -4.77
CA CYS A 36 0.22 -12.78 -6.20
C CYS A 36 0.26 -14.27 -6.51
N SER A 37 -0.75 -14.77 -7.20
CA SER A 37 -0.84 -16.18 -7.56
C SER A 37 -0.74 -16.36 -9.07
N GLU A 38 -1.67 -15.76 -9.79
CA GLU A 38 -1.70 -15.86 -11.24
C GLU A 38 -1.61 -14.48 -11.89
N ALA A 39 -0.99 -13.54 -11.17
CA ALA A 39 -0.84 -12.17 -11.67
C ALA A 39 0.21 -12.11 -12.77
N GLY A 40 0.83 -13.25 -13.05
CA GLY A 40 1.86 -13.31 -14.08
C GLY A 40 3.02 -12.38 -13.80
N PRO A 41 3.74 -11.98 -14.85
CA PRO A 41 4.89 -11.09 -14.74
C PRO A 41 4.49 -9.66 -14.36
N GLY A 42 5.45 -8.74 -14.44
CA GLY A 42 5.18 -7.36 -14.10
C GLY A 42 5.58 -7.02 -12.68
N ALA A 43 5.98 -5.77 -12.47
CA ALA A 43 6.39 -5.30 -11.15
C ALA A 43 5.27 -4.54 -10.45
N LEU A 44 5.25 -4.61 -9.13
CA LEU A 44 4.24 -3.93 -8.34
C LEU A 44 4.72 -2.55 -7.90
N GLY A 45 3.82 -1.58 -7.92
CA GLY A 45 4.17 -0.23 -7.51
C GLY A 45 2.99 0.54 -6.95
N LEU A 46 3.16 1.13 -5.77
CA LEU A 46 2.10 1.90 -5.13
C LEU A 46 2.48 3.37 -5.02
N GLU A 47 1.48 4.23 -5.00
CA GLU A 47 1.71 5.67 -4.88
C GLU A 47 0.68 6.32 -3.99
N ALA A 48 1.09 6.68 -2.78
CA ALA A 48 0.19 7.32 -1.82
C ALA A 48 0.39 8.84 -1.81
N VAL A 49 -0.71 9.56 -1.97
CA VAL A 49 -0.67 11.02 -1.97
C VAL A 49 -1.92 11.61 -1.34
N SER A 50 -1.76 12.77 -0.69
CA SER A 50 -2.88 13.44 -0.04
C SER A 50 -3.59 14.38 -1.00
N ASP A 51 -4.84 14.70 -0.69
CA ASP A 51 -5.63 15.59 -1.53
C ASP A 51 -4.88 16.89 -1.79
N SER A 52 -3.87 17.16 -0.99
CA SER A 52 -3.08 18.37 -1.12
C SER A 52 -1.83 18.12 -1.96
N GLY A 53 -1.89 17.10 -2.80
CA GLY A 53 -0.76 16.77 -3.65
C GLY A 53 0.51 16.52 -2.85
N THR A 54 0.40 15.70 -1.82
CA THR A 54 1.54 15.38 -0.98
C THR A 54 1.78 13.88 -0.89
N LYS A 55 2.74 13.39 -1.67
CA LYS A 55 3.06 11.97 -1.68
C LYS A 55 3.69 11.54 -0.35
N ALA A 56 3.34 10.33 0.10
CA ALA A 56 3.87 9.81 1.35
C ALA A 56 5.01 8.84 1.09
N GLU A 57 5.67 8.41 2.17
CA GLU A 57 6.79 7.47 2.05
C GLU A 57 6.28 6.02 1.98
N VAL A 58 6.49 5.39 0.83
CA VAL A 58 6.06 4.01 0.63
C VAL A 58 7.26 3.08 0.47
N SER A 59 7.08 1.83 0.88
CA SER A 59 8.14 0.83 0.78
C SER A 59 7.58 -0.53 0.44
N ILE A 60 8.29 -1.26 -0.42
CA ILE A 60 7.86 -2.59 -0.83
C ILE A 60 8.88 -3.65 -0.44
N GLN A 61 8.40 -4.73 0.17
CA GLN A 61 9.28 -5.81 0.60
C GLN A 61 8.75 -7.16 0.11
N ASN A 62 9.60 -7.89 -0.62
CA ASN A 62 9.21 -9.20 -1.14
C ASN A 62 9.24 -10.25 -0.04
N ASN A 63 8.48 -11.33 -0.24
CA ASN A 63 8.42 -12.40 0.74
C ASN A 63 8.49 -13.76 0.05
N LYS A 64 9.03 -14.75 0.75
CA LYS A 64 9.16 -16.10 0.21
C LYS A 64 7.80 -16.64 -0.24
N ASP A 65 6.75 -16.02 0.26
CA ASP A 65 5.38 -16.43 -0.09
C ASP A 65 4.89 -15.68 -1.32
N GLY A 66 5.82 -15.27 -2.18
CA GLY A 66 5.46 -14.55 -3.39
C GLY A 66 4.59 -13.35 -3.10
N THR A 67 4.54 -12.94 -1.84
CA THR A 67 3.74 -11.79 -1.44
C THR A 67 4.59 -10.56 -1.24
N TYR A 68 3.95 -9.38 -1.24
CA TYR A 68 4.65 -8.13 -1.07
C TYR A 68 4.08 -7.33 0.10
N ALA A 69 4.96 -6.90 1.00
CA ALA A 69 4.54 -6.12 2.16
C ALA A 69 4.68 -4.63 1.92
N VAL A 70 3.60 -4.00 1.49
CA VAL A 70 3.60 -2.57 1.22
C VAL A 70 3.21 -1.76 2.46
N THR A 71 3.85 -0.61 2.64
CA THR A 71 3.57 0.26 3.78
C THR A 71 3.63 1.72 3.38
N TYR A 72 2.86 2.54 4.10
CA TYR A 72 2.83 3.98 3.83
C TYR A 72 2.70 4.78 5.11
N VAL A 73 3.55 5.78 5.28
CA VAL A 73 3.54 6.63 6.46
C VAL A 73 3.07 8.04 6.12
N PRO A 74 1.80 8.34 6.44
CA PRO A 74 1.21 9.65 6.18
C PRO A 74 1.79 10.74 7.08
N LEU A 75 2.21 11.84 6.47
CA LEU A 75 2.79 12.95 7.22
C LEU A 75 1.69 13.85 7.79
N THR A 76 0.74 14.22 6.94
CA THR A 76 -0.37 15.09 7.36
C THR A 76 -1.70 14.34 7.29
N ALA A 77 -2.52 14.52 8.31
CA ALA A 77 -3.82 13.86 8.37
C ALA A 77 -4.72 14.33 7.23
N GLY A 78 -5.78 13.58 6.96
CA GLY A 78 -6.70 13.94 5.91
C GLY A 78 -6.99 12.79 4.97
N MET A 79 -7.67 13.08 3.87
CA MET A 79 -8.01 12.05 2.88
C MET A 79 -6.82 11.72 2.01
N TYR A 80 -6.53 10.43 1.85
CA TYR A 80 -5.41 9.98 1.03
C TYR A 80 -5.90 9.20 -0.18
N THR A 81 -5.07 9.15 -1.22
CA THR A 81 -5.41 8.43 -2.44
C THR A 81 -4.36 7.37 -2.77
N LEU A 82 -4.68 6.12 -2.46
CA LEU A 82 -3.76 5.02 -2.73
C LEU A 82 -3.85 4.58 -4.19
N THR A 83 -2.71 4.53 -4.87
CA THR A 83 -2.67 4.12 -6.26
C THR A 83 -1.70 2.96 -6.47
N MET A 84 -2.25 1.75 -6.63
CA MET A 84 -1.44 0.56 -6.83
C MET A 84 -1.60 0.03 -8.25
N LYS A 85 -0.51 -0.01 -8.99
CA LYS A 85 -0.54 -0.51 -10.36
C LYS A 85 0.42 -1.68 -10.54
N TYR A 86 -0.12 -2.82 -10.97
CA TYR A 86 0.69 -4.02 -11.17
C TYR A 86 1.03 -4.21 -12.65
N GLY A 87 2.31 -4.01 -12.98
CA GLY A 87 2.74 -4.16 -14.35
C GLY A 87 2.20 -3.06 -15.26
N GLY A 88 1.92 -1.90 -14.67
CA GLY A 88 1.40 -0.79 -15.44
C GLY A 88 -0.11 -0.73 -15.43
N GLU A 89 -0.74 -1.79 -14.93
CA GLU A 89 -2.19 -1.86 -14.86
C GLU A 89 -2.68 -1.74 -13.43
N LEU A 90 -3.73 -0.94 -13.23
CA LEU A 90 -4.30 -0.74 -11.90
C LEU A 90 -4.98 -1.99 -11.41
N VAL A 91 -5.06 -2.14 -10.09
CA VAL A 91 -5.69 -3.31 -9.48
C VAL A 91 -7.15 -3.01 -9.11
N PRO A 92 -7.94 -4.07 -8.91
CA PRO A 92 -9.35 -3.95 -8.56
C PRO A 92 -9.55 -3.43 -7.13
N HIS A 93 -8.44 -3.07 -6.48
CA HIS A 93 -8.49 -2.56 -5.12
C HIS A 93 -7.96 -1.13 -5.06
N PHE A 94 -7.72 -0.54 -6.24
CA PHE A 94 -7.22 0.82 -6.32
C PHE A 94 -7.73 1.52 -7.58
N PRO A 95 -7.84 2.85 -7.51
CA PRO A 95 -7.49 3.62 -6.31
C PRO A 95 -8.46 3.39 -5.16
N ALA A 96 -7.99 3.59 -3.94
CA ALA A 96 -8.82 3.41 -2.76
C ALA A 96 -8.55 4.48 -1.71
N ARG A 97 -9.51 5.39 -1.54
CA ARG A 97 -9.37 6.47 -0.57
C ARG A 97 -9.46 5.94 0.86
N VAL A 98 -8.69 6.56 1.76
CA VAL A 98 -8.69 6.15 3.16
C VAL A 98 -8.55 7.35 4.08
N LYS A 99 -9.53 7.54 4.96
CA LYS A 99 -9.52 8.66 5.90
C LYS A 99 -8.46 8.45 6.97
N VAL A 100 -7.50 9.36 7.03
CA VAL A 100 -6.43 9.28 8.02
C VAL A 100 -6.69 10.22 9.19
N GLU A 101 -6.50 9.70 10.41
CA GLU A 101 -6.71 10.49 11.61
C GLU A 101 -5.41 11.13 12.08
N PRO A 102 -5.53 12.26 12.80
CA PRO A 102 -4.38 12.99 13.33
C PRO A 102 -3.67 12.23 14.45
N ALA A 103 -2.37 12.47 14.59
CA ALA A 103 -1.58 11.80 15.61
C ALA A 103 -1.62 12.58 16.92
N VAL A 104 -2.82 13.05 17.29
CA VAL A 104 -3.00 13.82 18.51
C VAL A 104 -2.90 12.91 19.74
N ASP A 105 -1.98 13.24 20.64
CA ASP A 105 -1.79 12.45 21.86
C ASP A 105 -1.30 13.34 22.99
N THR A 106 -1.12 12.74 24.16
CA THR A 106 -0.65 13.47 25.34
C THR A 106 0.86 13.37 25.48
N SER A 107 1.49 14.47 25.85
CA SER A 107 2.95 14.51 26.02
C SER A 107 3.64 13.77 24.89
N SER A 108 3.15 13.98 23.67
CA SER A 108 3.73 13.32 22.49
C SER A 108 5.10 13.89 22.18
N GLY A 109 5.99 13.04 21.66
CA GLY A 109 7.33 13.48 21.32
C GLY A 109 8.33 12.34 21.32
N PRO A 110 9.63 12.69 21.24
CA PRO A 110 10.71 11.70 21.22
C PRO A 110 10.89 11.02 22.58
N SER A 111 10.24 9.87 22.74
CA SER A 111 10.33 9.12 23.99
C SER A 111 11.67 8.41 24.11
N SER A 112 12.11 8.20 25.35
CA SER A 112 13.39 7.54 25.60
C SER A 112 13.35 6.10 25.12
N GLY A 113 14.05 5.83 24.02
CA GLY A 113 14.10 4.49 23.48
C GLY A 113 15.31 4.25 22.60
N GLY A 1 11.12 -22.50 -17.61
CA GLY A 1 11.52 -21.41 -16.75
C GLY A 1 11.53 -21.79 -15.28
N SER A 2 10.91 -20.96 -14.45
CA SER A 2 10.85 -21.22 -13.02
C SER A 2 9.41 -21.28 -12.53
N SER A 3 8.62 -20.29 -12.90
CA SER A 3 7.22 -20.23 -12.50
C SER A 3 6.42 -19.32 -13.44
N GLY A 4 5.51 -19.93 -14.20
CA GLY A 4 4.69 -19.16 -15.13
C GLY A 4 4.22 -20.00 -16.30
N SER A 5 3.50 -21.07 -16.01
CA SER A 5 3.00 -21.96 -17.06
C SER A 5 1.53 -21.64 -17.37
N SER A 6 1.21 -21.58 -18.66
CA SER A 6 -0.15 -21.29 -19.09
C SER A 6 -0.81 -20.27 -18.16
N GLY A 7 -0.03 -19.27 -17.74
CA GLY A 7 -0.56 -18.25 -16.85
C GLY A 7 -0.19 -16.85 -17.31
N PRO A 8 -1.07 -16.23 -18.11
CA PRO A 8 -0.86 -14.88 -18.63
C PRO A 8 -0.96 -13.82 -17.55
N PHE A 9 -0.21 -12.73 -17.72
CA PHE A 9 -0.22 -11.64 -16.76
C PHE A 9 -1.63 -11.09 -16.56
N ASP A 10 -1.97 -10.78 -15.32
CA ASP A 10 -3.29 -10.25 -14.99
C ASP A 10 -3.27 -9.53 -13.65
N PRO A 11 -3.53 -8.22 -13.68
CA PRO A 11 -3.55 -7.39 -12.46
C PRO A 11 -4.73 -7.70 -11.56
N SER A 12 -5.81 -8.20 -12.16
CA SER A 12 -7.01 -8.54 -11.41
C SER A 12 -6.76 -9.72 -10.48
N LYS A 13 -5.86 -10.60 -10.88
CA LYS A 13 -5.52 -11.77 -10.08
C LYS A 13 -4.79 -11.36 -8.80
N VAL A 14 -4.36 -10.10 -8.74
CA VAL A 14 -3.67 -9.59 -7.57
C VAL A 14 -4.65 -9.16 -6.49
N VAL A 15 -4.44 -9.64 -5.28
CA VAL A 15 -5.30 -9.31 -4.15
C VAL A 15 -4.54 -8.52 -3.09
N ALA A 16 -5.15 -7.44 -2.62
CA ALA A 16 -4.53 -6.60 -1.61
C ALA A 16 -5.49 -6.35 -0.44
N SER A 17 -4.95 -6.31 0.77
CA SER A 17 -5.76 -6.09 1.97
C SER A 17 -4.89 -5.56 3.11
N GLY A 18 -5.55 -5.16 4.20
CA GLY A 18 -4.84 -4.64 5.35
C GLY A 18 -5.53 -3.47 5.99
N PRO A 19 -5.07 -3.08 7.19
CA PRO A 19 -5.65 -1.96 7.93
C PRO A 19 -5.37 -0.61 7.27
N GLY A 20 -4.28 -0.54 6.51
CA GLY A 20 -3.93 0.69 5.83
C GLY A 20 -4.95 1.09 4.79
N LEU A 21 -5.63 0.11 4.22
CA LEU A 21 -6.64 0.37 3.20
C LEU A 21 -7.99 0.70 3.84
N GLU A 22 -8.05 0.56 5.16
CA GLU A 22 -9.28 0.85 5.89
C GLU A 22 -9.17 2.16 6.66
N HIS A 23 -7.98 2.44 7.16
CA HIS A 23 -7.73 3.67 7.92
C HIS A 23 -6.24 3.91 8.10
N GLY A 24 -5.88 5.13 8.49
CA GLY A 24 -4.48 5.46 8.69
C GLY A 24 -4.28 6.46 9.81
N LYS A 25 -3.03 6.67 10.21
CA LYS A 25 -2.70 7.60 11.27
C LYS A 25 -1.40 8.33 10.99
N VAL A 26 -1.43 9.66 11.13
CA VAL A 26 -0.25 10.48 10.87
C VAL A 26 0.97 9.94 11.63
N GLY A 27 1.93 9.43 10.88
CA GLY A 27 3.13 8.89 11.49
C GLY A 27 3.14 7.37 11.51
N GLU A 28 1.96 6.78 11.53
CA GLU A 28 1.83 5.33 11.56
C GLU A 28 2.18 4.73 10.20
N ALA A 29 2.05 3.41 10.09
CA ALA A 29 2.36 2.71 8.85
C ALA A 29 1.18 1.84 8.41
N GLY A 30 0.65 2.13 7.22
CA GLY A 30 -0.47 1.38 6.71
C GLY A 30 -0.07 -0.02 6.25
N LEU A 31 -0.38 -1.02 7.07
CA LEU A 31 -0.05 -2.40 6.75
C LEU A 31 -0.83 -2.88 5.53
N LEU A 32 -0.11 -3.35 4.51
CA LEU A 32 -0.74 -3.84 3.30
C LEU A 32 -0.03 -5.10 2.79
N SER A 33 -0.81 -6.13 2.49
CA SER A 33 -0.26 -7.38 2.00
C SER A 33 -0.85 -7.74 0.64
N VAL A 34 0.02 -7.97 -0.33
CA VAL A 34 -0.42 -8.33 -1.68
C VAL A 34 -0.18 -9.80 -1.96
N ASP A 35 -1.24 -10.51 -2.33
CA ASP A 35 -1.15 -11.94 -2.63
C ASP A 35 -1.21 -12.18 -4.13
N CYS A 36 -0.08 -12.57 -4.71
CA CYS A 36 -0.01 -12.84 -6.14
C CYS A 36 -0.01 -14.35 -6.42
N SER A 37 -1.01 -14.80 -7.17
CA SER A 37 -1.13 -16.21 -7.49
C SER A 37 -0.91 -16.44 -8.99
N GLU A 38 -1.81 -15.89 -9.81
CA GLU A 38 -1.72 -16.03 -11.25
C GLU A 38 -1.60 -14.67 -11.92
N ALA A 39 -1.15 -13.67 -11.16
CA ALA A 39 -0.98 -12.32 -11.69
C ALA A 39 0.12 -12.28 -12.75
N GLY A 40 0.83 -13.38 -12.91
CA GLY A 40 1.90 -13.44 -13.88
C GLY A 40 3.05 -12.51 -13.55
N PRO A 41 3.83 -12.13 -14.57
CA PRO A 41 4.97 -11.23 -14.41
C PRO A 41 4.54 -9.81 -14.09
N GLY A 42 5.49 -8.87 -14.19
CA GLY A 42 5.19 -7.48 -13.90
C GLY A 42 5.69 -7.05 -12.54
N ALA A 43 5.90 -5.75 -12.38
CA ALA A 43 6.38 -5.20 -11.11
C ALA A 43 5.27 -4.44 -10.38
N LEU A 44 5.27 -4.53 -9.07
CA LEU A 44 4.27 -3.84 -8.26
C LEU A 44 4.78 -2.47 -7.79
N GLY A 45 3.88 -1.50 -7.78
CA GLY A 45 4.25 -0.15 -7.38
C GLY A 45 3.07 0.63 -6.83
N LEU A 46 3.23 1.17 -5.62
CA LEU A 46 2.17 1.94 -4.99
C LEU A 46 2.56 3.42 -4.90
N GLU A 47 1.55 4.29 -4.99
CA GLU A 47 1.78 5.73 -4.91
C GLU A 47 0.80 6.39 -3.96
N ALA A 48 1.31 6.85 -2.81
CA ALA A 48 0.48 7.51 -1.82
C ALA A 48 0.48 9.01 -2.01
N VAL A 49 -0.72 9.60 -2.04
CA VAL A 49 -0.85 11.05 -2.22
C VAL A 49 -2.10 11.57 -1.50
N SER A 50 -1.95 12.72 -0.85
CA SER A 50 -3.06 13.33 -0.12
C SER A 50 -3.83 14.30 -1.01
N ASP A 51 -5.08 14.54 -0.66
CA ASP A 51 -5.93 15.46 -1.42
C ASP A 51 -5.19 16.75 -1.73
N SER A 52 -4.26 17.13 -0.84
CA SER A 52 -3.50 18.35 -1.03
C SER A 52 -2.15 18.05 -1.68
N GLY A 53 -2.12 16.99 -2.49
CA GLY A 53 -0.89 16.62 -3.16
C GLY A 53 0.27 16.43 -2.20
N THR A 54 0.13 15.47 -1.28
CA THR A 54 1.17 15.20 -0.30
C THR A 54 1.72 13.78 -0.46
N LYS A 55 2.96 13.68 -0.92
CA LYS A 55 3.59 12.38 -1.11
C LYS A 55 3.95 11.74 0.23
N ALA A 56 3.36 10.58 0.50
CA ALA A 56 3.62 9.87 1.75
C ALA A 56 4.74 8.86 1.58
N GLU A 57 5.50 8.63 2.64
CA GLU A 57 6.60 7.68 2.60
C GLU A 57 6.10 6.26 2.33
N VAL A 58 6.42 5.73 1.17
CA VAL A 58 6.00 4.38 0.79
C VAL A 58 7.20 3.45 0.67
N SER A 59 6.95 2.16 0.90
CA SER A 59 8.01 1.16 0.81
C SER A 59 7.44 -0.20 0.42
N ILE A 60 8.08 -0.86 -0.55
CA ILE A 60 7.63 -2.16 -1.02
C ILE A 60 8.66 -3.23 -0.69
N GLN A 61 8.18 -4.40 -0.26
CA GLN A 61 9.06 -5.51 0.08
C GLN A 61 8.56 -6.81 -0.53
N ASN A 62 9.50 -7.65 -0.97
CA ASN A 62 9.15 -8.94 -1.57
C ASN A 62 9.41 -10.09 -0.60
N ASN A 63 8.74 -11.22 -0.84
CA ASN A 63 8.91 -12.39 0.00
C ASN A 63 9.02 -13.65 -0.84
N LYS A 64 9.14 -14.80 -0.17
CA LYS A 64 9.25 -16.08 -0.84
C LYS A 64 7.87 -16.71 -1.06
N ASP A 65 6.84 -16.06 -0.52
CA ASP A 65 5.48 -16.55 -0.65
C ASP A 65 4.76 -15.86 -1.80
N GLY A 66 5.53 -15.26 -2.71
CA GLY A 66 4.94 -14.56 -3.84
C GLY A 66 4.14 -13.35 -3.41
N THR A 67 4.22 -13.00 -2.14
CA THR A 67 3.49 -11.85 -1.61
C THR A 67 4.41 -10.65 -1.44
N TYR A 68 3.82 -9.48 -1.27
CA TYR A 68 4.59 -8.25 -1.08
C TYR A 68 4.10 -7.47 0.14
N ALA A 69 5.03 -6.84 0.84
CA ALA A 69 4.71 -6.06 2.02
C ALA A 69 4.75 -4.56 1.74
N VAL A 70 3.58 -3.98 1.50
CA VAL A 70 3.50 -2.55 1.20
C VAL A 70 3.12 -1.76 2.45
N THR A 71 3.81 -0.65 2.66
CA THR A 71 3.55 0.21 3.81
C THR A 71 3.61 1.69 3.44
N TYR A 72 2.76 2.49 4.07
CA TYR A 72 2.71 3.91 3.79
C TYR A 72 2.61 4.71 5.09
N VAL A 73 3.50 5.68 5.27
CA VAL A 73 3.50 6.52 6.46
C VAL A 73 3.05 7.93 6.14
N PRO A 74 1.78 8.23 6.46
CA PRO A 74 1.19 9.54 6.22
C PRO A 74 1.77 10.62 7.13
N LEU A 75 2.21 11.73 6.53
CA LEU A 75 2.78 12.82 7.30
C LEU A 75 1.69 13.76 7.82
N THR A 76 0.70 14.04 6.98
CA THR A 76 -0.40 14.91 7.37
C THR A 76 -1.73 14.17 7.31
N ALA A 77 -2.57 14.40 8.31
CA ALA A 77 -3.88 13.77 8.37
C ALA A 77 -4.78 14.24 7.25
N GLY A 78 -5.76 13.41 6.88
CA GLY A 78 -6.68 13.77 5.81
C GLY A 78 -6.97 12.62 4.89
N MET A 79 -7.74 12.88 3.84
CA MET A 79 -8.09 11.85 2.87
C MET A 79 -6.94 11.58 1.92
N TYR A 80 -6.45 10.33 1.90
CA TYR A 80 -5.34 9.95 1.04
C TYR A 80 -5.85 9.22 -0.20
N THR A 81 -4.99 9.08 -1.20
CA THR A 81 -5.34 8.39 -2.43
C THR A 81 -4.32 7.32 -2.78
N LEU A 82 -4.62 6.08 -2.41
CA LEU A 82 -3.72 4.96 -2.68
C LEU A 82 -3.86 4.49 -4.13
N THR A 83 -2.76 4.52 -4.86
CA THR A 83 -2.76 4.10 -6.27
C THR A 83 -1.76 2.98 -6.49
N MET A 84 -2.27 1.76 -6.64
CA MET A 84 -1.42 0.59 -6.88
C MET A 84 -1.51 0.13 -8.32
N LYS A 85 -0.35 -0.10 -8.94
CA LYS A 85 -0.30 -0.55 -10.33
C LYS A 85 0.61 -1.76 -10.47
N TYR A 86 0.04 -2.88 -10.92
CA TYR A 86 0.81 -4.11 -11.10
C TYR A 86 1.03 -4.39 -12.59
N GLY A 87 2.28 -4.30 -13.02
CA GLY A 87 2.61 -4.55 -14.41
C GLY A 87 2.08 -3.48 -15.33
N GLY A 88 2.07 -2.23 -14.85
CA GLY A 88 1.58 -1.13 -15.66
C GLY A 88 0.06 -1.07 -15.69
N GLU A 89 -0.58 -1.99 -14.99
CA GLU A 89 -2.04 -2.04 -14.94
C GLU A 89 -2.55 -1.85 -13.51
N LEU A 90 -3.64 -1.12 -13.37
CA LEU A 90 -4.23 -0.87 -12.06
C LEU A 90 -4.89 -2.13 -11.50
N VAL A 91 -4.96 -2.21 -10.18
CA VAL A 91 -5.56 -3.36 -9.52
C VAL A 91 -7.01 -3.09 -9.13
N PRO A 92 -7.78 -4.15 -8.89
CA PRO A 92 -9.19 -4.04 -8.50
C PRO A 92 -9.37 -3.47 -7.09
N HIS A 93 -8.26 -3.10 -6.47
CA HIS A 93 -8.29 -2.54 -5.12
C HIS A 93 -7.74 -1.12 -5.11
N PHE A 94 -7.59 -0.54 -6.30
CA PHE A 94 -7.06 0.81 -6.42
C PHE A 94 -7.59 1.48 -7.68
N PRO A 95 -7.68 2.83 -7.64
CA PRO A 95 -7.30 3.62 -6.46
C PRO A 95 -8.26 3.42 -5.30
N ALA A 96 -7.76 3.58 -4.08
CA ALA A 96 -8.57 3.42 -2.89
C ALA A 96 -8.18 4.44 -1.81
N ARG A 97 -9.08 5.37 -1.54
CA ARG A 97 -8.83 6.40 -0.53
C ARG A 97 -8.90 5.82 0.88
N VAL A 98 -8.33 6.53 1.84
CA VAL A 98 -8.31 6.09 3.23
C VAL A 98 -8.25 7.27 4.19
N LYS A 99 -9.33 7.49 4.92
CA LYS A 99 -9.41 8.58 5.89
C LYS A 99 -8.39 8.39 7.00
N VAL A 100 -7.42 9.31 7.09
CA VAL A 100 -6.39 9.24 8.12
C VAL A 100 -6.70 10.20 9.26
N GLU A 101 -6.51 9.72 10.49
CA GLU A 101 -6.77 10.54 11.67
C GLU A 101 -5.46 11.13 12.21
N PRO A 102 -5.59 12.26 12.92
CA PRO A 102 -4.45 12.96 13.50
C PRO A 102 -3.82 12.18 14.66
N ALA A 103 -2.52 12.37 14.85
CA ALA A 103 -1.80 11.69 15.92
C ALA A 103 -1.84 12.50 17.21
N VAL A 104 -2.96 13.17 17.46
CA VAL A 104 -3.13 13.98 18.65
C VAL A 104 -2.86 13.16 19.91
N ASP A 105 -2.00 13.68 20.78
CA ASP A 105 -1.68 12.99 22.03
C ASP A 105 -0.94 13.93 22.98
N THR A 106 -0.82 13.51 24.24
CA THR A 106 -0.15 14.32 25.25
C THR A 106 1.12 13.63 25.73
N SER A 107 2.25 14.01 25.12
CA SER A 107 3.55 13.43 25.48
C SER A 107 3.80 13.56 26.98
N SER A 108 4.65 12.69 27.51
CA SER A 108 4.97 12.70 28.93
C SER A 108 6.22 13.53 29.19
N GLY A 109 7.25 13.32 28.38
CA GLY A 109 8.49 14.07 28.53
C GLY A 109 9.66 13.39 27.84
N PRO A 110 9.94 13.81 26.59
CA PRO A 110 11.04 13.26 25.80
C PRO A 110 12.40 13.65 26.34
N SER A 111 12.94 12.84 27.25
CA SER A 111 14.24 13.11 27.85
C SER A 111 15.18 11.92 27.65
N SER A 112 16.48 12.21 27.58
CA SER A 112 17.48 11.17 27.38
C SER A 112 17.01 10.14 26.37
N GLY A 113 16.52 10.62 25.23
CA GLY A 113 16.05 9.72 24.19
C GLY A 113 15.83 10.43 22.86
N GLY A 1 16.85 -16.54 -15.88
CA GLY A 1 17.65 -15.53 -15.20
C GLY A 1 17.17 -15.26 -13.79
N SER A 2 16.27 -14.29 -13.66
CA SER A 2 15.74 -13.92 -12.35
C SER A 2 14.51 -14.77 -12.00
N SER A 3 13.60 -14.88 -12.95
CA SER A 3 12.38 -15.67 -12.76
C SER A 3 11.95 -16.34 -14.06
N GLY A 4 11.43 -17.56 -13.94
CA GLY A 4 10.98 -18.29 -15.10
C GLY A 4 9.57 -17.92 -15.53
N SER A 5 9.08 -18.56 -16.58
CA SER A 5 7.74 -18.29 -17.09
C SER A 5 6.69 -19.06 -16.29
N SER A 6 6.08 -18.37 -15.32
CA SER A 6 5.05 -19.00 -14.49
C SER A 6 3.72 -19.09 -15.23
N GLY A 7 3.16 -17.93 -15.57
CA GLY A 7 1.90 -17.89 -16.27
C GLY A 7 1.60 -16.54 -16.88
N PRO A 8 0.37 -16.34 -17.36
CA PRO A 8 -0.05 -15.08 -17.98
C PRO A 8 -0.16 -13.94 -16.97
N PHE A 9 0.06 -12.72 -17.43
CA PHE A 9 -0.02 -11.55 -16.57
C PHE A 9 -1.46 -11.06 -16.43
N ASP A 10 -1.81 -10.61 -15.23
CA ASP A 10 -3.15 -10.11 -14.96
C ASP A 10 -3.21 -9.40 -13.62
N PRO A 11 -3.50 -8.09 -13.65
CA PRO A 11 -3.60 -7.27 -12.44
C PRO A 11 -4.82 -7.62 -11.59
N SER A 12 -5.85 -8.14 -12.24
CA SER A 12 -7.08 -8.51 -11.56
C SER A 12 -6.84 -9.70 -10.62
N LYS A 13 -5.91 -10.57 -11.01
CA LYS A 13 -5.58 -11.74 -10.21
C LYS A 13 -4.86 -11.34 -8.93
N VAL A 14 -4.52 -10.06 -8.82
CA VAL A 14 -3.82 -9.55 -7.64
C VAL A 14 -4.80 -9.20 -6.53
N VAL A 15 -4.49 -9.65 -5.32
CA VAL A 15 -5.33 -9.38 -4.16
C VAL A 15 -4.62 -8.50 -3.15
N ALA A 16 -5.24 -7.37 -2.82
CA ALA A 16 -4.66 -6.43 -1.86
C ALA A 16 -5.62 -6.19 -0.69
N SER A 17 -5.09 -6.26 0.53
CA SER A 17 -5.89 -6.05 1.72
C SER A 17 -5.02 -5.61 2.89
N GLY A 18 -5.64 -5.43 4.05
CA GLY A 18 -4.91 -5.00 5.23
C GLY A 18 -5.58 -3.83 5.94
N PRO A 19 -5.06 -3.49 7.12
CA PRO A 19 -5.60 -2.38 7.92
C PRO A 19 -5.32 -1.02 7.30
N GLY A 20 -4.24 -0.94 6.52
CA GLY A 20 -3.88 0.31 5.87
C GLY A 20 -4.91 0.76 4.85
N LEU A 21 -5.54 -0.21 4.20
CA LEU A 21 -6.56 0.08 3.20
C LEU A 21 -7.91 0.37 3.85
N GLU A 22 -7.93 0.37 5.18
CA GLU A 22 -9.15 0.63 5.93
C GLU A 22 -9.05 1.95 6.70
N HIS A 23 -7.84 2.28 7.15
CA HIS A 23 -7.61 3.50 7.90
C HIS A 23 -6.12 3.73 8.13
N GLY A 24 -5.76 4.95 8.51
CA GLY A 24 -4.36 5.27 8.76
C GLY A 24 -4.19 6.38 9.77
N LYS A 25 -2.95 6.62 10.18
CA LYS A 25 -2.66 7.66 11.15
C LYS A 25 -1.35 8.37 10.82
N VAL A 26 -1.30 9.67 11.06
CA VAL A 26 -0.10 10.46 10.79
C VAL A 26 1.11 9.89 11.52
N GLY A 27 2.09 9.43 10.76
CA GLY A 27 3.29 8.86 11.35
C GLY A 27 3.25 7.35 11.42
N GLU A 28 2.04 6.79 11.43
CA GLU A 28 1.87 5.34 11.49
C GLU A 28 2.20 4.69 10.15
N ALA A 29 2.17 3.37 10.11
CA ALA A 29 2.47 2.63 8.89
C ALA A 29 1.29 1.76 8.48
N GLY A 30 0.78 2.00 7.28
CA GLY A 30 -0.36 1.22 6.79
C GLY A 30 0.06 -0.15 6.29
N LEU A 31 -0.16 -1.16 7.12
CA LEU A 31 0.20 -2.54 6.76
C LEU A 31 -0.62 -3.01 5.55
N LEU A 32 0.07 -3.26 4.45
CA LEU A 32 -0.59 -3.72 3.23
C LEU A 32 0.05 -5.01 2.73
N SER A 33 -0.79 -5.97 2.35
CA SER A 33 -0.31 -7.26 1.86
C SER A 33 -0.93 -7.57 0.49
N VAL A 34 -0.08 -7.95 -0.46
CA VAL A 34 -0.54 -8.28 -1.80
C VAL A 34 -0.24 -9.75 -2.14
N ASP A 35 -1.29 -10.56 -2.18
CA ASP A 35 -1.15 -11.98 -2.49
C ASP A 35 -1.27 -12.21 -3.99
N CYS A 36 -0.14 -12.49 -4.63
CA CYS A 36 -0.12 -12.74 -6.07
C CYS A 36 -0.04 -14.24 -6.36
N SER A 37 -1.05 -14.74 -7.07
CA SER A 37 -1.09 -16.16 -7.42
C SER A 37 -0.73 -16.38 -8.88
N GLU A 38 -1.59 -15.90 -9.78
CA GLU A 38 -1.36 -16.05 -11.21
C GLU A 38 -1.17 -14.68 -11.87
N ALA A 39 -1.07 -13.64 -11.05
CA ALA A 39 -0.89 -12.29 -11.55
C ALA A 39 0.20 -12.24 -12.63
N GLY A 40 1.06 -13.25 -12.64
CA GLY A 40 2.13 -13.30 -13.61
C GLY A 40 3.23 -12.30 -13.32
N PRO A 41 4.00 -11.95 -14.36
CA PRO A 41 5.10 -10.99 -14.24
C PRO A 41 4.61 -9.57 -14.01
N GLY A 42 5.50 -8.60 -14.21
CA GLY A 42 5.13 -7.21 -14.01
C GLY A 42 5.64 -6.65 -12.69
N ALA A 43 5.93 -5.34 -12.68
CA ALA A 43 6.43 -4.70 -11.48
C ALA A 43 5.29 -4.03 -10.70
N LEU A 44 5.28 -4.23 -9.38
CA LEU A 44 4.25 -3.64 -8.53
C LEU A 44 4.71 -2.30 -7.98
N GLY A 45 3.80 -1.33 -7.95
CA GLY A 45 4.13 -0.01 -7.44
C GLY A 45 2.93 0.69 -6.85
N LEU A 46 3.13 1.37 -5.73
CA LEU A 46 2.05 2.09 -5.06
C LEU A 46 2.42 3.56 -4.86
N GLU A 47 1.43 4.43 -5.02
CA GLU A 47 1.66 5.87 -4.85
C GLU A 47 0.61 6.48 -3.93
N ALA A 48 1.06 6.93 -2.76
CA ALA A 48 0.17 7.54 -1.78
C ALA A 48 0.21 9.06 -1.86
N VAL A 49 -0.94 9.67 -2.11
CA VAL A 49 -1.02 11.12 -2.21
C VAL A 49 -2.23 11.66 -1.43
N SER A 50 -2.00 12.72 -0.67
CA SER A 50 -3.06 13.33 0.12
C SER A 50 -3.87 14.32 -0.71
N ASP A 51 -5.10 14.56 -0.30
CA ASP A 51 -5.99 15.49 -1.01
C ASP A 51 -5.26 16.81 -1.28
N SER A 52 -4.50 17.28 -0.29
CA SER A 52 -3.77 18.53 -0.42
C SER A 52 -2.59 18.37 -1.37
N GLY A 53 -2.11 17.14 -1.52
CA GLY A 53 -1.00 16.88 -2.41
C GLY A 53 0.28 16.55 -1.65
N THR A 54 0.16 15.69 -0.64
CA THR A 54 1.31 15.31 0.17
C THR A 54 1.76 13.88 -0.17
N LYS A 55 2.99 13.76 -0.63
CA LYS A 55 3.54 12.45 -0.99
C LYS A 55 3.92 11.67 0.26
N ALA A 56 3.34 10.48 0.41
CA ALA A 56 3.63 9.62 1.55
C ALA A 56 4.71 8.61 1.23
N GLU A 57 5.60 8.36 2.19
CA GLU A 57 6.68 7.41 2.00
C GLU A 57 6.14 5.99 1.86
N VAL A 58 6.38 5.39 0.70
CA VAL A 58 5.92 4.03 0.44
C VAL A 58 7.09 3.11 0.12
N SER A 59 7.00 1.86 0.59
CA SER A 59 8.05 0.88 0.36
C SER A 59 7.45 -0.48 -0.01
N ILE A 60 8.17 -1.21 -0.85
CA ILE A 60 7.72 -2.54 -1.29
C ILE A 60 8.77 -3.60 -1.02
N GLN A 61 8.35 -4.68 -0.37
CA GLN A 61 9.26 -5.77 -0.04
C GLN A 61 8.67 -7.12 -0.46
N ASN A 62 9.53 -8.05 -0.85
CA ASN A 62 9.10 -9.38 -1.27
C ASN A 62 9.15 -10.36 -0.11
N ASN A 63 8.41 -11.45 -0.22
CA ASN A 63 8.37 -12.47 0.81
C ASN A 63 8.49 -13.87 0.20
N LYS A 64 9.00 -14.81 1.00
CA LYS A 64 9.16 -16.18 0.55
C LYS A 64 7.82 -16.79 0.16
N ASP A 65 6.74 -16.19 0.64
CA ASP A 65 5.40 -16.68 0.34
C ASP A 65 4.87 -16.06 -0.95
N GLY A 66 5.77 -15.47 -1.72
CA GLY A 66 5.39 -14.85 -2.98
C GLY A 66 4.48 -13.65 -2.77
N THR A 67 4.48 -13.11 -1.56
CA THR A 67 3.65 -11.95 -1.24
C THR A 67 4.49 -10.68 -1.13
N TYR A 68 3.83 -9.53 -1.20
CA TYR A 68 4.51 -8.25 -1.11
C TYR A 68 4.07 -7.47 0.13
N ALA A 69 5.04 -6.94 0.86
CA ALA A 69 4.75 -6.18 2.07
C ALA A 69 4.85 -4.68 1.80
N VAL A 70 3.70 -4.07 1.50
CA VAL A 70 3.66 -2.64 1.23
C VAL A 70 3.21 -1.85 2.46
N THR A 71 3.85 -0.71 2.68
CA THR A 71 3.52 0.13 3.83
C THR A 71 3.61 1.62 3.47
N TYR A 72 2.72 2.41 4.04
CA TYR A 72 2.70 3.85 3.78
C TYR A 72 2.61 4.63 5.08
N VAL A 73 3.36 5.73 5.16
CA VAL A 73 3.38 6.57 6.34
C VAL A 73 2.95 8.00 6.00
N PRO A 74 1.69 8.33 6.33
CA PRO A 74 1.14 9.66 6.08
C PRO A 74 1.76 10.73 6.97
N LEU A 75 2.36 11.74 6.34
CA LEU A 75 2.98 12.83 7.07
C LEU A 75 1.95 13.81 7.60
N THR A 76 0.84 13.94 6.87
CA THR A 76 -0.23 14.84 7.26
C THR A 76 -1.58 14.13 7.24
N ALA A 77 -2.39 14.37 8.27
CA ALA A 77 -3.71 13.76 8.36
C ALA A 77 -4.64 14.28 7.28
N GLY A 78 -5.64 13.48 6.92
CA GLY A 78 -6.58 13.88 5.89
C GLY A 78 -6.88 12.76 4.91
N MET A 79 -7.72 13.05 3.93
CA MET A 79 -8.10 12.06 2.92
C MET A 79 -6.93 11.76 2.00
N TYR A 80 -6.60 10.48 1.87
CA TYR A 80 -5.50 10.06 1.01
C TYR A 80 -6.01 9.30 -0.21
N THR A 81 -5.17 9.20 -1.23
CA THR A 81 -5.53 8.49 -2.45
C THR A 81 -4.52 7.40 -2.79
N LEU A 82 -4.83 6.17 -2.42
CA LEU A 82 -3.94 5.05 -2.68
C LEU A 82 -4.05 4.59 -4.13
N THR A 83 -2.93 4.57 -4.83
CA THR A 83 -2.90 4.16 -6.23
C THR A 83 -1.90 3.03 -6.45
N MET A 84 -2.41 1.84 -6.72
CA MET A 84 -1.56 0.68 -6.95
C MET A 84 -1.66 0.20 -8.40
N LYS A 85 -0.52 0.05 -9.06
CA LYS A 85 -0.49 -0.39 -10.44
C LYS A 85 0.45 -1.59 -10.61
N TYR A 86 -0.09 -2.68 -11.12
CA TYR A 86 0.69 -3.90 -11.33
C TYR A 86 0.96 -4.13 -12.82
N GLY A 87 2.22 -3.95 -13.22
CA GLY A 87 2.58 -4.14 -14.61
C GLY A 87 2.01 -3.07 -15.51
N GLY A 88 1.88 -1.86 -14.98
CA GLY A 88 1.34 -0.76 -15.76
C GLY A 88 -0.17 -0.75 -15.79
N GLU A 89 -0.78 -1.74 -15.14
CA GLU A 89 -2.23 -1.86 -15.09
C GLU A 89 -2.75 -1.68 -13.67
N LEU A 90 -3.82 -0.91 -13.52
CA LEU A 90 -4.41 -0.66 -12.21
C LEU A 90 -5.07 -1.93 -11.67
N VAL A 91 -5.07 -2.07 -10.34
CA VAL A 91 -5.68 -3.23 -9.70
C VAL A 91 -7.12 -2.95 -9.31
N PRO A 92 -7.89 -4.02 -9.09
CA PRO A 92 -9.30 -3.91 -8.69
C PRO A 92 -9.47 -3.38 -7.29
N HIS A 93 -8.36 -3.01 -6.65
CA HIS A 93 -8.40 -2.49 -5.29
C HIS A 93 -7.85 -1.06 -5.25
N PHE A 94 -7.70 -0.45 -6.42
CA PHE A 94 -7.19 0.91 -6.53
C PHE A 94 -7.72 1.60 -7.77
N PRO A 95 -7.83 2.94 -7.71
CA PRO A 95 -7.45 3.71 -6.52
C PRO A 95 -8.41 3.48 -5.35
N ALA A 96 -7.91 3.67 -4.13
CA ALA A 96 -8.72 3.49 -2.94
C ALA A 96 -8.34 4.50 -1.86
N ARG A 97 -9.26 5.43 -1.59
CA ARG A 97 -9.03 6.46 -0.58
C ARG A 97 -9.13 5.88 0.82
N VAL A 98 -8.58 6.59 1.80
CA VAL A 98 -8.60 6.15 3.19
C VAL A 98 -8.49 7.33 4.14
N LYS A 99 -9.42 7.42 5.09
CA LYS A 99 -9.43 8.50 6.06
C LYS A 99 -8.35 8.27 7.11
N VAL A 100 -7.43 9.23 7.22
CA VAL A 100 -6.34 9.14 8.19
C VAL A 100 -6.54 10.11 9.34
N GLU A 101 -6.32 9.63 10.56
CA GLU A 101 -6.48 10.46 11.75
C GLU A 101 -5.13 10.97 12.25
N PRO A 102 -5.15 12.06 13.03
CA PRO A 102 -3.94 12.66 13.59
C PRO A 102 -3.31 11.80 14.67
N ALA A 103 -2.07 12.10 15.02
CA ALA A 103 -1.36 11.35 16.05
C ALA A 103 -1.68 11.89 17.44
N VAL A 104 -2.97 12.08 17.72
CA VAL A 104 -3.41 12.58 19.00
C VAL A 104 -3.45 11.47 20.05
N ASP A 105 -2.48 11.48 20.96
CA ASP A 105 -2.42 10.47 22.02
C ASP A 105 -2.00 9.12 21.44
N THR A 106 -0.94 9.13 20.63
CA THR A 106 -0.45 7.90 20.03
C THR A 106 0.79 7.38 20.74
N SER A 107 1.17 8.06 21.82
CA SER A 107 2.34 7.67 22.61
C SER A 107 2.01 7.63 24.09
N SER A 108 2.81 6.88 24.84
CA SER A 108 2.60 6.75 26.28
C SER A 108 3.68 7.49 27.06
N GLY A 109 3.40 8.76 27.37
CA GLY A 109 4.37 9.56 28.10
C GLY A 109 4.97 10.66 27.25
N PRO A 110 4.26 11.79 27.14
CA PRO A 110 4.71 12.94 26.35
C PRO A 110 5.90 13.65 26.99
N SER A 111 6.97 13.79 26.22
CA SER A 111 8.19 14.44 26.72
C SER A 111 8.62 15.56 25.77
N SER A 112 8.43 16.80 26.19
CA SER A 112 8.79 17.95 25.38
C SER A 112 10.13 17.71 24.68
N GLY A 113 11.13 17.30 25.44
CA GLY A 113 12.45 17.05 24.88
C GLY A 113 13.01 18.25 24.17
N GLY A 1 14.34 -28.34 -8.22
CA GLY A 1 13.62 -28.19 -9.46
C GLY A 1 12.77 -26.93 -9.49
N SER A 2 12.07 -26.71 -10.59
CA SER A 2 11.24 -25.53 -10.75
C SER A 2 10.08 -25.80 -11.71
N SER A 3 8.99 -25.06 -11.55
CA SER A 3 7.82 -25.22 -12.39
C SER A 3 8.02 -24.52 -13.74
N GLY A 4 8.25 -23.21 -13.68
CA GLY A 4 8.45 -22.45 -14.90
C GLY A 4 7.25 -21.60 -15.26
N SER A 5 6.97 -21.50 -16.55
CA SER A 5 5.84 -20.71 -17.02
C SER A 5 4.58 -20.98 -16.20
N SER A 6 4.08 -19.95 -15.54
CA SER A 6 2.88 -20.09 -14.71
C SER A 6 1.63 -19.71 -15.49
N GLY A 7 1.67 -18.55 -16.12
CA GLY A 7 0.53 -18.09 -16.90
C GLY A 7 0.70 -16.66 -17.39
N PRO A 8 -0.34 -16.14 -18.06
CA PRO A 8 -0.33 -14.77 -18.59
C PRO A 8 -0.38 -13.72 -17.50
N PHE A 9 -0.16 -12.46 -17.87
CA PHE A 9 -0.18 -11.36 -16.92
C PHE A 9 -1.60 -10.87 -16.69
N ASP A 10 -1.95 -10.66 -15.42
CA ASP A 10 -3.29 -10.18 -15.07
C ASP A 10 -3.27 -9.49 -13.71
N PRO A 11 -3.49 -8.17 -13.71
CA PRO A 11 -3.51 -7.36 -12.49
C PRO A 11 -4.73 -7.67 -11.62
N SER A 12 -5.76 -8.23 -12.23
CA SER A 12 -6.98 -8.57 -11.51
C SER A 12 -6.74 -9.71 -10.52
N LYS A 13 -5.86 -10.63 -10.90
CA LYS A 13 -5.53 -11.77 -10.05
C LYS A 13 -4.79 -11.32 -8.79
N VAL A 14 -4.43 -10.04 -8.75
CA VAL A 14 -3.71 -9.48 -7.61
C VAL A 14 -4.68 -9.08 -6.50
N VAL A 15 -4.45 -9.58 -5.30
CA VAL A 15 -5.30 -9.26 -4.16
C VAL A 15 -4.55 -8.47 -3.12
N ALA A 16 -5.18 -7.40 -2.62
CA ALA A 16 -4.55 -6.55 -1.60
C ALA A 16 -5.54 -6.24 -0.48
N SER A 17 -5.07 -6.35 0.76
CA SER A 17 -5.90 -6.08 1.92
C SER A 17 -5.07 -5.53 3.08
N GLY A 18 -5.72 -5.29 4.21
CA GLY A 18 -5.03 -4.76 5.37
C GLY A 18 -5.74 -3.56 5.97
N PRO A 19 -5.28 -3.14 7.16
CA PRO A 19 -5.86 -1.99 7.87
C PRO A 19 -5.57 -0.66 7.16
N GLY A 20 -4.41 -0.58 6.52
CA GLY A 20 -4.04 0.63 5.82
C GLY A 20 -5.05 1.03 4.76
N LEU A 21 -5.72 0.03 4.18
CA LEU A 21 -6.71 0.29 3.15
C LEU A 21 -8.06 0.65 3.77
N GLU A 22 -8.13 0.60 5.10
CA GLU A 22 -9.35 0.92 5.82
C GLU A 22 -9.21 2.25 6.57
N HIS A 23 -8.01 2.51 7.06
CA HIS A 23 -7.74 3.74 7.80
C HIS A 23 -6.24 3.90 8.07
N GLY A 24 -5.84 5.09 8.48
CA GLY A 24 -4.44 5.36 8.77
C GLY A 24 -4.25 6.43 9.81
N LYS A 25 -3.01 6.65 10.22
CA LYS A 25 -2.70 7.66 11.22
C LYS A 25 -1.40 8.39 10.88
N VAL A 26 -1.39 9.70 11.07
CA VAL A 26 -0.21 10.51 10.79
C VAL A 26 1.01 9.98 11.52
N GLY A 27 1.97 9.45 10.77
CA GLY A 27 3.18 8.91 11.37
C GLY A 27 3.16 7.40 11.47
N GLU A 28 1.96 6.83 11.41
CA GLU A 28 1.81 5.38 11.50
C GLU A 28 2.18 4.71 10.18
N ALA A 29 2.02 3.39 10.14
CA ALA A 29 2.34 2.63 8.93
C ALA A 29 1.15 1.78 8.49
N GLY A 30 0.69 2.01 7.26
CA GLY A 30 -0.43 1.26 6.73
C GLY A 30 -0.05 -0.13 6.28
N LEU A 31 -0.37 -1.14 7.10
CA LEU A 31 -0.05 -2.52 6.77
C LEU A 31 -0.85 -3.00 5.57
N LEU A 32 -0.15 -3.48 4.55
CA LEU A 32 -0.81 -3.98 3.34
C LEU A 32 -0.12 -5.25 2.83
N SER A 33 -0.92 -6.27 2.56
CA SER A 33 -0.38 -7.53 2.06
C SER A 33 -0.96 -7.86 0.69
N VAL A 34 -0.08 -8.06 -0.28
CA VAL A 34 -0.49 -8.40 -1.64
C VAL A 34 -0.21 -9.86 -1.96
N ASP A 35 -1.28 -10.64 -2.10
CA ASP A 35 -1.16 -12.06 -2.40
C ASP A 35 -1.15 -12.29 -3.91
N CYS A 36 0.02 -12.63 -4.45
CA CYS A 36 0.16 -12.87 -5.89
C CYS A 36 0.18 -14.36 -6.18
N SER A 37 -0.61 -14.76 -7.18
CA SER A 37 -0.69 -16.17 -7.56
C SER A 37 -0.54 -16.33 -9.06
N GLU A 38 -1.59 -15.97 -9.81
CA GLU A 38 -1.57 -16.08 -11.26
C GLU A 38 -1.51 -14.70 -11.91
N ALA A 39 -1.10 -13.71 -11.12
CA ALA A 39 -0.99 -12.35 -11.61
C ALA A 39 0.05 -12.24 -12.72
N GLY A 40 0.80 -13.33 -12.92
CA GLY A 40 1.82 -13.34 -13.95
C GLY A 40 2.99 -12.43 -13.62
N PRO A 41 3.76 -12.05 -14.66
CA PRO A 41 4.92 -11.18 -14.50
C PRO A 41 4.53 -9.74 -14.12
N GLY A 42 5.48 -8.83 -14.23
CA GLY A 42 5.22 -7.44 -13.91
C GLY A 42 5.70 -7.06 -12.51
N ALA A 43 5.78 -5.76 -12.25
CA ALA A 43 6.22 -5.28 -10.96
C ALA A 43 5.11 -4.54 -10.23
N LEU A 44 5.17 -4.53 -8.91
CA LEU A 44 4.17 -3.86 -8.09
C LEU A 44 4.65 -2.48 -7.65
N GLY A 45 3.73 -1.51 -7.63
CA GLY A 45 4.09 -0.17 -7.22
C GLY A 45 2.90 0.60 -6.68
N LEU A 46 3.10 1.28 -5.55
CA LEU A 46 2.05 2.06 -4.93
C LEU A 46 2.46 3.52 -4.77
N GLU A 47 1.48 4.41 -4.79
CA GLU A 47 1.73 5.84 -4.66
C GLU A 47 0.69 6.50 -3.77
N ALA A 48 1.10 6.87 -2.55
CA ALA A 48 0.21 7.51 -1.60
C ALA A 48 0.27 9.03 -1.72
N VAL A 49 -0.83 9.64 -2.13
CA VAL A 49 -0.88 11.08 -2.29
C VAL A 49 -2.14 11.66 -1.62
N SER A 50 -1.94 12.65 -0.76
CA SER A 50 -3.06 13.28 -0.06
C SER A 50 -3.74 14.32 -0.95
N ASP A 51 -4.97 14.68 -0.58
CA ASP A 51 -5.73 15.67 -1.34
C ASP A 51 -4.95 16.97 -1.47
N SER A 52 -3.95 17.15 -0.62
CA SER A 52 -3.12 18.35 -0.64
C SER A 52 -1.82 18.12 -1.38
N GLY A 53 -1.81 17.11 -2.25
CA GLY A 53 -0.61 16.80 -3.01
C GLY A 53 0.58 16.52 -2.12
N THR A 54 0.42 15.58 -1.20
CA THR A 54 1.50 15.22 -0.28
C THR A 54 1.93 13.77 -0.49
N LYS A 55 3.05 13.59 -1.18
CA LYS A 55 3.57 12.25 -1.44
C LYS A 55 4.07 11.60 -0.15
N ALA A 56 3.40 10.54 0.26
CA ALA A 56 3.77 9.83 1.48
C ALA A 56 4.90 8.84 1.21
N GLU A 57 5.54 8.38 2.28
CA GLU A 57 6.64 7.44 2.16
C GLU A 57 6.12 6.01 2.01
N VAL A 58 6.38 5.40 0.86
CA VAL A 58 5.94 4.03 0.60
C VAL A 58 7.13 3.10 0.38
N SER A 59 7.00 1.86 0.82
CA SER A 59 8.06 0.88 0.67
C SER A 59 7.48 -0.49 0.31
N ILE A 60 8.21 -1.22 -0.53
CA ILE A 60 7.77 -2.55 -0.95
C ILE A 60 8.82 -3.61 -0.62
N GLN A 61 8.40 -4.65 0.07
CA GLN A 61 9.29 -5.74 0.45
C GLN A 61 8.91 -7.04 -0.25
N ASN A 62 9.90 -7.70 -0.84
CA ASN A 62 9.66 -8.95 -1.54
C ASN A 62 9.56 -10.11 -0.56
N ASN A 63 8.83 -11.16 -0.95
CA ASN A 63 8.66 -12.33 -0.11
C ASN A 63 8.61 -13.61 -0.95
N LYS A 64 9.42 -14.59 -0.56
CA LYS A 64 9.47 -15.86 -1.27
C LYS A 64 8.12 -16.56 -1.24
N ASP A 65 7.23 -16.07 -0.39
CA ASP A 65 5.88 -16.64 -0.26
C ASP A 65 4.95 -16.07 -1.32
N GLY A 66 5.53 -15.48 -2.36
CA GLY A 66 4.73 -14.91 -3.43
C GLY A 66 3.86 -13.77 -2.95
N THR A 67 4.36 -13.01 -1.97
CA THR A 67 3.62 -11.88 -1.42
C THR A 67 4.49 -10.64 -1.33
N TYR A 68 3.85 -9.49 -1.14
CA TYR A 68 4.57 -8.23 -1.04
C TYR A 68 4.11 -7.43 0.17
N ALA A 69 5.07 -6.97 0.97
CA ALA A 69 4.77 -6.19 2.17
C ALA A 69 4.80 -4.70 1.87
N VAL A 70 3.63 -4.12 1.60
CA VAL A 70 3.54 -2.70 1.30
C VAL A 70 3.15 -1.90 2.55
N THR A 71 3.77 -0.74 2.71
CA THR A 71 3.51 0.12 3.86
C THR A 71 3.60 1.59 3.48
N TYR A 72 2.74 2.40 4.09
CA TYR A 72 2.72 3.84 3.81
C TYR A 72 2.63 4.64 5.10
N VAL A 73 3.50 5.64 5.24
CA VAL A 73 3.51 6.48 6.42
C VAL A 73 3.08 7.91 6.09
N PRO A 74 1.80 8.22 6.40
CA PRO A 74 1.23 9.54 6.14
C PRO A 74 1.81 10.62 7.05
N LEU A 75 2.45 11.61 6.45
CA LEU A 75 3.05 12.70 7.22
C LEU A 75 1.98 13.64 7.76
N THR A 76 0.91 13.82 6.98
CA THR A 76 -0.18 14.69 7.39
C THR A 76 -1.51 13.94 7.39
N ALA A 77 -2.46 14.45 8.17
CA ALA A 77 -3.77 13.83 8.27
C ALA A 77 -4.72 14.37 7.20
N GLY A 78 -5.61 13.51 6.71
CA GLY A 78 -6.55 13.93 5.69
C GLY A 78 -6.87 12.81 4.71
N MET A 79 -7.74 13.11 3.75
CA MET A 79 -8.13 12.13 2.74
C MET A 79 -6.95 11.76 1.84
N TYR A 80 -6.64 10.47 1.76
CA TYR A 80 -5.54 9.99 0.94
C TYR A 80 -6.05 9.23 -0.27
N THR A 81 -5.23 9.18 -1.32
CA THR A 81 -5.60 8.48 -2.55
C THR A 81 -4.57 7.41 -2.90
N LEU A 82 -4.78 6.21 -2.41
CA LEU A 82 -3.87 5.09 -2.67
C LEU A 82 -3.93 4.67 -4.14
N THR A 83 -2.77 4.63 -4.78
CA THR A 83 -2.69 4.25 -6.19
C THR A 83 -1.74 3.08 -6.38
N MET A 84 -2.31 1.89 -6.57
CA MET A 84 -1.51 0.69 -6.77
C MET A 84 -1.60 0.21 -8.22
N LYS A 85 -0.45 0.09 -8.88
CA LYS A 85 -0.40 -0.37 -10.26
C LYS A 85 0.51 -1.58 -10.41
N TYR A 86 -0.05 -2.69 -10.84
CA TYR A 86 0.72 -3.92 -11.03
C TYR A 86 0.95 -4.20 -12.51
N GLY A 87 2.22 -4.22 -12.91
CA GLY A 87 2.57 -4.47 -14.29
C GLY A 87 2.07 -3.39 -15.23
N GLY A 88 2.05 -2.15 -14.73
CA GLY A 88 1.59 -1.03 -15.53
C GLY A 88 0.08 -0.97 -15.62
N GLU A 89 -0.60 -1.82 -14.86
CA GLU A 89 -2.05 -1.85 -14.85
C GLU A 89 -2.59 -1.70 -13.44
N LEU A 90 -3.67 -0.93 -13.31
CA LEU A 90 -4.29 -0.70 -12.00
C LEU A 90 -4.95 -1.97 -11.48
N VAL A 91 -4.97 -2.12 -10.16
CA VAL A 91 -5.58 -3.29 -9.52
C VAL A 91 -7.02 -3.03 -9.15
N PRO A 92 -7.79 -4.11 -8.94
CA PRO A 92 -9.20 -4.02 -8.57
C PRO A 92 -9.40 -3.50 -7.15
N HIS A 93 -8.30 -3.12 -6.51
CA HIS A 93 -8.36 -2.59 -5.15
C HIS A 93 -7.80 -1.17 -5.09
N PHE A 94 -7.72 -0.53 -6.25
CA PHE A 94 -7.20 0.83 -6.33
C PHE A 94 -7.72 1.53 -7.59
N PRO A 95 -7.80 2.86 -7.53
CA PRO A 95 -7.44 3.63 -6.33
C PRO A 95 -8.42 3.41 -5.18
N ALA A 96 -7.93 3.62 -3.96
CA ALA A 96 -8.78 3.44 -2.77
C ALA A 96 -8.55 4.57 -1.77
N ARG A 97 -9.56 5.41 -1.59
CA ARG A 97 -9.48 6.53 -0.67
C ARG A 97 -9.57 6.05 0.77
N VAL A 98 -8.75 6.64 1.64
CA VAL A 98 -8.74 6.28 3.05
C VAL A 98 -8.59 7.52 3.94
N LYS A 99 -9.26 7.48 5.09
CA LYS A 99 -9.20 8.60 6.03
C LYS A 99 -8.14 8.36 7.09
N VAL A 100 -7.17 9.27 7.17
CA VAL A 100 -6.09 9.16 8.16
C VAL A 100 -6.30 10.14 9.30
N GLU A 101 -6.44 9.60 10.51
CA GLU A 101 -6.64 10.43 11.70
C GLU A 101 -5.32 11.07 12.14
N PRO A 102 -5.42 12.26 12.74
CA PRO A 102 -4.25 13.00 13.22
C PRO A 102 -3.61 12.34 14.44
N ALA A 103 -2.29 12.48 14.56
CA ALA A 103 -1.56 11.89 15.67
C ALA A 103 -1.29 12.93 16.76
N VAL A 104 -2.32 13.72 17.08
CA VAL A 104 -2.20 14.74 18.10
C VAL A 104 -2.78 14.27 19.43
N ASP A 105 -2.39 13.07 19.84
CA ASP A 105 -2.88 12.49 21.10
C ASP A 105 -4.39 12.64 21.21
N THR A 106 -5.08 12.46 20.09
CA THR A 106 -6.54 12.56 20.06
C THR A 106 -7.18 11.25 19.63
N SER A 107 -7.36 10.35 20.58
CA SER A 107 -7.96 9.05 20.29
C SER A 107 -8.51 8.42 21.58
N SER A 108 -9.73 7.89 21.49
CA SER A 108 -10.38 7.26 22.64
C SER A 108 -11.01 5.93 22.24
N GLY A 109 -11.10 5.01 23.20
CA GLY A 109 -11.69 3.72 22.92
C GLY A 109 -10.68 2.73 22.38
N PRO A 110 -10.12 1.89 23.27
CA PRO A 110 -9.13 0.88 22.90
C PRO A 110 -9.73 -0.25 22.08
N SER A 111 -11.03 -0.13 21.78
CA SER A 111 -11.74 -1.15 21.01
C SER A 111 -10.98 -1.47 19.72
N SER A 112 -10.99 -2.75 19.35
CA SER A 112 -10.30 -3.19 18.14
C SER A 112 -11.29 -3.43 17.00
N GLY A 113 -12.35 -4.18 17.29
CA GLY A 113 -13.35 -4.45 16.29
C GLY A 113 -14.03 -5.80 16.51
N GLY A 1 11.99 -12.51 -13.62
CA GLY A 1 12.88 -13.29 -14.47
C GLY A 1 12.28 -13.54 -15.84
N SER A 2 13.15 -13.70 -16.84
CA SER A 2 12.70 -13.95 -18.21
C SER A 2 12.44 -15.44 -18.43
N SER A 3 11.25 -15.88 -18.03
CA SER A 3 10.87 -17.29 -18.18
C SER A 3 9.36 -17.43 -18.36
N GLY A 4 8.95 -18.04 -19.47
CA GLY A 4 7.54 -18.22 -19.73
C GLY A 4 6.97 -19.42 -18.99
N SER A 5 5.71 -19.30 -18.59
CA SER A 5 5.04 -20.37 -17.86
C SER A 5 3.53 -20.16 -17.83
N SER A 6 2.79 -21.20 -17.46
CA SER A 6 1.34 -21.12 -17.39
C SER A 6 0.89 -19.91 -16.58
N GLY A 7 -0.41 -19.67 -16.54
CA GLY A 7 -0.94 -18.55 -15.79
C GLY A 7 -0.39 -17.22 -16.28
N PRO A 8 -1.10 -16.59 -17.22
CA PRO A 8 -0.70 -15.29 -17.79
C PRO A 8 -0.82 -14.16 -16.79
N PHE A 9 -0.21 -13.02 -17.11
CA PHE A 9 -0.25 -11.86 -16.23
C PHE A 9 -1.66 -11.29 -16.14
N ASP A 10 -2.01 -10.76 -14.97
CA ASP A 10 -3.33 -10.20 -14.75
C ASP A 10 -3.39 -9.44 -13.42
N PRO A 11 -3.59 -8.11 -13.51
CA PRO A 11 -3.66 -7.25 -12.33
C PRO A 11 -4.93 -7.50 -11.51
N SER A 12 -6.02 -7.83 -12.20
CA SER A 12 -7.29 -8.08 -11.53
C SER A 12 -7.17 -9.27 -10.57
N LYS A 13 -6.19 -10.13 -10.83
CA LYS A 13 -5.97 -11.30 -9.99
C LYS A 13 -5.27 -10.91 -8.68
N VAL A 14 -4.62 -9.75 -8.69
CA VAL A 14 -3.92 -9.27 -7.50
C VAL A 14 -4.90 -8.83 -6.42
N VAL A 15 -4.71 -9.35 -5.22
CA VAL A 15 -5.57 -9.01 -4.09
C VAL A 15 -4.81 -8.23 -3.03
N ALA A 16 -5.30 -7.03 -2.72
CA ALA A 16 -4.66 -6.18 -1.73
C ALA A 16 -5.59 -5.94 -0.53
N SER A 17 -5.10 -6.23 0.67
CA SER A 17 -5.89 -6.04 1.87
C SER A 17 -5.02 -5.54 3.02
N GLY A 18 -5.65 -5.26 4.16
CA GLY A 18 -4.92 -4.77 5.31
C GLY A 18 -5.60 -3.59 5.98
N PRO A 19 -5.15 -3.24 7.19
CA PRO A 19 -5.72 -2.13 7.96
C PRO A 19 -5.37 -0.78 7.35
N GLY A 20 -4.34 -0.76 6.51
CA GLY A 20 -3.94 0.48 5.87
C GLY A 20 -4.91 0.93 4.81
N LEU A 21 -5.61 -0.02 4.20
CA LEU A 21 -6.58 0.29 3.16
C LEU A 21 -7.94 0.64 3.77
N GLU A 22 -8.05 0.49 5.09
CA GLU A 22 -9.29 0.80 5.80
C GLU A 22 -9.17 2.12 6.54
N HIS A 23 -7.99 2.40 7.06
CA HIS A 23 -7.74 3.63 7.81
C HIS A 23 -6.26 3.81 8.10
N GLY A 24 -5.88 5.01 8.53
CA GLY A 24 -4.49 5.28 8.84
C GLY A 24 -4.32 6.40 9.85
N LYS A 25 -3.09 6.63 10.29
CA LYS A 25 -2.81 7.68 11.25
C LYS A 25 -1.52 8.42 10.89
N VAL A 26 -1.53 9.74 11.07
CA VAL A 26 -0.36 10.56 10.77
C VAL A 26 0.88 10.02 11.46
N GLY A 27 1.78 9.43 10.68
CA GLY A 27 3.01 8.89 11.22
C GLY A 27 2.99 7.38 11.28
N GLU A 28 1.81 6.80 11.39
CA GLU A 28 1.66 5.34 11.46
C GLU A 28 2.04 4.70 10.13
N ALA A 29 1.89 3.39 10.05
CA ALA A 29 2.22 2.65 8.83
C ALA A 29 1.05 1.77 8.40
N GLY A 30 0.50 2.06 7.21
CA GLY A 30 -0.61 1.29 6.71
C GLY A 30 -0.20 -0.09 6.23
N LEU A 31 -0.43 -1.11 7.06
CA LEU A 31 -0.08 -2.48 6.71
C LEU A 31 -0.91 -2.97 5.53
N LEU A 32 -0.23 -3.31 4.44
CA LEU A 32 -0.90 -3.81 3.24
C LEU A 32 -0.28 -5.12 2.77
N SER A 33 -1.13 -6.05 2.34
CA SER A 33 -0.67 -7.34 1.86
C SER A 33 -1.21 -7.62 0.46
N VAL A 34 -0.31 -8.05 -0.43
CA VAL A 34 -0.68 -8.36 -1.80
C VAL A 34 -0.37 -9.81 -2.14
N ASP A 35 -1.40 -10.63 -2.27
CA ASP A 35 -1.24 -12.03 -2.59
C ASP A 35 -1.30 -12.26 -4.10
N CYS A 36 -0.18 -12.66 -4.68
CA CYS A 36 -0.10 -12.91 -6.11
C CYS A 36 -0.13 -14.40 -6.42
N SER A 37 -1.22 -14.86 -7.02
CA SER A 37 -1.37 -16.27 -7.36
C SER A 37 -1.40 -16.47 -8.87
N GLU A 38 -2.32 -15.76 -9.53
CA GLU A 38 -2.45 -15.87 -10.98
C GLU A 38 -2.15 -14.53 -11.64
N ALA A 39 -1.55 -13.62 -10.90
CA ALA A 39 -1.21 -12.29 -11.41
C ALA A 39 0.01 -12.36 -12.33
N GLY A 40 0.59 -13.55 -12.46
CA GLY A 40 1.75 -13.72 -13.30
C GLY A 40 2.86 -12.75 -12.97
N PRO A 41 3.71 -12.45 -13.96
CA PRO A 41 4.84 -11.52 -13.79
C PRO A 41 4.39 -10.09 -13.63
N GLY A 42 5.33 -9.16 -13.66
CA GLY A 42 5.01 -7.75 -13.50
C GLY A 42 5.54 -7.16 -12.21
N ALA A 43 5.96 -5.91 -12.26
CA ALA A 43 6.49 -5.22 -11.09
C ALA A 43 5.37 -4.53 -10.30
N LEU A 44 5.52 -4.53 -8.98
CA LEU A 44 4.52 -3.90 -8.12
C LEU A 44 5.00 -2.54 -7.63
N GLY A 45 4.06 -1.63 -7.40
CA GLY A 45 4.40 -0.30 -6.94
C GLY A 45 3.19 0.49 -6.49
N LEU A 46 3.35 1.24 -5.39
CA LEU A 46 2.26 2.04 -4.86
C LEU A 46 2.66 3.52 -4.79
N GLU A 47 1.67 4.40 -4.89
CA GLU A 47 1.91 5.83 -4.84
C GLU A 47 0.93 6.52 -3.89
N ALA A 48 1.43 6.93 -2.73
CA ALA A 48 0.60 7.60 -1.73
C ALA A 48 0.60 9.11 -1.95
N VAL A 49 -0.59 9.68 -2.12
CA VAL A 49 -0.73 11.11 -2.33
C VAL A 49 -1.99 11.66 -1.64
N SER A 50 -1.83 12.74 -0.90
CA SER A 50 -2.94 13.35 -0.20
C SER A 50 -3.66 14.36 -1.08
N ASP A 51 -4.89 14.70 -0.70
CA ASP A 51 -5.68 15.66 -1.46
C ASP A 51 -4.90 16.94 -1.73
N SER A 52 -4.21 17.43 -0.69
CA SER A 52 -3.42 18.65 -0.81
C SER A 52 -2.18 18.42 -1.66
N GLY A 53 -1.83 17.15 -1.86
CA GLY A 53 -0.67 16.80 -2.64
C GLY A 53 0.56 16.54 -1.79
N THR A 54 0.49 15.51 -0.95
CA THR A 54 1.60 15.16 -0.07
C THR A 54 2.04 13.72 -0.31
N LYS A 55 3.22 13.56 -0.91
CA LYS A 55 3.76 12.24 -1.18
C LYS A 55 4.22 11.56 0.10
N ALA A 56 3.53 10.49 0.49
CA ALA A 56 3.87 9.75 1.69
C ALA A 56 4.91 8.68 1.40
N GLU A 57 5.82 8.48 2.35
CA GLU A 57 6.88 7.49 2.20
C GLU A 57 6.28 6.08 2.06
N VAL A 58 6.57 5.44 0.93
CA VAL A 58 6.07 4.10 0.67
C VAL A 58 7.21 3.12 0.41
N SER A 59 7.08 1.91 0.95
CA SER A 59 8.11 0.89 0.79
C SER A 59 7.48 -0.47 0.51
N ILE A 60 8.10 -1.23 -0.39
CA ILE A 60 7.60 -2.55 -0.74
C ILE A 60 8.64 -3.63 -0.44
N GLN A 61 8.23 -4.64 0.31
CA GLN A 61 9.11 -5.74 0.67
C GLN A 61 8.89 -6.95 -0.23
N ASN A 62 9.90 -7.30 -1.01
CA ASN A 62 9.81 -8.43 -1.91
C ASN A 62 10.24 -9.73 -1.21
N ASN A 63 9.43 -10.77 -1.39
CA ASN A 63 9.72 -12.06 -0.77
C ASN A 63 9.75 -13.17 -1.82
N LYS A 64 10.54 -14.21 -1.55
CA LYS A 64 10.66 -15.33 -2.47
C LYS A 64 9.60 -16.39 -2.17
N ASP A 65 8.37 -15.95 -1.94
CA ASP A 65 7.28 -16.85 -1.65
C ASP A 65 6.11 -16.63 -2.61
N GLY A 66 5.77 -15.36 -2.83
CA GLY A 66 4.67 -15.03 -3.72
C GLY A 66 3.76 -13.97 -3.15
N THR A 67 4.32 -13.07 -2.36
CA THR A 67 3.54 -12.00 -1.74
C THR A 67 4.37 -10.73 -1.59
N TYR A 68 3.71 -9.63 -1.25
CA TYR A 68 4.39 -8.35 -1.09
C TYR A 68 3.83 -7.59 0.11
N ALA A 69 4.71 -6.94 0.85
CA ALA A 69 4.29 -6.17 2.02
C ALA A 69 4.40 -4.68 1.77
N VAL A 70 3.29 -4.07 1.36
CA VAL A 70 3.26 -2.64 1.07
C VAL A 70 2.86 -1.84 2.32
N THR A 71 3.51 -0.70 2.52
CA THR A 71 3.23 0.15 3.66
C THR A 71 3.32 1.63 3.29
N TYR A 72 2.55 2.45 3.99
CA TYR A 72 2.55 3.88 3.73
C TYR A 72 2.47 4.68 5.03
N VAL A 73 3.36 5.65 5.18
CA VAL A 73 3.39 6.48 6.38
C VAL A 73 2.94 7.91 6.07
N PRO A 74 1.67 8.22 6.38
CA PRO A 74 1.09 9.54 6.14
C PRO A 74 1.67 10.59 7.07
N LEU A 75 2.27 11.64 6.49
CA LEU A 75 2.86 12.71 7.26
C LEU A 75 1.79 13.67 7.77
N THR A 76 0.68 13.76 7.03
CA THR A 76 -0.42 14.64 7.42
C THR A 76 -1.76 13.91 7.33
N ALA A 77 -2.61 14.13 8.32
CA ALA A 77 -3.92 13.49 8.34
C ALA A 77 -4.84 14.07 7.27
N GLY A 78 -5.82 13.29 6.85
CA GLY A 78 -6.75 13.74 5.82
C GLY A 78 -7.09 12.65 4.82
N MET A 79 -7.80 13.02 3.76
CA MET A 79 -8.19 12.06 2.74
C MET A 79 -7.00 11.71 1.84
N TYR A 80 -6.58 10.46 1.90
CA TYR A 80 -5.44 9.99 1.10
C TYR A 80 -5.93 9.24 -0.13
N THR A 81 -5.09 9.21 -1.17
CA THR A 81 -5.44 8.53 -2.41
C THR A 81 -4.41 7.45 -2.74
N LEU A 82 -4.69 6.22 -2.33
CA LEU A 82 -3.79 5.10 -2.58
C LEU A 82 -3.88 4.65 -4.03
N THR A 83 -2.73 4.57 -4.69
CA THR A 83 -2.68 4.15 -6.09
C THR A 83 -1.58 3.11 -6.30
N MET A 84 -2.01 1.87 -6.58
CA MET A 84 -1.06 0.78 -6.81
C MET A 84 -1.22 0.22 -8.22
N LYS A 85 -0.10 0.02 -8.90
CA LYS A 85 -0.11 -0.51 -10.26
C LYS A 85 0.74 -1.78 -10.35
N TYR A 86 0.12 -2.86 -10.81
CA TYR A 86 0.82 -4.14 -10.95
C TYR A 86 1.05 -4.47 -12.42
N GLY A 87 2.33 -4.55 -12.81
CA GLY A 87 2.67 -4.86 -14.18
C GLY A 87 2.24 -3.78 -15.15
N GLY A 88 2.26 -2.53 -14.68
CA GLY A 88 1.87 -1.42 -15.52
C GLY A 88 0.37 -1.25 -15.60
N GLU A 89 -0.37 -2.06 -14.84
CA GLU A 89 -1.81 -2.00 -14.83
C GLU A 89 -2.34 -1.82 -13.41
N LEU A 90 -3.31 -0.91 -13.25
CA LEU A 90 -3.90 -0.65 -11.94
C LEU A 90 -4.57 -1.91 -11.39
N VAL A 91 -4.64 -1.99 -10.06
CA VAL A 91 -5.26 -3.14 -9.41
C VAL A 91 -6.73 -2.86 -9.10
N PRO A 92 -7.50 -3.94 -8.88
CA PRO A 92 -8.93 -3.84 -8.58
C PRO A 92 -9.19 -3.26 -7.20
N HIS A 93 -8.11 -2.87 -6.51
CA HIS A 93 -8.23 -2.29 -5.18
C HIS A 93 -7.69 -0.86 -5.16
N PHE A 94 -7.49 -0.29 -6.34
CA PHE A 94 -6.97 1.06 -6.45
C PHE A 94 -7.43 1.72 -7.75
N PRO A 95 -7.54 3.05 -7.74
CA PRO A 95 -7.25 3.86 -6.56
C PRO A 95 -8.28 3.66 -5.45
N ALA A 96 -7.84 3.83 -4.21
CA ALA A 96 -8.73 3.68 -3.06
C ALA A 96 -8.54 4.82 -2.06
N ARG A 97 -9.64 5.37 -1.58
CA ARG A 97 -9.61 6.46 -0.63
C ARG A 97 -9.68 5.93 0.81
N VAL A 98 -8.94 6.59 1.71
CA VAL A 98 -8.92 6.18 3.10
C VAL A 98 -8.76 7.39 4.03
N LYS A 99 -9.64 7.49 5.03
CA LYS A 99 -9.59 8.60 5.97
C LYS A 99 -8.54 8.35 7.05
N VAL A 100 -7.53 9.22 7.11
CA VAL A 100 -6.47 9.10 8.10
C VAL A 100 -6.67 10.07 9.25
N GLU A 101 -6.62 9.56 10.47
CA GLU A 101 -6.80 10.38 11.67
C GLU A 101 -5.47 10.99 12.10
N PRO A 102 -5.54 12.14 12.79
CA PRO A 102 -4.36 12.84 13.29
C PRO A 102 -3.68 12.10 14.42
N ALA A 103 -2.37 12.30 14.56
CA ALA A 103 -1.60 11.66 15.62
C ALA A 103 -1.17 12.67 16.68
N VAL A 104 -2.10 13.49 17.13
CA VAL A 104 -1.81 14.49 18.15
C VAL A 104 -1.94 13.90 19.55
N ASP A 105 -0.93 13.16 19.96
CA ASP A 105 -0.92 12.54 21.29
C ASP A 105 0.38 12.86 22.03
N THR A 106 0.39 14.00 22.72
CA THR A 106 1.56 14.42 23.47
C THR A 106 1.28 15.70 24.26
N SER A 107 1.91 15.82 25.42
CA SER A 107 1.72 16.98 26.28
C SER A 107 3.04 17.70 26.51
N SER A 108 3.07 18.99 26.18
CA SER A 108 4.28 19.79 26.34
C SER A 108 4.80 19.72 27.78
N GLY A 109 6.11 19.67 27.93
CA GLY A 109 6.70 19.60 29.25
C GLY A 109 8.22 19.62 29.21
N PRO A 110 8.85 19.74 30.40
CA PRO A 110 10.30 19.78 30.51
C PRO A 110 10.95 18.44 30.19
N SER A 111 12.05 18.48 29.44
CA SER A 111 12.76 17.27 29.05
C SER A 111 14.18 17.28 29.60
N SER A 112 14.62 16.14 30.10
CA SER A 112 15.97 16.02 30.65
C SER A 112 16.93 15.42 29.63
N GLY A 113 17.75 16.29 29.03
CA GLY A 113 18.70 15.84 28.03
C GLY A 113 18.17 15.98 26.61
#